data_7BTP
#
_entry.id   7BTP
#
_cell.length_a   1.00
_cell.length_b   1.00
_cell.length_c   1.00
_cell.angle_alpha   90.00
_cell.angle_beta   90.00
_cell.angle_gamma   90.00
#
_symmetry.space_group_name_H-M   'P 1'
#
loop_
_entity.id
_entity.type
_entity.pdbx_description
1 polymer 'Type-1 restriction enzyme EcoR124II specificity protein'
2 polymer 'Type I restriction enzyme R Protein'
3 polymer 'Type I restriction enzyme EcoR124II M protein'
4 polymer 'Overcome classical restriction gp0.3'
#
loop_
_entity_poly.entity_id
_entity_poly.type
_entity_poly.pdbx_seq_one_letter_code
_entity_poly.pdbx_strand_id
1 'polypeptide(L)'
;MSEMSYLEKLLDGVEVEWLPLGEITKYEQPTKYLVKAKDYHDTYTIPVLTAGKTFILGYTNETHGIYQASKAPVIIFDDF
TTANKWVDFDFKAKSSAMKMVTSCDDNKTLLKYVYYWLNTLPSEFAEGDHKRQWISNYSQKKIPIPCPDNPEKSLAIQSE
IVRILDKFTALTAELTAELNMRKKQYNYYRDQLLSFKEGEVEWKTLGEIGKWYGGGTPSKNKIEFWENGSIPWISPKDMG
RTLVDSSEDYITEEAVLHSSTKLIPANSIAIVVRSSILDKVLPSALIKVPATLNQDMKAVIPHENILVKYIYHMIGSRGS
DILRAAKKTGGSVASIDSKKLFSFKIPVPNINEQQRIVEILDKFDTLTNSITEGLPREIELRQKQYEYYRDLLFSFPKPE
TVSN
;
E
2 'polypeptide(L)'
;MTHQTHTIAESNNFIVLDKYIKAEPTGDSYQSESDLERELIQDLRNQGYEFISVKSQSAMLANVREQLQNLNGVVFNDSE
WRRFTEQYLDNPSDGILDKTRKIHIDYICDFIFDDERLENIYLIDKKNLMRNKVQIIQQFEQAGSHANRYDVTILVNGLP
LVQIELKKRGVAIREAFNQIHRYSKESFNSENSLFKYLQLFVISNGTDTRYFANTTKRDKNSFDFTMNWAKSDNTLIKDL
KDFTATCFQKHTLLNVLVNYSVFDSSQTLLVMRPYQIAATERILWKIKSSFTAKNWSKPESGGYIWHTTGSGKTLTSFKA
ARLATELDFIDKVFFVVDRKDLDYQTMKEYQRFSPDSVNGSENTAGLKRNLDKDDNKIIVTTIQKLNNLMKAESDLPVYN
QQVVFIFDECHRSQFGEAQKNLKKKFKRYYQFGFTGTPIFPENALGSETTASVFGRELHSYVITDAIRDEKVLKFKVDYN
DVRPQFKSLETETDEKKLSAAENQQAFLHPMRIQEITQYILNNFRQKTHRTFPGSKGFNAMLAVSSVDAAKAYYATFKRL
QEEAANKSATYKPLRIATIFSFAANEEQNAIGEISDETFDTSAMDSSAKEFLDAAIREYNSHFKTNFSTDSNGFQNYYRD
LAQRVKNQDIDLLIVVGMFLTGFDAPTLNTLFVDKNLRYHGLMQAFSRTNRIYDATKTFGNIVTFRDLERSTIDAITLFG
DKNTKNVVLEKSYTEYMEGFTDAATGEAKRGFMTVVSELEQRFPDPTSIESEKEKKDFVKLFGEYLRAENILQNYDEFAT
LKALQQIDLSDPVAVEKFKAEHYVDDEKFAELQTIRLPADRKIQDYRSAYNDIRDWQRREKEAEKKEKSTTDWDDVVFEV
DLLKSQEINLDYILGLIFEHNRQNKGKGEMIEEVKRLIRSSLGNRAKEGLVVDFIQQTNLDDLPDKASIIDAFFTFAQRE
QQREAEALIKEENLNEDAAKRYIRTSLKREYATENGTELNETLPKLSPLNPQYKTKKQAVFQKIVSFIEKFKGVGGKI
;
A
3 'polypeptide(L)'
;MKMTSIQQRAELHRQIWQIANDVRGSVDGWDFKQYVLGALFYRFISENFSSYIEAGDDSICYAKLDDSVITDDIKDDAIK
TKGYFIYPSQLFCNVAAKANTNDRLNADLNSIFVAIESSAYGYPSEADIKGLFADFDTTSNRLGNTVKDKNARLAAVLKG
VEGLKLGDFNEHQIDLFGDAYEFLISNYAANAGKSGGEFFTPQHVSKLIAQLAMHGQTHVNKIYDPAAGSGSLLLQAKKQ
FDNHIIEEGFFGQEINHTTYNLARMNMFLHNINYDKFDIKLGNTLTEPHFRDEKPFDAIVSNPPYSVKWIGSDDPTLIND
ERFAPAGVLAPKSKADFAFVLHALNYLSAKGRAAIVCFPGIFYRGGAEQKIRQYLVDNNYVETVISLAPNLFFGTTIAVN
ILVLSKHKTDTNVQFIDASELFKKETNNNILTDAHIEQIMQVFASKEDVAHLAKSVAFETVVANDYNLSVSSYVEAKDNR
EIIDIAELNAELKTTVSKIDQLRKDIDAIVAEIEGCEVQK
;
B,C
4 'polypeptide(L)'
;MAMSNMTYNNVFDHAYEMLKENIRYDDIRDTDDLHDAIHMAADNAVPHYYADIFSVMASEGIDLEFEDSGLMPDTKDVIR
ILQARIYEQLTIDLWEDAEDLLNEYLEEVEEYEEDEE
;
D,F
#
# COMPACT_ATOMS: atom_id res chain seq x y z
N GLY A 13 37.47 47.01 -14.99
CA GLY A 13 37.85 45.73 -14.43
C GLY A 13 39.19 45.23 -14.93
N VAL A 14 40.25 45.48 -14.16
CA VAL A 14 41.57 45.01 -14.51
C VAL A 14 41.81 43.59 -14.05
N GLU A 15 41.58 43.31 -12.77
CA GLU A 15 41.68 41.98 -12.21
C GLU A 15 40.26 41.44 -12.01
N VAL A 16 39.79 40.66 -12.98
CA VAL A 16 38.46 40.06 -12.93
C VAL A 16 38.63 38.63 -12.42
N GLU A 17 37.93 38.31 -11.33
CA GLU A 17 38.03 37.00 -10.71
C GLU A 17 36.64 36.43 -10.44
N TRP A 18 36.55 35.11 -10.41
CA TRP A 18 35.31 34.44 -10.05
C TRP A 18 35.24 34.29 -8.54
N LEU A 19 34.08 34.53 -7.98
CA LEU A 19 33.83 34.37 -6.55
C LEU A 19 32.61 33.49 -6.32
N PRO A 20 32.55 32.78 -5.20
CA PRO A 20 31.35 32.00 -4.89
C PRO A 20 30.19 32.89 -4.49
N LEU A 21 28.98 32.35 -4.66
CA LEU A 21 27.76 33.11 -4.39
C LEU A 21 27.48 33.21 -2.90
N GLY A 22 27.65 32.12 -2.18
CA GLY A 22 27.38 32.09 -0.75
C GLY A 22 28.41 32.74 0.14
N GLU A 23 29.46 33.32 -0.44
CA GLU A 23 30.46 34.03 0.35
C GLU A 23 29.91 35.37 0.83
N ILE A 24 29.11 36.04 0.02
CA ILE A 24 28.68 37.40 0.28
C ILE A 24 27.15 37.51 0.29
N THR A 25 26.47 36.40 0.56
CA THR A 25 25.01 36.35 0.46
C THR A 25 24.40 35.70 1.69
N LYS A 26 23.49 36.39 2.33
CA LYS A 26 22.56 35.80 3.28
C LYS A 26 21.29 35.46 2.50
N TYR A 27 21.08 34.16 2.29
CA TYR A 27 19.89 33.64 1.63
C TYR A 27 19.02 32.97 2.68
N GLU A 28 17.78 33.43 2.81
CA GLU A 28 16.91 32.94 3.88
C GLU A 28 15.49 32.74 3.38
N GLN A 29 14.69 32.04 4.22
CA GLN A 29 13.25 31.89 4.23
C GLN A 29 12.60 33.15 4.80
N PRO A 30 11.38 33.50 4.38
CA PRO A 30 10.77 34.73 4.88
C PRO A 30 10.33 34.61 6.34
N THR A 31 9.85 35.73 6.85
CA THR A 31 9.38 35.82 8.23
C THR A 31 7.97 35.27 8.34
N LYS A 32 7.31 35.56 9.45
CA LYS A 32 5.92 35.14 9.65
C LYS A 32 5.01 35.93 8.72
N TYR A 33 4.41 35.25 7.75
CA TYR A 33 3.46 35.88 6.84
C TYR A 33 2.04 35.63 7.32
N LEU A 34 1.24 36.69 7.34
CA LEU A 34 -0.21 36.58 7.51
C LEU A 34 -0.80 37.57 6.51
N VAL A 35 -1.02 37.09 5.30
CA VAL A 35 -1.43 37.94 4.19
C VAL A 35 -2.87 37.68 3.77
N LYS A 36 -3.53 36.66 4.32
CA LYS A 36 -4.88 36.32 3.89
C LYS A 36 -5.91 36.61 4.97
N ALA A 37 -6.41 37.84 4.95
CA ALA A 37 -7.82 38.06 5.13
C ALA A 37 -8.51 37.74 3.79
N LYS A 38 -9.83 37.65 3.80
CA LYS A 38 -10.51 37.17 2.60
C LYS A 38 -10.82 38.30 1.60
N ASP A 39 -10.00 39.35 1.58
CA ASP A 39 -10.12 40.44 0.62
C ASP A 39 -8.77 41.11 0.44
N TYR A 40 -8.40 41.39 -0.82
CA TYR A 40 -7.17 42.10 -1.18
C TYR A 40 -7.46 43.15 -2.28
N HIS A 41 -8.48 43.97 -2.02
CA HIS A 41 -9.05 44.92 -2.97
C HIS A 41 -8.04 46.02 -3.36
N ASP A 42 -8.39 46.76 -4.43
CA ASP A 42 -7.60 47.89 -4.93
C ASP A 42 -7.41 48.99 -3.90
N THR A 43 -8.34 49.14 -2.96
CA THR A 43 -8.28 50.22 -1.96
C THR A 43 -7.18 50.03 -0.92
N TYR A 44 -6.43 48.94 -0.94
CA TYR A 44 -5.30 48.74 -0.05
C TYR A 44 -4.05 49.37 -0.67
N THR A 45 -2.91 49.29 0.02
CA THR A 45 -1.82 50.18 -0.32
C THR A 45 -0.47 49.52 -0.61
N ILE A 46 -0.18 48.34 -0.06
CA ILE A 46 1.16 47.78 -0.20
C ILE A 46 1.29 47.17 -1.60
N PRO A 47 2.45 47.25 -2.23
CA PRO A 47 2.69 46.46 -3.45
C PRO A 47 2.89 44.99 -3.10
N VAL A 48 1.95 44.15 -3.56
CA VAL A 48 2.02 42.72 -3.35
C VAL A 48 2.60 42.08 -4.61
N LEU A 49 3.67 41.30 -4.44
CA LEU A 49 4.43 40.81 -5.59
C LEU A 49 4.80 39.35 -5.39
N THR A 50 4.59 38.56 -6.46
CA THR A 50 4.93 37.15 -6.50
C THR A 50 5.58 36.83 -7.85
N ALA A 51 5.66 35.55 -8.19
CA ALA A 51 6.27 35.14 -9.45
C ALA A 51 5.32 35.38 -10.62
N GLY A 52 5.80 35.07 -11.83
CA GLY A 52 5.06 35.38 -13.04
C GLY A 52 5.08 36.86 -13.31
N LYS A 53 3.92 37.50 -13.29
CA LYS A 53 3.85 38.96 -13.30
C LYS A 53 3.88 39.44 -11.85
N THR A 54 4.78 40.38 -11.57
CA THR A 54 5.11 40.76 -10.20
C THR A 54 4.14 41.78 -9.62
N PHE A 55 2.84 41.53 -9.75
CA PHE A 55 1.85 42.43 -9.18
C PHE A 55 0.56 41.66 -8.91
N ILE A 56 0.36 41.29 -7.65
CA ILE A 56 -0.93 40.89 -7.13
C ILE A 56 -1.49 42.12 -6.43
N LEU A 57 -2.82 42.20 -6.32
CA LEU A 57 -3.45 43.40 -5.80
C LEU A 57 -3.13 43.61 -4.32
N GLY A 58 -3.34 44.85 -3.86
CA GLY A 58 -2.73 45.30 -2.63
C GLY A 58 -3.34 44.71 -1.38
N TYR A 59 -2.63 44.91 -0.27
CA TYR A 59 -2.98 44.37 1.03
C TYR A 59 -2.72 45.42 2.09
N THR A 60 -3.36 45.27 3.25
CA THR A 60 -3.07 46.13 4.38
C THR A 60 -1.65 45.89 4.89
N ASN A 61 -0.84 46.95 4.93
CA ASN A 61 0.60 46.80 5.11
C ASN A 61 1.00 46.69 6.57
N GLU A 62 0.31 47.40 7.46
CA GLU A 62 0.79 47.57 8.81
C GLU A 62 0.42 46.38 9.71
N THR A 63 1.36 46.03 10.59
CA THR A 63 1.20 45.04 11.66
C THR A 63 0.81 43.66 11.14
N HIS A 64 1.71 43.04 10.39
CA HIS A 64 1.56 41.65 9.98
C HIS A 64 2.89 40.92 10.07
N GLY A 65 3.80 41.41 10.91
CA GLY A 65 5.15 40.88 10.93
C GLY A 65 5.93 41.22 9.69
N ILE A 66 5.66 42.39 9.10
CA ILE A 66 6.12 42.71 7.76
C ILE A 66 7.62 43.00 7.76
N TYR A 67 8.32 42.42 6.79
CA TYR A 67 9.74 42.67 6.61
C TYR A 67 10.00 44.04 6.01
N GLN A 68 8.99 44.61 5.35
CA GLN A 68 8.85 45.97 4.81
C GLN A 68 9.87 46.35 3.73
N ALA A 69 10.76 45.42 3.35
CA ALA A 69 11.48 45.42 2.07
C ALA A 69 12.32 46.68 1.87
N SER A 70 13.39 46.77 2.67
CA SER A 70 14.20 47.99 2.76
C SER A 70 15.09 48.19 1.53
N LYS A 71 16.08 49.07 1.68
CA LYS A 71 16.94 49.43 0.55
C LYS A 71 17.87 48.28 0.19
N ALA A 72 17.62 47.70 -0.99
CA ALA A 72 18.40 46.66 -1.66
C ALA A 72 18.60 45.36 -0.89
N PRO A 73 17.52 44.62 -0.54
CA PRO A 73 17.58 43.17 -0.70
C PRO A 73 16.96 42.78 -2.05
N VAL A 74 17.19 41.56 -2.52
CA VAL A 74 16.47 41.03 -3.68
C VAL A 74 15.87 39.68 -3.30
N ILE A 75 15.19 39.05 -4.25
CA ILE A 75 14.42 37.84 -4.02
C ILE A 75 14.72 36.81 -5.09
N ILE A 76 14.18 35.61 -4.91
CA ILE A 76 14.20 34.61 -5.96
C ILE A 76 12.94 33.76 -5.87
N PHE A 77 12.34 33.49 -7.05
CA PHE A 77 11.31 32.49 -7.22
C PHE A 77 11.89 31.37 -8.07
N ASP A 78 11.48 30.11 -7.83
CA ASP A 78 10.53 29.67 -6.81
C ASP A 78 11.06 28.30 -6.40
N ASP A 79 10.39 27.61 -5.48
CA ASP A 79 10.63 26.17 -5.38
C ASP A 79 10.08 25.50 -6.63
N PHE A 80 10.92 24.66 -7.23
CA PHE A 80 10.75 23.84 -8.44
C PHE A 80 10.82 24.68 -9.72
N THR A 81 10.94 26.00 -9.63
CA THR A 81 11.04 26.88 -10.80
C THR A 81 12.44 27.48 -10.92
N THR A 82 12.91 28.18 -9.89
CA THR A 82 14.30 28.68 -9.73
C THR A 82 14.76 29.57 -10.89
N ALA A 83 13.93 30.53 -11.30
CA ALA A 83 14.32 31.37 -12.43
C ALA A 83 14.13 32.87 -12.20
N ASN A 84 13.14 33.26 -11.39
CA ASN A 84 12.66 34.63 -11.42
C ASN A 84 13.51 35.52 -10.51
N LYS A 85 13.75 36.75 -10.98
CA LYS A 85 14.52 37.77 -10.28
C LYS A 85 13.73 39.07 -10.27
N TRP A 86 13.63 39.70 -9.10
CA TRP A 86 13.05 41.04 -9.00
C TRP A 86 13.78 41.83 -7.92
N VAL A 87 13.90 43.14 -8.17
CA VAL A 87 14.42 44.05 -7.16
C VAL A 87 13.25 44.62 -6.37
N ASP A 88 13.32 44.49 -5.05
CA ASP A 88 12.47 45.30 -4.18
C ASP A 88 12.96 46.74 -4.33
N PHE A 89 12.22 47.55 -5.09
CA PHE A 89 12.74 48.84 -5.55
C PHE A 89 12.78 49.86 -4.42
N ASP A 90 11.63 50.20 -3.84
CA ASP A 90 11.61 51.15 -2.73
C ASP A 90 11.13 50.52 -1.43
N PHE A 91 9.87 50.06 -1.36
CA PHE A 91 9.31 49.44 -0.17
C PHE A 91 8.14 48.57 -0.61
N LYS A 92 8.22 47.27 -0.32
CA LYS A 92 7.29 46.28 -0.86
C LYS A 92 6.90 45.29 0.24
N ALA A 93 6.19 44.23 -0.17
CA ALA A 93 5.67 43.22 0.74
C ALA A 93 6.63 42.04 0.81
N LYS A 94 6.18 40.94 1.42
CA LYS A 94 6.99 39.74 1.60
C LYS A 94 6.17 38.50 1.25
N SER A 95 5.29 38.63 0.26
CA SER A 95 4.07 37.84 0.16
C SER A 95 4.28 36.36 -0.20
N SER A 96 4.84 35.61 0.75
CA SER A 96 4.85 34.15 0.88
C SER A 96 5.30 33.40 -0.37
N ALA A 97 6.10 34.04 -1.21
CA ALA A 97 6.89 33.30 -2.19
C ALA A 97 8.28 33.91 -2.34
N MET A 98 8.63 34.90 -1.51
CA MET A 98 9.82 35.72 -1.72
C MET A 98 10.96 35.24 -0.82
N LYS A 99 11.69 34.24 -1.31
CA LYS A 99 12.90 33.78 -0.64
C LYS A 99 14.00 34.81 -0.82
N MET A 100 14.53 35.28 0.31
CA MET A 100 15.31 36.51 0.35
C MET A 100 16.78 36.25 0.05
N VAL A 101 17.32 37.03 -0.89
CA VAL A 101 18.72 37.03 -1.26
C VAL A 101 19.28 38.41 -0.91
N THR A 102 20.21 38.46 0.03
CA THR A 102 20.79 39.75 0.38
C THR A 102 22.25 39.53 0.79
N SER A 103 22.84 40.51 1.43
CA SER A 103 24.24 40.45 1.83
C SER A 103 24.37 40.73 3.32
N CYS A 104 25.45 40.21 3.91
CA CYS A 104 25.83 40.60 5.26
C CYS A 104 26.86 41.73 5.26
N ASP A 105 27.68 41.81 4.22
CA ASP A 105 28.58 42.95 4.02
C ASP A 105 28.00 43.84 2.93
N ASP A 106 27.85 45.13 3.24
CA ASP A 106 27.30 46.09 2.31
C ASP A 106 28.33 47.04 1.74
N ASN A 107 29.60 46.90 2.14
CA ASN A 107 30.68 47.75 1.65
C ASN A 107 31.32 47.23 0.37
N LYS A 108 30.97 46.01 -0.05
CA LYS A 108 31.48 45.45 -1.29
C LYS A 108 30.37 45.13 -2.28
N THR A 109 29.27 44.53 -1.80
CA THR A 109 28.26 43.98 -2.70
C THR A 109 27.51 45.06 -3.44
N LEU A 110 26.78 45.90 -2.71
CA LEU A 110 25.80 46.85 -3.26
C LEU A 110 24.87 46.14 -4.24
N LEU A 111 24.08 45.23 -3.69
CA LEU A 111 23.55 44.07 -4.39
C LEU A 111 22.45 44.40 -5.45
N LYS A 112 22.23 45.65 -5.87
CA LYS A 112 21.70 45.88 -7.21
C LYS A 112 22.70 45.45 -8.26
N TYR A 113 24.00 45.48 -7.93
CA TYR A 113 25.02 44.93 -8.82
C TYR A 113 24.82 43.44 -9.06
N VAL A 114 24.48 42.67 -8.02
CA VAL A 114 24.37 41.24 -8.22
C VAL A 114 23.07 40.90 -8.93
N TYR A 115 22.04 41.75 -8.85
CA TYR A 115 20.91 41.64 -9.76
C TYR A 115 21.35 41.93 -11.19
N TYR A 116 22.21 42.93 -11.37
CA TYR A 116 22.67 43.27 -12.71
C TYR A 116 23.67 42.26 -13.26
N TRP A 117 24.18 41.36 -12.44
CA TRP A 117 25.04 40.29 -12.94
C TRP A 117 24.33 38.93 -13.06
N LEU A 118 23.37 38.63 -12.19
CA LEU A 118 22.95 37.24 -12.00
C LEU A 118 22.08 36.71 -13.13
N ASN A 119 21.54 37.59 -13.98
CA ASN A 119 20.68 37.16 -15.08
C ASN A 119 21.49 36.71 -16.31
N THR A 120 22.76 36.33 -16.13
CA THR A 120 23.64 35.90 -17.21
C THR A 120 24.08 34.45 -17.05
N LEU A 121 23.15 33.57 -16.64
CA LEU A 121 23.39 32.12 -16.61
C LEU A 121 22.12 31.40 -17.06
N PRO A 122 21.91 31.26 -18.38
CA PRO A 122 20.72 30.56 -18.86
C PRO A 122 20.98 29.10 -19.16
N SER A 123 22.21 28.65 -18.86
CA SER A 123 22.63 27.31 -19.27
C SER A 123 21.94 26.23 -18.45
N GLU A 124 21.59 26.55 -17.19
CA GLU A 124 20.89 25.61 -16.33
C GLU A 124 19.65 26.20 -15.66
N PHE A 125 19.64 27.50 -15.36
CA PHE A 125 18.53 28.08 -14.61
C PHE A 125 17.24 28.17 -15.41
N ALA A 126 17.32 28.02 -16.73
CA ALA A 126 16.14 27.96 -17.59
C ALA A 126 15.71 26.53 -17.90
N GLU A 127 15.93 25.61 -16.96
CA GLU A 127 15.61 24.19 -17.14
C GLU A 127 14.60 23.78 -16.07
N GLY A 128 13.32 23.99 -16.34
CA GLY A 128 12.31 23.47 -15.45
C GLY A 128 11.97 22.06 -15.84
N ASP A 129 12.63 21.09 -15.22
CA ASP A 129 12.57 19.70 -15.66
C ASP A 129 12.07 18.77 -14.58
N HIS A 130 12.52 18.94 -13.33
CA HIS A 130 12.16 18.07 -12.23
C HIS A 130 11.35 18.85 -11.21
N LYS A 131 10.72 18.12 -10.30
CA LYS A 131 10.23 18.71 -9.05
C LYS A 131 11.41 18.73 -8.10
N ARG A 132 12.32 19.68 -8.32
CA ARG A 132 13.55 19.72 -7.57
C ARG A 132 13.78 21.11 -6.98
N GLN A 133 14.07 21.14 -5.68
CA GLN A 133 14.55 22.35 -5.01
C GLN A 133 16.02 22.55 -5.32
N TRP A 134 16.44 23.80 -5.52
CA TRP A 134 17.80 24.07 -5.96
C TRP A 134 18.49 25.14 -5.13
N ILE A 135 18.46 25.00 -3.79
CA ILE A 135 19.07 26.01 -2.91
C ILE A 135 20.58 26.10 -3.13
N SER A 136 21.25 24.94 -3.21
CA SER A 136 22.69 24.92 -3.44
C SER A 136 23.09 25.44 -4.82
N ASN A 137 22.18 25.34 -5.79
CA ASN A 137 22.49 25.70 -7.17
C ASN A 137 22.79 27.19 -7.32
N TYR A 138 21.86 28.04 -6.92
CA TYR A 138 22.15 29.47 -6.86
C TYR A 138 22.70 29.90 -5.51
N SER A 139 23.00 28.97 -4.62
CA SER A 139 23.63 29.35 -3.36
C SER A 139 25.14 29.34 -3.45
N GLN A 140 25.73 28.39 -4.18
CA GLN A 140 27.18 28.21 -4.05
C GLN A 140 27.98 29.16 -4.92
N LYS A 141 27.82 29.09 -6.24
CA LYS A 141 28.81 29.63 -7.17
C LYS A 141 28.19 29.67 -8.56
N LYS A 142 28.67 30.58 -9.45
CA LYS A 142 29.72 31.60 -9.26
C LYS A 142 29.17 33.00 -9.47
N ILE A 143 30.07 33.99 -9.47
CA ILE A 143 29.75 35.38 -9.79
C ILE A 143 31.03 36.07 -10.24
N PRO A 144 30.98 36.96 -11.25
CA PRO A 144 32.18 37.73 -11.61
C PRO A 144 32.37 38.99 -10.77
N ILE A 145 33.51 39.08 -10.08
CA ILE A 145 33.81 40.15 -9.13
C ILE A 145 35.14 40.76 -9.54
N PRO A 146 35.32 42.09 -9.46
CA PRO A 146 36.63 42.69 -9.77
C PRO A 146 37.66 42.59 -8.65
N CYS A 147 37.43 41.68 -7.69
CA CYS A 147 38.40 41.31 -6.67
C CYS A 147 39.75 40.97 -7.29
N PRO A 148 40.88 41.36 -6.68
CA PRO A 148 41.12 42.00 -5.37
C PRO A 148 41.18 43.53 -5.36
N ASP A 149 40.22 44.20 -6.00
CA ASP A 149 40.19 45.66 -6.02
C ASP A 149 39.36 46.23 -4.88
N ASN A 150 39.02 45.40 -3.88
CA ASN A 150 38.12 45.79 -2.80
C ASN A 150 38.88 46.54 -1.69
N PRO A 151 38.26 47.56 -1.06
CA PRO A 151 37.01 48.21 -1.48
C PRO A 151 37.28 49.55 -2.15
N GLU A 152 38.52 49.74 -2.59
CA GLU A 152 38.96 51.05 -3.09
C GLU A 152 38.30 51.40 -4.42
N LYS A 153 38.59 50.60 -5.45
CA LYS A 153 38.08 50.87 -6.79
C LYS A 153 37.40 49.64 -7.37
N SER A 154 36.87 48.76 -6.50
CA SER A 154 36.14 47.59 -6.97
C SER A 154 34.82 47.99 -7.60
N LEU A 155 34.00 48.75 -6.87
CA LEU A 155 32.74 49.24 -7.38
C LEU A 155 32.88 50.53 -8.19
N ALA A 156 34.07 51.14 -8.19
CA ALA A 156 34.26 52.39 -8.92
C ALA A 156 34.31 52.17 -10.42
N ILE A 157 35.02 51.12 -10.88
CA ILE A 157 34.96 50.75 -12.29
C ILE A 157 33.63 50.08 -12.64
N GLN A 158 32.89 49.57 -11.66
CA GLN A 158 31.54 49.09 -11.89
C GLN A 158 30.52 50.21 -11.95
N SER A 159 30.93 51.46 -11.68
CA SER A 159 29.98 52.57 -11.72
C SER A 159 29.58 52.90 -13.15
N GLU A 160 30.49 52.73 -14.11
CA GLU A 160 30.16 52.89 -15.52
C GLU A 160 29.11 51.87 -15.96
N ILE A 161 29.29 50.62 -15.55
CA ILE A 161 28.36 49.59 -16.00
C ILE A 161 27.06 49.64 -15.19
N VAL A 162 27.07 50.16 -13.97
CA VAL A 162 25.79 50.34 -13.30
C VAL A 162 25.05 51.53 -13.89
N ARG A 163 25.78 52.52 -14.45
CA ARG A 163 25.13 53.54 -15.26
C ARG A 163 24.47 52.93 -16.50
N ILE A 164 25.23 52.08 -17.20
CA ILE A 164 24.73 51.38 -18.40
C ILE A 164 23.47 50.57 -18.08
N LEU A 165 23.52 49.75 -17.02
CA LEU A 165 22.43 48.85 -16.76
C LEU A 165 21.25 49.53 -16.06
N ASP A 166 21.50 50.55 -15.24
CA ASP A 166 20.40 51.34 -14.70
C ASP A 166 19.66 52.08 -15.79
N LYS A 167 20.39 52.68 -16.74
CA LYS A 167 19.71 53.37 -17.82
C LYS A 167 19.01 52.40 -18.77
N PHE A 168 19.54 51.19 -18.97
CA PHE A 168 18.88 50.26 -19.87
C PHE A 168 17.65 49.61 -19.24
N THR A 169 17.72 49.27 -17.95
CA THR A 169 16.54 48.78 -17.24
C THR A 169 15.48 49.88 -17.13
N ALA A 170 15.94 51.13 -16.93
CA ALA A 170 15.03 52.27 -16.96
C ALA A 170 14.42 52.47 -18.33
N LEU A 171 15.19 52.16 -19.40
CA LEU A 171 14.66 52.22 -20.76
C LEU A 171 13.54 51.22 -20.97
N THR A 172 13.72 49.99 -20.47
CA THR A 172 12.66 49.00 -20.57
C THR A 172 11.41 49.43 -19.80
N ALA A 173 11.61 49.99 -18.60
CA ALA A 173 10.49 50.47 -17.80
C ALA A 173 9.76 51.63 -18.46
N GLU A 174 10.50 52.62 -18.99
CA GLU A 174 9.84 53.77 -19.62
C GLU A 174 9.23 53.41 -20.96
N LEU A 175 9.78 52.43 -21.68
CA LEU A 175 9.15 51.99 -22.91
C LEU A 175 7.82 51.31 -22.65
N THR A 176 7.76 50.46 -21.61
CA THR A 176 6.48 49.90 -21.20
C THR A 176 5.51 50.99 -20.75
N ALA A 177 6.03 52.01 -20.06
CA ALA A 177 5.19 53.12 -19.61
C ALA A 177 4.65 53.94 -20.77
N GLU A 178 5.49 54.24 -21.77
CA GLU A 178 5.03 55.05 -22.89
C GLU A 178 4.15 54.25 -23.84
N LEU A 179 4.35 52.93 -23.93
CA LEU A 179 3.41 52.12 -24.70
C LEU A 179 2.06 52.05 -24.03
N ASN A 180 2.05 51.99 -22.69
CA ASN A 180 0.80 52.05 -21.93
C ASN A 180 0.09 53.38 -22.15
N MET A 181 0.81 54.50 -22.00
CA MET A 181 0.20 55.81 -22.18
C MET A 181 -0.19 56.07 -23.64
N ARG A 182 0.55 55.47 -24.57
CA ARG A 182 0.24 55.61 -25.98
C ARG A 182 -1.05 54.89 -26.34
N LYS A 183 -1.21 53.66 -25.83
CA LYS A 183 -2.46 52.94 -26.03
C LYS A 183 -3.61 53.59 -25.25
N LYS A 184 -3.31 54.25 -24.13
CA LYS A 184 -4.30 55.00 -23.36
C LYS A 184 -4.87 56.16 -24.18
N GLN A 185 -3.97 57.02 -24.66
CA GLN A 185 -4.39 58.16 -25.48
C GLN A 185 -5.03 57.70 -26.78
N TYR A 186 -4.57 56.56 -27.33
CA TYR A 186 -5.17 56.05 -28.55
C TYR A 186 -6.55 55.46 -28.32
N ASN A 187 -6.77 54.84 -27.15
CA ASN A 187 -8.10 54.34 -26.83
C ASN A 187 -9.09 55.47 -26.62
N TYR A 188 -8.66 56.57 -25.98
CA TYR A 188 -9.57 57.70 -25.91
C TYR A 188 -9.72 58.40 -27.26
N TYR A 189 -8.70 58.32 -28.11
CA TYR A 189 -8.77 58.89 -29.45
C TYR A 189 -9.74 58.11 -30.33
N ARG A 190 -9.92 56.81 -30.04
CA ARG A 190 -10.89 56.01 -30.78
C ARG A 190 -12.33 56.42 -30.47
N ASP A 191 -12.57 57.05 -29.31
CA ASP A 191 -13.92 57.22 -28.81
C ASP A 191 -14.36 58.68 -28.73
N GLN A 192 -13.44 59.61 -28.50
CA GLN A 192 -13.75 61.02 -28.70
C GLN A 192 -14.03 61.29 -30.18
N LEU A 193 -13.05 61.01 -31.02
CA LEU A 193 -13.22 60.93 -32.46
C LEU A 193 -14.05 59.68 -32.82
N LEU A 194 -14.64 59.71 -34.01
CA LEU A 194 -15.33 58.62 -34.70
C LEU A 194 -16.71 58.30 -34.11
N SER A 195 -17.08 58.91 -32.98
CA SER A 195 -18.37 58.68 -32.35
C SER A 195 -19.26 59.91 -32.49
N PHE A 196 -20.51 59.75 -32.03
CA PHE A 196 -21.63 60.70 -32.07
C PHE A 196 -21.76 61.47 -33.38
N LYS A 197 -21.54 60.76 -34.50
CA LYS A 197 -21.29 61.38 -35.79
C LYS A 197 -22.49 62.15 -36.31
N GLU A 198 -22.25 63.40 -36.72
CA GLU A 198 -23.30 64.35 -37.06
C GLU A 198 -23.05 64.89 -38.46
N GLY A 199 -24.13 65.19 -39.20
CA GLY A 199 -25.50 64.89 -38.83
C GLY A 199 -26.47 64.96 -39.99
N GLU A 200 -27.31 63.94 -40.17
CA GLU A 200 -27.29 62.74 -39.34
C GLU A 200 -26.78 61.54 -40.14
N VAL A 201 -25.77 60.89 -39.59
CA VAL A 201 -25.13 59.74 -40.24
C VAL A 201 -26.05 58.53 -40.16
N GLU A 202 -26.18 57.81 -41.27
CA GLU A 202 -27.11 56.70 -41.37
C GLU A 202 -26.72 55.54 -40.46
N TRP A 203 -27.69 55.05 -39.71
CA TRP A 203 -27.51 53.93 -38.78
C TRP A 203 -27.79 52.65 -39.53
N LYS A 204 -26.72 51.92 -39.88
CA LYS A 204 -26.84 50.66 -40.60
C LYS A 204 -26.75 49.50 -39.62
N THR A 205 -27.72 48.60 -39.70
CA THR A 205 -27.70 47.39 -38.88
C THR A 205 -26.60 46.46 -39.39
N LEU A 206 -25.88 45.82 -38.45
CA LEU A 206 -24.83 44.87 -38.81
C LEU A 206 -25.42 43.68 -39.55
N GLY A 207 -24.60 43.08 -40.41
CA GLY A 207 -25.06 42.07 -41.34
C GLY A 207 -25.60 42.60 -42.65
N GLU A 208 -26.13 43.83 -42.65
CA GLU A 208 -26.45 44.52 -43.89
C GLU A 208 -25.22 45.15 -44.53
N ILE A 209 -24.08 45.14 -43.83
CA ILE A 209 -22.82 45.50 -44.46
C ILE A 209 -22.34 44.37 -45.36
N GLY A 210 -22.77 43.14 -45.10
CA GLY A 210 -22.40 42.01 -45.92
C GLY A 210 -22.90 40.68 -45.39
N LYS A 211 -23.15 39.74 -46.30
CA LYS A 211 -23.70 38.43 -45.94
C LYS A 211 -22.60 37.57 -45.33
N TRP A 212 -22.62 37.41 -44.01
CA TRP A 212 -21.58 36.72 -43.27
C TRP A 212 -22.03 35.32 -42.86
N TYR A 213 -21.05 34.49 -42.49
CA TYR A 213 -21.23 33.04 -42.42
C TYR A 213 -21.14 32.53 -40.99
N GLY A 214 -21.66 31.32 -40.79
CA GLY A 214 -21.84 30.74 -39.47
C GLY A 214 -20.61 30.15 -38.81
N GLY A 215 -19.92 29.26 -39.50
CA GLY A 215 -18.77 28.60 -38.92
C GLY A 215 -18.41 27.28 -39.58
N GLY A 216 -18.26 26.23 -38.77
CA GLY A 216 -18.04 24.89 -39.28
C GLY A 216 -16.92 24.15 -38.58
N THR A 217 -17.20 22.95 -38.05
CA THR A 217 -16.24 22.27 -37.18
C THR A 217 -16.22 20.76 -37.39
N PRO A 218 -15.11 20.19 -37.86
CA PRO A 218 -14.90 18.74 -37.78
C PRO A 218 -14.39 18.31 -36.42
N SER A 219 -14.03 17.04 -36.27
CA SER A 219 -13.31 16.58 -35.08
C SER A 219 -12.02 15.88 -35.51
N LYS A 220 -11.29 15.37 -34.53
CA LYS A 220 -10.06 14.63 -34.77
C LYS A 220 -10.30 13.14 -34.97
N ASN A 221 -11.56 12.74 -35.19
CA ASN A 221 -11.89 11.31 -35.28
C ASN A 221 -11.34 10.67 -36.55
N LYS A 222 -11.14 11.47 -37.60
CA LYS A 222 -10.46 11.02 -38.80
C LYS A 222 -9.10 11.70 -38.88
N ILE A 223 -8.03 10.89 -38.90
CA ILE A 223 -6.68 11.42 -38.96
C ILE A 223 -6.41 12.07 -40.31
N GLU A 224 -7.02 11.54 -41.37
CA GLU A 224 -6.86 12.03 -42.74
C GLU A 224 -7.44 13.42 -42.95
N PHE A 225 -8.30 13.89 -42.05
CA PHE A 225 -8.85 15.25 -42.10
C PHE A 225 -8.04 16.24 -41.27
N TRP A 226 -6.93 15.80 -40.67
CA TRP A 226 -6.22 16.61 -39.68
C TRP A 226 -4.75 16.81 -39.96
N GLU A 227 -4.07 15.86 -40.62
CA GLU A 227 -2.60 15.84 -40.63
C GLU A 227 -2.03 16.94 -41.52
N ASN A 228 -2.38 16.97 -42.80
CA ASN A 228 -1.80 17.90 -43.75
C ASN A 228 -2.85 18.92 -44.13
N GLY A 229 -2.49 19.85 -45.02
CA GLY A 229 -3.42 20.84 -45.50
C GLY A 229 -2.85 22.24 -45.57
N SER A 230 -3.43 23.07 -46.45
CA SER A 230 -2.93 24.42 -46.67
C SER A 230 -3.92 25.51 -46.28
N ILE A 231 -5.16 25.16 -45.96
CA ILE A 231 -6.15 26.11 -45.46
C ILE A 231 -5.92 26.28 -43.97
N PRO A 232 -5.65 27.50 -43.48
CA PRO A 232 -5.43 27.67 -42.05
C PRO A 232 -6.71 27.53 -41.24
N TRP A 233 -6.53 27.34 -39.93
CA TRP A 233 -7.64 27.19 -39.00
C TRP A 233 -7.61 28.31 -37.98
N ILE A 234 -8.76 28.95 -37.78
CA ILE A 234 -8.89 30.07 -36.86
C ILE A 234 -9.69 29.56 -35.66
N SER A 235 -8.97 29.23 -34.59
CA SER A 235 -9.56 28.88 -33.32
C SER A 235 -9.19 29.95 -32.30
N PRO A 236 -9.95 30.09 -31.20
CA PRO A 236 -9.61 31.13 -30.23
C PRO A 236 -8.33 30.90 -29.41
N LYS A 237 -7.58 29.82 -29.67
CA LYS A 237 -6.25 29.74 -29.11
C LYS A 237 -5.22 30.46 -29.98
N ASP A 238 -5.58 30.84 -31.20
CA ASP A 238 -4.75 31.72 -32.02
C ASP A 238 -5.34 33.11 -32.19
N MET A 239 -6.41 33.43 -31.47
CA MET A 239 -7.06 34.73 -31.59
C MET A 239 -6.51 35.71 -30.57
N GLY A 240 -6.98 36.95 -30.64
CA GLY A 240 -6.46 38.05 -29.85
C GLY A 240 -5.42 38.89 -30.56
N ARG A 241 -5.16 38.63 -31.83
CA ARG A 241 -4.10 39.30 -32.57
C ARG A 241 -4.69 40.37 -33.48
N THR A 242 -3.82 41.09 -34.18
CA THR A 242 -4.21 42.09 -35.16
C THR A 242 -3.57 41.73 -36.49
N LEU A 243 -4.39 41.68 -37.55
CA LEU A 243 -4.00 41.35 -38.92
C LEU A 243 -3.36 39.95 -38.97
N VAL A 244 -4.22 38.96 -38.70
CA VAL A 244 -3.82 37.57 -38.74
C VAL A 244 -3.64 37.13 -40.19
N ASP A 245 -2.45 36.65 -40.52
CA ASP A 245 -2.12 36.17 -41.86
C ASP A 245 -1.93 34.66 -41.94
N SER A 246 -1.65 34.00 -40.83
CA SER A 246 -1.56 32.55 -40.76
C SER A 246 -1.88 32.12 -39.33
N SER A 247 -1.82 30.82 -39.06
CA SER A 247 -2.13 30.33 -37.73
C SER A 247 -1.28 29.11 -37.43
N GLU A 248 -1.44 28.59 -36.22
CA GLU A 248 -0.75 27.38 -35.81
C GLU A 248 -1.42 26.12 -36.36
N ASP A 249 -2.74 26.14 -36.50
CA ASP A 249 -3.49 25.00 -37.01
C ASP A 249 -3.83 25.25 -38.48
N TYR A 250 -3.52 24.28 -39.33
CA TYR A 250 -3.95 24.26 -40.72
C TYR A 250 -4.91 23.10 -40.91
N ILE A 251 -5.97 23.32 -41.67
CA ILE A 251 -6.96 22.28 -41.92
C ILE A 251 -6.75 21.78 -43.35
N THR A 252 -7.15 20.53 -43.59
CA THR A 252 -6.93 19.90 -44.89
C THR A 252 -7.92 20.46 -45.92
N GLU A 253 -7.42 20.74 -47.12
CA GLU A 253 -8.25 21.19 -48.23
C GLU A 253 -9.28 20.14 -48.64
N GLU A 254 -8.96 18.85 -48.49
CA GLU A 254 -9.95 17.81 -48.71
C GLU A 254 -11.01 17.80 -47.61
N ALA A 255 -10.62 18.16 -46.39
CA ALA A 255 -11.47 18.02 -45.21
C ALA A 255 -12.65 19.00 -45.17
N VAL A 256 -12.84 19.85 -46.19
CA VAL A 256 -14.04 20.67 -46.30
C VAL A 256 -15.15 19.87 -46.96
N LEU A 257 -14.87 18.60 -47.28
CA LEU A 257 -15.95 17.67 -47.58
C LEU A 257 -16.83 17.43 -46.36
N HIS A 258 -16.22 17.37 -45.17
CA HIS A 258 -16.92 17.13 -43.92
C HIS A 258 -16.56 18.20 -42.88
N SER A 259 -16.64 19.48 -43.26
CA SER A 259 -16.30 20.54 -42.31
C SER A 259 -17.47 21.44 -41.93
N SER A 260 -18.56 21.44 -42.70
CA SER A 260 -19.68 22.39 -42.57
C SER A 260 -19.21 23.85 -42.68
N THR A 261 -18.19 24.10 -43.50
CA THR A 261 -17.60 25.42 -43.69
C THR A 261 -17.97 25.99 -45.05
N LYS A 262 -17.63 27.26 -45.22
CA LYS A 262 -17.71 27.95 -46.51
C LYS A 262 -16.39 28.67 -46.75
N LEU A 263 -16.01 28.78 -48.01
CA LEU A 263 -14.80 29.50 -48.38
C LEU A 263 -15.10 30.99 -48.26
N ILE A 264 -14.40 31.67 -47.35
CA ILE A 264 -14.59 33.10 -47.18
C ILE A 264 -13.49 33.84 -47.96
N PRO A 265 -13.75 35.07 -48.47
CA PRO A 265 -12.74 35.75 -49.29
C PRO A 265 -11.52 36.25 -48.52
N ALA A 266 -10.59 36.87 -49.25
CA ALA A 266 -9.25 37.16 -48.76
C ALA A 266 -9.15 38.50 -48.03
N ASN A 267 -10.28 39.11 -47.71
CA ASN A 267 -10.29 40.35 -46.94
C ASN A 267 -11.37 40.29 -45.87
N SER A 268 -11.45 39.18 -45.15
CA SER A 268 -12.54 39.00 -44.20
C SER A 268 -12.12 39.54 -42.83
N ILE A 269 -13.03 39.49 -41.86
CA ILE A 269 -12.63 39.68 -40.47
C ILE A 269 -13.17 38.50 -39.67
N ALA A 270 -12.50 38.23 -38.55
CA ALA A 270 -12.87 37.16 -37.64
C ALA A 270 -13.05 37.75 -36.25
N ILE A 271 -14.15 37.36 -35.61
CA ILE A 271 -14.53 37.92 -34.31
C ILE A 271 -14.98 36.80 -33.40
N VAL A 272 -14.49 36.81 -32.16
CA VAL A 272 -14.84 35.79 -31.18
C VAL A 272 -16.08 36.23 -30.40
N VAL A 273 -17.01 35.30 -30.21
CA VAL A 273 -18.27 35.63 -29.55
C VAL A 273 -18.48 34.72 -28.34
N ARG A 274 -17.49 33.87 -28.04
CA ARG A 274 -17.60 32.94 -26.92
C ARG A 274 -16.23 32.78 -26.27
N SER A 275 -16.26 32.55 -24.94
CA SER A 275 -15.16 32.25 -24.02
C SER A 275 -14.27 33.46 -23.70
N SER A 276 -14.45 34.61 -24.35
CA SER A 276 -13.65 35.79 -24.07
C SER A 276 -14.49 36.90 -23.45
N ILE A 277 -15.56 37.31 -24.12
CA ILE A 277 -16.54 38.24 -23.57
C ILE A 277 -17.42 37.57 -22.53
N LEU A 278 -18.26 38.38 -21.87
CA LEU A 278 -19.03 38.24 -20.62
C LEU A 278 -18.10 38.43 -19.41
N ASP A 279 -16.80 38.44 -19.58
CA ASP A 279 -15.83 38.80 -18.56
C ASP A 279 -14.80 39.79 -19.08
N LYS A 280 -14.37 39.67 -20.32
CA LYS A 280 -13.27 40.45 -20.86
C LYS A 280 -13.77 41.19 -22.09
N VAL A 281 -12.87 41.81 -22.84
CA VAL A 281 -13.20 42.55 -24.05
C VAL A 281 -12.78 41.71 -25.25
N LEU A 282 -13.71 41.54 -26.20
CA LEU A 282 -13.49 40.69 -27.38
C LEU A 282 -12.50 41.34 -28.33
N PRO A 283 -11.54 40.58 -28.85
CA PRO A 283 -10.69 41.09 -29.93
C PRO A 283 -11.30 40.83 -31.29
N SER A 284 -10.64 41.31 -32.34
CA SER A 284 -11.05 41.05 -33.70
C SER A 284 -9.80 41.05 -34.58
N ALA A 285 -9.91 40.41 -35.74
CA ALA A 285 -8.73 40.30 -36.59
C ALA A 285 -9.13 40.41 -38.07
N LEU A 286 -8.43 41.27 -38.82
CA LEU A 286 -8.46 41.16 -40.27
C LEU A 286 -7.82 39.85 -40.66
N ILE A 287 -8.52 39.04 -41.43
CA ILE A 287 -7.99 37.77 -41.90
C ILE A 287 -7.85 37.83 -43.41
N LYS A 288 -6.64 37.51 -43.87
CA LYS A 288 -6.16 37.78 -45.21
C LYS A 288 -6.07 36.55 -46.08
N VAL A 289 -5.69 35.41 -45.52
CA VAL A 289 -5.79 34.14 -46.25
C VAL A 289 -7.21 33.61 -46.05
N PRO A 290 -7.76 32.86 -47.00
CA PRO A 290 -9.05 32.20 -46.75
C PRO A 290 -8.90 31.07 -45.75
N ALA A 291 -9.37 31.30 -44.52
CA ALA A 291 -9.19 30.37 -43.42
C ALA A 291 -10.51 30.22 -42.68
N THR A 292 -10.81 28.98 -42.29
CA THR A 292 -12.09 28.65 -41.67
C THR A 292 -11.98 28.65 -40.16
N LEU A 293 -13.11 28.86 -39.50
CA LEU A 293 -13.22 28.96 -38.06
C LEU A 293 -14.32 28.06 -37.52
N ASN A 294 -14.34 27.92 -36.19
CA ASN A 294 -15.18 26.94 -35.52
C ASN A 294 -16.59 27.51 -35.23
N GLN A 295 -17.37 26.76 -34.43
CA GLN A 295 -18.79 27.04 -34.25
C GLN A 295 -19.02 28.33 -33.48
N ASP A 296 -18.16 28.63 -32.53
CA ASP A 296 -18.42 29.68 -31.57
C ASP A 296 -17.70 30.99 -31.88
N MET A 297 -17.40 31.27 -33.15
CA MET A 297 -16.93 32.59 -33.55
C MET A 297 -17.45 32.86 -34.95
N LYS A 298 -17.31 34.10 -35.41
CA LYS A 298 -18.00 34.56 -36.60
C LYS A 298 -17.03 35.15 -37.60
N ALA A 299 -17.19 34.75 -38.86
CA ALA A 299 -16.46 35.33 -39.98
C ALA A 299 -17.36 36.33 -40.68
N VAL A 300 -16.96 37.60 -40.68
CA VAL A 300 -17.79 38.69 -41.20
C VAL A 300 -17.11 39.26 -42.45
N ILE A 301 -17.88 39.39 -43.52
CA ILE A 301 -17.39 40.03 -44.74
C ILE A 301 -18.22 41.28 -45.00
N PRO A 302 -17.64 42.32 -45.57
CA PRO A 302 -18.43 43.49 -46.01
C PRO A 302 -18.83 43.33 -47.47
N HIS A 303 -19.64 44.29 -47.95
CA HIS A 303 -20.20 44.19 -49.31
C HIS A 303 -20.58 45.56 -49.88
N GLU A 304 -19.74 46.06 -50.80
CA GLU A 304 -20.09 46.96 -51.91
C GLU A 304 -20.40 48.41 -51.51
N ASN A 305 -20.57 48.69 -50.22
CA ASN A 305 -20.89 50.04 -49.77
C ASN A 305 -20.09 50.37 -48.52
N ILE A 306 -18.85 49.93 -48.48
CA ILE A 306 -18.14 49.60 -47.26
C ILE A 306 -16.69 50.03 -47.37
N LEU A 307 -15.95 49.78 -46.30
CA LEU A 307 -14.51 49.55 -46.34
C LEU A 307 -14.23 48.66 -45.14
N VAL A 308 -13.55 47.53 -45.37
CA VAL A 308 -13.46 46.45 -44.39
C VAL A 308 -12.74 46.91 -43.12
N LYS A 309 -11.79 47.83 -43.26
CA LYS A 309 -11.13 48.38 -42.09
C LYS A 309 -12.07 49.31 -41.32
N TYR A 310 -13.01 49.97 -42.01
CA TYR A 310 -13.90 50.87 -41.30
C TYR A 310 -14.90 50.11 -40.44
N ILE A 311 -15.48 49.03 -40.98
CA ILE A 311 -16.38 48.19 -40.20
C ILE A 311 -15.62 47.44 -39.11
N TYR A 312 -14.39 47.01 -39.42
CA TYR A 312 -13.49 46.41 -38.44
C TYR A 312 -13.26 47.31 -37.24
N HIS A 313 -12.74 48.51 -37.47
CA HIS A 313 -12.43 49.43 -36.39
C HIS A 313 -13.68 50.08 -35.79
N MET A 314 -14.81 50.02 -36.50
CA MET A 314 -16.07 50.45 -35.92
C MET A 314 -16.53 49.47 -34.85
N ILE A 315 -16.40 48.18 -35.12
CA ILE A 315 -16.69 47.19 -34.07
C ILE A 315 -15.61 47.23 -32.99
N GLY A 316 -14.34 47.49 -33.38
CA GLY A 316 -13.26 47.51 -32.41
C GLY A 316 -13.30 48.69 -31.48
N SER A 317 -13.84 49.83 -31.93
CA SER A 317 -14.05 50.96 -31.04
C SER A 317 -15.27 50.74 -30.15
N ARG A 318 -16.29 50.05 -30.64
CA ARG A 318 -17.53 49.82 -29.93
C ARG A 318 -17.63 48.40 -29.39
N GLY A 319 -16.51 47.80 -28.97
CA GLY A 319 -16.54 46.43 -28.48
C GLY A 319 -17.17 46.33 -27.10
N SER A 320 -16.95 47.33 -26.25
CA SER A 320 -17.53 47.33 -24.92
C SER A 320 -19.02 47.65 -24.92
N ASP A 321 -19.56 48.13 -26.05
CA ASP A 321 -20.98 48.43 -26.15
C ASP A 321 -21.78 47.24 -26.66
N ILE A 322 -21.17 46.36 -27.45
CA ILE A 322 -21.88 45.19 -27.94
C ILE A 322 -21.84 44.04 -26.93
N LEU A 323 -21.20 44.24 -25.77
CA LEU A 323 -21.24 43.23 -24.72
C LEU A 323 -22.13 43.65 -23.54
N ARG A 324 -22.79 44.80 -23.63
CA ARG A 324 -23.52 45.33 -22.48
C ARG A 324 -25.01 45.02 -22.55
N ALA A 325 -25.67 45.37 -23.65
CA ALA A 325 -27.14 45.43 -23.68
C ALA A 325 -27.76 44.03 -23.75
N ALA A 326 -26.96 43.03 -24.08
CA ALA A 326 -27.41 41.63 -24.10
C ALA A 326 -26.37 40.78 -23.40
N LYS A 327 -25.97 41.24 -22.21
CA LYS A 327 -24.76 40.72 -21.56
C LYS A 327 -24.94 39.28 -21.09
N LYS A 328 -26.07 38.99 -20.44
CA LYS A 328 -26.20 37.70 -19.76
C LYS A 328 -26.62 36.59 -20.73
N THR A 329 -27.85 36.69 -21.24
CA THR A 329 -28.52 35.69 -22.09
C THR A 329 -28.39 34.27 -21.52
N GLY A 330 -28.85 34.11 -20.27
CA GLY A 330 -28.69 32.86 -19.57
C GLY A 330 -27.31 32.73 -18.96
N GLY A 331 -27.26 32.28 -17.71
CA GLY A 331 -25.99 32.16 -17.02
C GLY A 331 -25.23 30.91 -17.44
N SER A 332 -24.62 30.93 -18.62
CA SER A 332 -23.99 29.74 -19.19
C SER A 332 -22.71 30.12 -19.92
N VAL A 333 -22.11 29.11 -20.54
CA VAL A 333 -20.96 29.33 -21.43
C VAL A 333 -21.42 30.02 -22.71
N ALA A 334 -22.70 29.88 -23.07
CA ALA A 334 -23.31 30.77 -24.05
C ALA A 334 -23.32 32.20 -23.50
N SER A 335 -23.35 33.15 -24.43
CA SER A 335 -22.91 34.52 -24.16
C SER A 335 -23.84 35.46 -24.93
N ILE A 336 -23.33 36.66 -25.25
CA ILE A 336 -24.01 37.61 -26.12
C ILE A 336 -24.45 36.90 -27.41
N ASP A 337 -25.76 36.95 -27.68
CA ASP A 337 -26.41 36.04 -28.62
C ASP A 337 -25.94 36.29 -30.04
N SER A 338 -26.18 35.29 -30.90
CA SER A 338 -25.86 35.42 -32.31
C SER A 338 -26.74 36.48 -32.98
N LYS A 339 -28.05 36.42 -32.71
CA LYS A 339 -28.95 37.44 -33.22
C LYS A 339 -28.76 38.78 -32.53
N LYS A 340 -28.48 38.78 -31.23
CA LYS A 340 -28.32 40.03 -30.51
C LYS A 340 -26.94 40.65 -30.72
N LEU A 341 -26.02 39.95 -31.38
CA LEU A 341 -24.85 40.61 -31.94
C LEU A 341 -25.07 40.94 -33.42
N PHE A 342 -26.00 40.23 -34.07
CA PHE A 342 -26.35 40.53 -35.44
C PHE A 342 -27.11 41.85 -35.57
N SER A 343 -27.87 42.23 -34.55
CA SER A 343 -28.83 43.33 -34.65
C SER A 343 -28.31 44.63 -34.04
N PHE A 344 -27.02 44.94 -34.16
CA PHE A 344 -26.49 46.20 -33.68
C PHE A 344 -26.36 47.18 -34.85
N LYS A 345 -26.56 48.46 -34.56
CA LYS A 345 -26.54 49.51 -35.58
C LYS A 345 -25.31 50.40 -35.41
N ILE A 346 -24.62 50.65 -36.52
CA ILE A 346 -23.40 51.44 -36.53
C ILE A 346 -23.57 52.65 -37.46
N PRO A 347 -22.91 53.77 -37.16
CA PRO A 347 -22.90 54.90 -38.11
C PRO A 347 -22.07 54.56 -39.34
N VAL A 348 -22.69 54.72 -40.52
CA VAL A 348 -22.00 54.57 -41.80
C VAL A 348 -22.12 55.89 -42.53
N PRO A 349 -21.07 56.72 -42.54
CA PRO A 349 -21.17 58.05 -43.16
C PRO A 349 -21.13 58.06 -44.68
N ASN A 350 -20.99 59.26 -45.23
CA ASN A 350 -20.83 59.49 -46.66
C ASN A 350 -19.48 58.95 -47.13
N ILE A 351 -19.30 58.88 -48.46
CA ILE A 351 -18.13 58.23 -49.04
C ILE A 351 -16.85 59.04 -48.91
N ASN A 352 -16.91 60.25 -48.33
CA ASN A 352 -15.72 60.99 -47.95
C ASN A 352 -15.26 60.72 -46.54
N GLU A 353 -16.04 59.98 -45.74
CA GLU A 353 -15.75 59.76 -44.33
C GLU A 353 -15.64 58.28 -43.98
N GLN A 354 -15.40 57.40 -44.95
CA GLN A 354 -14.93 56.06 -44.65
C GLN A 354 -13.42 55.96 -44.73
N GLN A 355 -12.85 56.25 -45.90
CA GLN A 355 -11.44 55.97 -46.13
C GLN A 355 -10.53 56.97 -45.45
N ARG A 356 -11.02 58.20 -45.22
CA ARG A 356 -10.20 59.22 -44.56
C ARG A 356 -9.97 58.88 -43.09
N ILE A 357 -11.05 58.68 -42.34
CA ILE A 357 -10.94 58.46 -40.91
C ILE A 357 -10.35 57.08 -40.61
N VAL A 358 -10.58 56.10 -41.49
CA VAL A 358 -9.95 54.82 -41.21
C VAL A 358 -8.53 54.79 -41.76
N GLU A 359 -8.18 55.71 -42.66
CA GLU A 359 -6.77 55.89 -43.01
C GLU A 359 -6.03 56.41 -41.78
N ILE A 360 -6.61 57.41 -41.12
CA ILE A 360 -6.14 57.87 -39.80
C ILE A 360 -6.05 56.72 -38.80
N LEU A 361 -7.07 55.87 -38.73
CA LEU A 361 -7.12 54.95 -37.60
C LEU A 361 -6.26 53.71 -37.82
N ASP A 362 -6.24 53.18 -39.06
CA ASP A 362 -5.33 52.13 -39.48
C ASP A 362 -3.88 52.57 -39.36
N LYS A 363 -3.57 53.75 -39.91
CA LYS A 363 -2.30 54.46 -39.71
C LYS A 363 -1.85 54.42 -38.26
N PHE A 364 -2.72 54.87 -37.35
CA PHE A 364 -2.27 55.10 -35.98
C PHE A 364 -2.15 53.79 -35.21
N ASP A 365 -3.00 52.79 -35.48
CA ASP A 365 -2.79 51.57 -34.72
C ASP A 365 -1.78 50.60 -35.35
N THR A 366 -1.47 50.73 -36.65
CA THR A 366 -0.30 50.00 -37.11
C THR A 366 0.98 50.70 -36.66
N LEU A 367 0.89 51.97 -36.27
CA LEU A 367 1.97 52.57 -35.49
C LEU A 367 2.06 51.94 -34.11
N THR A 368 0.96 51.97 -33.35
CA THR A 368 1.06 51.72 -31.91
C THR A 368 1.23 50.24 -31.55
N ASN A 369 0.97 49.32 -32.47
CA ASN A 369 0.81 47.93 -32.09
C ASN A 369 1.75 47.00 -32.85
N SER A 370 1.66 45.72 -32.48
CA SER A 370 2.40 44.64 -33.10
C SER A 370 1.89 44.41 -34.53
N ILE A 371 2.75 43.93 -35.44
CA ILE A 371 4.16 43.57 -35.22
C ILE A 371 5.08 44.54 -35.94
N THR A 372 4.91 44.62 -37.26
CA THR A 372 5.73 45.52 -38.06
C THR A 372 5.32 46.96 -37.78
N GLU A 373 6.33 47.85 -37.80
CA GLU A 373 6.26 49.20 -37.24
C GLU A 373 5.71 49.14 -35.80
N GLY A 374 6.33 48.29 -34.99
CA GLY A 374 5.84 48.03 -33.65
C GLY A 374 6.72 48.56 -32.54
N LEU A 375 6.11 49.27 -31.61
CA LEU A 375 6.82 49.71 -30.42
C LEU A 375 7.20 48.58 -29.45
N PRO A 376 6.33 47.61 -29.09
CA PRO A 376 6.83 46.53 -28.23
C PRO A 376 7.84 45.63 -28.90
N ARG A 377 7.84 45.51 -30.22
CA ARG A 377 8.89 44.73 -30.86
C ARG A 377 10.24 45.44 -30.75
N GLU A 378 10.23 46.78 -30.81
CA GLU A 378 11.41 47.55 -30.41
C GLU A 378 11.80 47.25 -28.97
N ILE A 379 10.81 47.08 -28.08
CA ILE A 379 11.12 46.84 -26.67
C ILE A 379 11.80 45.47 -26.49
N GLU A 380 11.28 44.42 -27.14
CA GLU A 380 11.95 43.13 -26.94
C GLU A 380 13.25 43.04 -27.71
N LEU A 381 13.43 43.82 -28.79
CA LEU A 381 14.75 43.87 -29.42
C LEU A 381 15.76 44.62 -28.56
N ARG A 382 15.29 45.62 -27.80
CA ARG A 382 16.18 46.24 -26.80
C ARG A 382 16.48 45.29 -25.65
N GLN A 383 15.53 44.40 -25.34
CA GLN A 383 15.80 43.36 -24.34
C GLN A 383 16.84 42.37 -24.85
N LYS A 384 16.76 42.02 -26.14
CA LYS A 384 17.72 41.12 -26.77
C LYS A 384 19.13 41.70 -26.74
N GLN A 385 19.27 42.96 -27.15
CA GLN A 385 20.58 43.58 -27.10
C GLN A 385 21.01 43.93 -25.68
N TYR A 386 20.08 44.05 -24.74
CA TYR A 386 20.44 44.17 -23.33
C TYR A 386 21.12 42.91 -22.83
N GLU A 387 20.51 41.76 -23.13
CA GLU A 387 21.12 40.47 -22.83
C GLU A 387 22.45 40.30 -23.55
N TYR A 388 22.55 40.79 -24.79
CA TYR A 388 23.80 40.62 -25.53
C TYR A 388 24.90 41.53 -25.00
N TYR A 389 24.56 42.75 -24.58
CA TYR A 389 25.59 43.65 -24.06
C TYR A 389 26.02 43.24 -22.67
N ARG A 390 25.13 42.62 -21.90
CA ARG A 390 25.56 42.00 -20.65
C ARG A 390 26.40 40.75 -20.92
N ASP A 391 26.13 40.05 -22.02
CA ASP A 391 26.99 38.93 -22.42
C ASP A 391 28.37 39.42 -22.83
N LEU A 392 28.42 40.57 -23.52
CA LEU A 392 29.67 41.10 -24.02
C LEU A 392 30.51 41.74 -22.94
N LEU A 393 29.87 42.39 -21.96
CA LEU A 393 30.62 43.10 -20.93
C LEU A 393 31.21 42.15 -19.89
N PHE A 394 30.46 41.13 -19.48
CA PHE A 394 30.75 40.39 -18.25
C PHE A 394 31.78 39.28 -18.46
N SER A 395 32.51 39.32 -19.57
CA SER A 395 33.60 38.39 -19.85
C SER A 395 34.93 39.09 -19.60
N PHE A 396 35.99 38.30 -19.54
CA PHE A 396 37.31 38.82 -19.25
C PHE A 396 38.40 38.14 -20.06
N ASN B 13 -9.39 -25.58 41.15
CA ASN B 13 -9.56 -26.59 40.12
C ASN B 13 -8.78 -26.22 38.88
N PHE B 14 -7.98 -27.17 38.40
CA PHE B 14 -7.09 -26.94 37.28
C PHE B 14 -7.45 -27.87 36.13
N ILE B 15 -6.83 -27.64 34.99
CA ILE B 15 -7.00 -28.53 33.85
C ILE B 15 -5.71 -29.21 33.44
N VAL B 16 -4.56 -28.69 33.83
CA VAL B 16 -3.30 -29.41 33.71
C VAL B 16 -3.06 -30.03 35.07
N LEU B 17 -3.28 -31.33 35.17
CA LEU B 17 -3.45 -31.98 36.47
C LEU B 17 -2.15 -32.19 37.20
N ASP B 18 -2.18 -31.97 38.51
CA ASP B 18 -1.06 -32.36 39.36
C ASP B 18 -1.09 -33.85 39.66
N LYS B 19 -2.12 -34.28 40.36
CA LYS B 19 -2.22 -35.63 40.89
C LYS B 19 -3.23 -36.40 40.05
N TYR B 20 -2.78 -37.48 39.43
CA TYR B 20 -3.67 -38.31 38.65
C TYR B 20 -3.49 -39.77 39.02
N ILE B 21 -4.58 -40.42 39.39
CA ILE B 21 -4.59 -41.85 39.67
C ILE B 21 -4.63 -42.60 38.35
N LYS B 22 -3.59 -43.37 38.08
CA LYS B 22 -3.41 -44.02 36.78
C LYS B 22 -4.37 -45.19 36.67
N ALA B 23 -5.42 -45.03 35.88
CA ALA B 23 -6.46 -46.05 35.75
C ALA B 23 -6.05 -47.11 34.74
N GLU B 24 -6.79 -48.22 34.75
CA GLU B 24 -6.39 -49.38 33.94
C GLU B 24 -7.57 -50.29 33.65
N PRO B 25 -7.70 -50.81 32.40
CA PRO B 25 -8.72 -51.82 32.10
C PRO B 25 -8.32 -53.20 32.60
N THR B 26 -9.10 -54.23 32.25
CA THR B 26 -8.81 -55.56 32.79
C THR B 26 -7.98 -56.49 31.87
N GLY B 27 -8.27 -56.68 30.56
CA GLY B 27 -9.40 -56.26 29.76
C GLY B 27 -10.40 -57.40 29.57
N ASP B 28 -11.47 -57.35 28.74
CA ASP B 28 -11.93 -56.28 27.80
C ASP B 28 -10.87 -55.90 26.77
N SER B 29 -10.64 -56.83 25.83
CA SER B 29 -9.43 -56.90 25.00
C SER B 29 -9.12 -55.58 24.30
N TYR B 30 -7.83 -55.35 24.09
CA TYR B 30 -7.25 -54.03 23.89
C TYR B 30 -6.65 -53.95 22.48
N GLN B 31 -7.20 -54.72 21.55
CA GLN B 31 -6.56 -54.89 20.26
C GLN B 31 -7.35 -54.28 19.11
N SER B 32 -8.59 -54.70 18.89
CA SER B 32 -9.28 -54.30 17.67
C SER B 32 -9.88 -52.92 17.81
N GLU B 33 -10.12 -52.29 16.66
CA GLU B 33 -10.65 -50.93 16.66
C GLU B 33 -12.09 -50.89 17.12
N SER B 34 -12.82 -51.99 16.92
CA SER B 34 -14.15 -52.12 17.52
C SER B 34 -14.06 -52.08 19.04
N ASP B 35 -13.05 -52.74 19.60
CA ASP B 35 -12.86 -52.73 21.05
C ASP B 35 -12.55 -51.33 21.55
N LEU B 36 -11.61 -50.64 20.90
CA LEU B 36 -11.23 -49.30 21.30
C LEU B 36 -12.39 -48.33 21.16
N GLU B 37 -13.18 -48.51 20.10
CA GLU B 37 -14.30 -47.63 19.83
C GLU B 37 -15.41 -47.81 20.87
N ARG B 38 -15.77 -49.06 21.16
CA ARG B 38 -16.81 -49.35 22.14
C ARG B 38 -16.38 -48.91 23.54
N GLU B 39 -15.13 -49.15 23.90
CA GLU B 39 -14.67 -48.76 25.22
C GLU B 39 -14.58 -47.25 25.37
N LEU B 40 -14.17 -46.56 24.29
CA LEU B 40 -14.11 -45.11 24.31
C LEU B 40 -15.50 -44.50 24.45
N ILE B 41 -16.46 -45.02 23.69
CA ILE B 41 -17.83 -44.54 23.76
C ILE B 41 -18.41 -44.78 25.14
N GLN B 42 -18.12 -45.95 25.72
CA GLN B 42 -18.60 -46.26 27.06
C GLN B 42 -18.00 -45.32 28.11
N ASP B 43 -16.70 -45.03 27.97
CA ASP B 43 -16.06 -44.13 28.93
C ASP B 43 -16.56 -42.71 28.80
N LEU B 44 -16.87 -42.27 27.59
CA LEU B 44 -17.38 -40.91 27.43
C LEU B 44 -18.81 -40.80 27.91
N ARG B 45 -19.60 -41.86 27.75
CA ARG B 45 -20.92 -41.88 28.37
C ARG B 45 -20.81 -41.85 29.88
N ASN B 46 -19.76 -42.46 30.43
CA ASN B 46 -19.54 -42.41 31.86
C ASN B 46 -19.11 -41.02 32.32
N GLN B 47 -18.53 -40.22 31.44
CA GLN B 47 -18.12 -38.87 31.80
C GLN B 47 -19.20 -37.84 31.54
N GLY B 48 -20.37 -38.26 31.06
CA GLY B 48 -21.46 -37.33 30.88
C GLY B 48 -21.48 -36.66 29.51
N TYR B 49 -21.19 -37.42 28.47
CA TYR B 49 -21.34 -36.94 27.10
C TYR B 49 -22.48 -37.74 26.49
N GLU B 50 -23.52 -37.04 26.03
CA GLU B 50 -24.71 -37.70 25.53
C GLU B 50 -24.45 -38.30 24.16
N PHE B 51 -24.82 -39.57 24.00
CA PHE B 51 -24.67 -40.27 22.74
C PHE B 51 -25.98 -40.26 21.99
N ILE B 52 -25.95 -39.86 20.73
CA ILE B 52 -27.11 -39.82 19.88
C ILE B 52 -26.81 -40.54 18.58
N SER B 53 -27.80 -40.57 17.70
CA SER B 53 -27.69 -41.25 16.41
C SER B 53 -28.30 -40.36 15.34
N VAL B 54 -27.49 -39.97 14.36
CA VAL B 54 -27.91 -39.05 13.32
C VAL B 54 -27.52 -39.66 11.97
N LYS B 55 -28.48 -39.72 11.04
CA LYS B 55 -28.25 -40.37 9.75
C LYS B 55 -28.26 -39.38 8.60
N SER B 56 -28.31 -38.08 8.85
CA SER B 56 -28.38 -37.14 7.74
C SER B 56 -27.75 -35.81 8.14
N GLN B 57 -27.50 -34.99 7.12
CA GLN B 57 -27.08 -33.62 7.37
C GLN B 57 -28.22 -32.82 7.99
N SER B 58 -29.45 -33.09 7.56
CA SER B 58 -30.60 -32.33 8.04
C SER B 58 -30.89 -32.60 9.50
N ALA B 59 -30.65 -33.82 9.97
CA ALA B 59 -30.89 -34.09 11.38
C ALA B 59 -29.80 -33.47 12.25
N MET B 60 -28.58 -33.35 11.71
CA MET B 60 -27.56 -32.55 12.37
C MET B 60 -28.02 -31.10 12.50
N LEU B 61 -28.60 -30.55 11.44
CA LEU B 61 -29.09 -29.17 11.50
C LEU B 61 -30.23 -29.03 12.49
N ALA B 62 -31.10 -30.03 12.55
CA ALA B 62 -32.21 -29.99 13.51
C ALA B 62 -31.70 -30.06 14.94
N ASN B 63 -30.68 -30.87 15.17
CA ASN B 63 -30.07 -30.95 16.50
C ASN B 63 -29.42 -29.63 16.87
N VAL B 64 -28.71 -29.01 15.92
CA VAL B 64 -28.11 -27.70 16.14
C VAL B 64 -29.17 -26.68 16.50
N ARG B 65 -30.30 -26.72 15.78
CA ARG B 65 -31.40 -25.80 16.03
C ARG B 65 -31.96 -26.00 17.43
N GLU B 66 -32.11 -27.26 17.84
CA GLU B 66 -32.65 -27.54 19.17
C GLU B 66 -31.70 -27.09 20.26
N GLN B 67 -30.40 -27.28 20.06
CA GLN B 67 -29.44 -26.89 21.09
C GLN B 67 -29.32 -25.38 21.20
N LEU B 68 -29.37 -24.68 20.07
CA LEU B 68 -29.29 -23.23 20.12
C LEU B 68 -30.55 -22.63 20.73
N GLN B 69 -31.71 -23.25 20.46
CA GLN B 69 -32.93 -22.81 21.11
C GLN B 69 -32.91 -23.09 22.60
N ASN B 70 -32.27 -24.17 23.02
CA ASN B 70 -32.17 -24.47 24.44
C ASN B 70 -31.23 -23.49 25.14
N LEU B 71 -30.13 -23.14 24.48
CA LEU B 71 -29.15 -22.25 25.10
C LEU B 71 -29.65 -20.81 25.12
N ASN B 72 -29.91 -20.25 23.93
CA ASN B 72 -30.21 -18.84 23.81
C ASN B 72 -31.60 -18.49 24.32
N GLY B 73 -32.49 -19.46 24.44
CA GLY B 73 -33.84 -19.16 24.89
C GLY B 73 -34.71 -18.52 23.86
N VAL B 74 -34.35 -18.62 22.59
CA VAL B 74 -35.16 -18.09 21.52
C VAL B 74 -35.88 -19.24 20.85
N VAL B 75 -36.90 -18.91 20.06
CA VAL B 75 -37.64 -19.89 19.29
C VAL B 75 -37.75 -19.38 17.87
N PHE B 76 -37.43 -20.24 16.90
CA PHE B 76 -37.50 -19.91 15.49
C PHE B 76 -38.79 -20.46 14.89
N ASN B 77 -39.10 -20.00 13.69
CA ASN B 77 -39.94 -20.77 12.79
C ASN B 77 -39.04 -21.40 11.73
N ASP B 78 -39.64 -22.00 10.71
CA ASP B 78 -38.83 -22.51 9.62
C ASP B 78 -38.30 -21.39 8.75
N SER B 79 -38.99 -20.24 8.73
CA SER B 79 -38.50 -19.09 7.98
C SER B 79 -37.25 -18.51 8.63
N GLU B 80 -37.32 -18.25 9.94
CA GLU B 80 -36.17 -17.69 10.64
C GLU B 80 -35.00 -18.66 10.67
N TRP B 81 -35.29 -19.94 10.86
CA TRP B 81 -34.21 -20.91 10.87
C TRP B 81 -33.60 -21.10 9.49
N ARG B 82 -34.41 -21.00 8.45
CA ARG B 82 -33.85 -21.08 7.11
C ARG B 82 -32.99 -19.87 6.80
N ARG B 83 -33.43 -18.70 7.26
CA ARG B 83 -32.65 -17.49 7.02
C ARG B 83 -31.35 -17.51 7.81
N PHE B 84 -31.39 -18.01 9.05
CA PHE B 84 -30.19 -18.08 9.86
C PHE B 84 -29.23 -19.15 9.35
N THR B 85 -29.75 -20.24 8.81
CA THR B 85 -28.89 -21.27 8.28
C THR B 85 -28.24 -20.83 6.99
N GLU B 86 -29.03 -20.30 6.06
CA GLU B 86 -28.51 -19.89 4.77
C GLU B 86 -27.71 -18.61 4.83
N GLN B 87 -27.85 -17.82 5.90
CA GLN B 87 -27.25 -16.50 5.95
C GLN B 87 -25.97 -16.47 6.76
N TYR B 88 -25.89 -17.24 7.84
CA TYR B 88 -24.78 -17.17 8.79
C TYR B 88 -24.08 -18.50 8.96
N LEU B 89 -24.81 -19.57 9.14
CA LEU B 89 -24.26 -20.83 9.62
C LEU B 89 -23.67 -21.67 8.51
N ASP B 90 -24.31 -21.72 7.36
CA ASP B 90 -23.97 -22.68 6.32
C ASP B 90 -23.90 -22.00 4.97
N ASN B 91 -23.18 -20.90 4.91
CA ASN B 91 -22.99 -20.22 3.64
C ASN B 91 -22.03 -21.04 2.78
N PRO B 92 -22.39 -21.31 1.52
CA PRO B 92 -21.78 -22.44 0.82
C PRO B 92 -20.35 -22.19 0.39
N SER B 93 -20.00 -20.96 0.03
CA SER B 93 -18.66 -20.66 -0.43
C SER B 93 -17.63 -20.70 0.67
N ASP B 94 -18.04 -20.55 1.93
CA ASP B 94 -17.11 -20.28 3.00
C ASP B 94 -16.34 -21.55 3.37
N GLY B 95 -15.03 -21.52 3.20
CA GLY B 95 -14.18 -22.66 3.42
C GLY B 95 -13.91 -22.93 4.88
N ILE B 96 -12.76 -23.55 5.15
CA ILE B 96 -12.46 -23.98 6.51
C ILE B 96 -12.06 -22.81 7.37
N LEU B 97 -11.25 -21.90 6.83
CA LEU B 97 -10.74 -20.75 7.58
C LEU B 97 -11.85 -19.82 8.01
N ASP B 98 -12.89 -19.70 7.18
CA ASP B 98 -14.03 -18.87 7.53
C ASP B 98 -14.78 -19.44 8.71
N LYS B 99 -14.96 -20.76 8.75
CA LYS B 99 -15.64 -21.38 9.87
C LYS B 99 -14.81 -21.29 11.14
N THR B 100 -13.49 -21.42 11.02
CA THR B 100 -12.64 -21.31 12.20
C THR B 100 -12.65 -19.89 12.75
N ARG B 101 -12.67 -18.91 11.85
CA ARG B 101 -12.82 -17.53 12.27
C ARG B 101 -14.18 -17.29 12.91
N LYS B 102 -15.21 -17.98 12.43
CA LYS B 102 -16.53 -17.88 13.05
C LYS B 102 -16.56 -18.49 14.43
N ILE B 103 -15.74 -19.50 14.68
CA ILE B 103 -15.73 -20.06 16.02
C ILE B 103 -14.93 -19.18 16.97
N HIS B 104 -13.85 -18.58 16.48
CA HIS B 104 -13.00 -17.82 17.38
C HIS B 104 -13.24 -16.32 17.36
N ILE B 105 -13.88 -15.77 16.32
CA ILE B 105 -14.14 -14.33 16.32
C ILE B 105 -15.62 -14.04 16.19
N ASP B 106 -16.23 -14.46 15.09
CA ASP B 106 -17.64 -14.16 14.82
C ASP B 106 -18.54 -15.23 15.41
N TYR B 107 -18.46 -15.41 16.72
CA TYR B 107 -19.27 -16.44 17.34
C TYR B 107 -20.61 -15.94 17.80
N ILE B 108 -20.96 -14.71 17.45
CA ILE B 108 -22.27 -14.15 17.75
C ILE B 108 -22.86 -13.68 16.44
N CYS B 109 -24.14 -13.95 16.22
CA CYS B 109 -24.85 -13.39 15.08
C CYS B 109 -25.93 -12.45 15.59
N ASP B 110 -25.87 -11.19 15.13
CA ASP B 110 -26.99 -10.29 15.26
C ASP B 110 -28.17 -10.80 14.44
N PHE B 111 -29.32 -10.94 15.07
CA PHE B 111 -30.41 -11.58 14.35
C PHE B 111 -31.70 -10.82 14.58
N ILE B 112 -32.43 -10.58 13.49
CA ILE B 112 -33.67 -9.84 13.52
C ILE B 112 -34.81 -10.81 13.55
N PHE B 113 -35.59 -10.80 14.62
CA PHE B 113 -36.76 -11.64 14.66
C PHE B 113 -37.87 -11.04 13.81
N ASP B 114 -38.88 -11.86 13.53
CA ASP B 114 -39.97 -11.41 12.68
C ASP B 114 -40.98 -10.54 13.42
N ASP B 115 -40.93 -10.46 14.74
CA ASP B 115 -41.69 -9.45 15.47
C ASP B 115 -40.87 -8.18 15.71
N GLU B 116 -39.90 -7.93 14.83
CA GLU B 116 -39.16 -6.67 14.73
C GLU B 116 -38.39 -6.36 16.00
N ARG B 117 -37.47 -7.26 16.34
CA ARG B 117 -36.50 -6.98 17.37
C ARG B 117 -35.20 -7.71 17.04
N LEU B 118 -34.14 -7.26 17.67
CA LEU B 118 -32.79 -7.70 17.39
C LEU B 118 -32.21 -8.37 18.63
N GLU B 119 -31.72 -9.59 18.49
CA GLU B 119 -31.07 -10.27 19.59
C GLU B 119 -29.76 -10.86 19.12
N ASN B 120 -29.06 -11.49 20.05
CA ASN B 120 -27.71 -11.98 19.81
C ASN B 120 -27.72 -13.49 19.92
N ILE B 121 -27.72 -14.18 18.79
CA ILE B 121 -27.59 -15.62 18.78
C ILE B 121 -26.13 -15.97 19.08
N TYR B 122 -25.89 -16.59 20.22
CA TYR B 122 -24.54 -17.07 20.48
C TYR B 122 -24.33 -18.41 19.79
N LEU B 123 -23.08 -18.84 19.80
CA LEU B 123 -22.74 -20.22 19.51
C LEU B 123 -22.02 -20.87 20.68
N ILE B 124 -21.02 -20.22 21.22
CA ILE B 124 -20.18 -20.78 22.26
C ILE B 124 -20.18 -19.79 23.42
N ASP B 125 -20.77 -20.17 24.54
CA ASP B 125 -20.86 -19.23 25.64
C ASP B 125 -19.52 -19.07 26.34
N LYS B 126 -18.69 -18.15 25.85
CA LYS B 126 -17.29 -18.13 26.21
C LYS B 126 -17.01 -17.56 27.59
N LYS B 127 -18.01 -17.10 28.33
CA LYS B 127 -17.74 -16.61 29.67
C LYS B 127 -18.33 -17.49 30.76
N ASN B 128 -19.18 -18.45 30.42
CA ASN B 128 -19.65 -19.45 31.38
C ASN B 128 -19.71 -20.76 30.61
N LEU B 129 -18.62 -21.52 30.68
CA LEU B 129 -18.46 -22.69 29.82
C LEU B 129 -19.38 -23.83 30.20
N MET B 130 -19.85 -23.86 31.44
CA MET B 130 -20.71 -24.95 31.89
C MET B 130 -22.05 -24.95 31.18
N ARG B 131 -22.49 -23.80 30.68
CA ARG B 131 -23.80 -23.72 30.06
C ARG B 131 -23.82 -24.35 28.69
N ASN B 132 -22.67 -24.60 28.09
CA ASN B 132 -22.63 -25.29 26.81
C ASN B 132 -23.05 -26.73 26.98
N LYS B 133 -23.58 -27.31 25.91
CA LYS B 133 -24.02 -28.69 25.92
C LYS B 133 -23.19 -29.47 24.92
N VAL B 134 -22.68 -30.61 25.33
CA VAL B 134 -21.84 -31.44 24.49
C VAL B 134 -22.62 -32.69 24.10
N GLN B 135 -22.26 -33.24 22.95
CA GLN B 135 -22.82 -34.47 22.45
C GLN B 135 -21.71 -35.23 21.75
N ILE B 136 -21.93 -36.52 21.52
CA ILE B 136 -20.98 -37.33 20.78
C ILE B 136 -21.73 -38.10 19.71
N ILE B 137 -21.09 -38.29 18.56
CA ILE B 137 -21.60 -39.15 17.50
C ILE B 137 -20.44 -39.95 16.95
N GLN B 138 -20.79 -40.90 16.09
CA GLN B 138 -19.84 -41.46 15.15
C GLN B 138 -20.26 -41.04 13.75
N GLN B 139 -19.40 -41.36 12.78
CA GLN B 139 -19.62 -40.93 11.42
C GLN B 139 -20.73 -41.75 10.77
N PHE B 140 -21.16 -41.31 9.59
CA PHE B 140 -22.10 -42.10 8.81
C PHE B 140 -21.80 -41.90 7.32
N GLU B 141 -21.38 -42.96 6.64
CA GLU B 141 -20.94 -44.21 7.27
C GLU B 141 -19.60 -44.64 6.69
N ASN B 148 -12.77 -47.68 4.78
CA ASN B 148 -13.60 -47.10 5.83
C ASN B 148 -12.79 -46.78 7.07
N ARG B 149 -13.36 -45.99 7.97
CA ARG B 149 -12.70 -45.56 9.18
C ARG B 149 -13.65 -45.70 10.35
N TYR B 150 -13.07 -45.81 11.55
CA TYR B 150 -13.83 -45.81 12.79
C TYR B 150 -13.48 -44.52 13.52
N ASP B 151 -14.43 -43.60 13.60
CA ASP B 151 -14.19 -42.24 14.06
C ASP B 151 -15.17 -41.86 15.14
N VAL B 152 -14.73 -40.99 16.05
CA VAL B 152 -15.58 -40.47 17.09
C VAL B 152 -15.57 -38.96 16.98
N THR B 153 -16.72 -38.37 16.69
CA THR B 153 -16.83 -36.93 16.56
C THR B 153 -17.53 -36.40 17.79
N ILE B 154 -17.06 -35.27 18.31
CA ILE B 154 -17.67 -34.64 19.46
C ILE B 154 -18.29 -33.32 19.04
N LEU B 155 -19.60 -33.21 19.27
CA LEU B 155 -20.34 -32.01 18.97
C LEU B 155 -20.35 -31.11 20.19
N VAL B 156 -20.10 -29.82 19.98
CA VAL B 156 -20.33 -28.83 21.02
C VAL B 156 -21.51 -27.99 20.55
N ASN B 157 -22.62 -28.09 21.28
CA ASN B 157 -23.89 -27.47 20.93
C ASN B 157 -24.32 -27.84 19.52
N GLY B 158 -24.12 -29.10 19.16
CA GLY B 158 -24.43 -29.58 17.84
C GLY B 158 -23.38 -29.34 16.80
N LEU B 159 -22.39 -28.49 17.06
CA LEU B 159 -21.37 -28.23 16.07
C LEU B 159 -20.20 -29.18 16.25
N PRO B 160 -19.81 -29.92 15.23
CA PRO B 160 -18.66 -30.82 15.34
C PRO B 160 -17.36 -30.05 15.37
N LEU B 161 -16.57 -30.26 16.42
CA LEU B 161 -15.28 -29.63 16.58
C LEU B 161 -14.15 -30.64 16.69
N VAL B 162 -14.31 -31.65 17.52
CA VAL B 162 -13.25 -32.60 17.84
C VAL B 162 -13.48 -33.86 17.05
N GLN B 163 -12.43 -34.35 16.39
CA GLN B 163 -12.50 -35.56 15.58
C GLN B 163 -11.42 -36.53 16.01
N ILE B 164 -11.82 -37.61 16.65
CA ILE B 164 -10.89 -38.64 17.08
C ILE B 164 -10.86 -39.73 16.03
N GLU B 165 -9.66 -40.05 15.56
CA GLU B 165 -9.45 -41.18 14.67
C GLU B 165 -8.71 -42.29 15.39
N LEU B 166 -8.96 -43.53 14.95
CA LEU B 166 -8.37 -44.70 15.57
C LEU B 166 -7.64 -45.51 14.50
N LYS B 167 -6.56 -46.17 14.90
CA LYS B 167 -5.67 -46.82 13.96
C LYS B 167 -5.41 -48.27 14.35
N LYS B 168 -4.85 -49.01 13.40
CA LYS B 168 -4.34 -50.34 13.68
C LYS B 168 -3.10 -50.24 14.56
N ARG B 169 -3.02 -51.13 15.57
CA ARG B 169 -1.99 -51.00 16.61
C ARG B 169 -0.59 -51.24 16.07
N GLY B 170 -0.46 -52.04 15.01
CA GLY B 170 0.83 -52.20 14.41
C GLY B 170 1.30 -50.99 13.63
N VAL B 171 0.37 -50.13 13.21
CA VAL B 171 0.73 -48.98 12.40
C VAL B 171 1.39 -47.94 13.28
N ALA B 172 2.63 -47.58 12.96
CA ALA B 172 3.31 -46.50 13.63
C ALA B 172 2.62 -45.19 13.33
N ILE B 173 2.68 -44.28 14.30
CA ILE B 173 1.88 -43.07 14.25
C ILE B 173 2.35 -42.13 13.15
N ARG B 174 3.64 -42.18 12.81
CA ARG B 174 4.20 -41.31 11.79
C ARG B 174 3.67 -41.67 10.41
N GLU B 175 3.34 -42.95 10.20
CA GLU B 175 2.68 -43.35 8.97
C GLU B 175 1.16 -43.27 9.10
N ALA B 176 0.66 -43.44 10.34
CA ALA B 176 -0.77 -43.37 10.58
C ALA B 176 -1.33 -41.98 10.29
N PHE B 177 -0.50 -40.96 10.47
CA PHE B 177 -0.86 -39.61 10.03
C PHE B 177 -1.07 -39.53 8.53
N ASN B 178 -0.40 -40.36 7.75
CA ASN B 178 -0.47 -40.25 6.30
C ASN B 178 -1.61 -41.06 5.69
N GLN B 179 -2.65 -41.35 6.46
CA GLN B 179 -3.80 -42.06 5.91
C GLN B 179 -4.90 -41.13 5.43
N ILE B 180 -4.65 -39.82 5.41
CA ILE B 180 -5.61 -38.86 4.87
C ILE B 180 -5.27 -38.60 3.40
N GLU B 191 -21.93 -31.99 0.20
CA GLU B 191 -21.66 -32.76 1.41
C GLU B 191 -20.16 -32.96 1.65
N ASN B 192 -19.69 -32.69 2.85
CA ASN B 192 -20.52 -32.18 3.96
C ASN B 192 -20.39 -30.69 4.14
N SER B 193 -21.14 -30.18 5.11
CA SER B 193 -21.16 -28.76 5.44
C SER B 193 -20.67 -28.49 6.84
N LEU B 194 -21.24 -29.16 7.84
CA LEU B 194 -20.87 -28.88 9.21
C LEU B 194 -19.51 -29.44 9.58
N PHE B 195 -19.00 -30.40 8.82
CA PHE B 195 -17.69 -30.94 9.10
C PHE B 195 -16.56 -30.07 8.56
N LYS B 196 -16.85 -28.82 8.22
CA LYS B 196 -15.82 -27.82 8.04
C LYS B 196 -15.49 -27.09 9.33
N TYR B 197 -16.23 -27.34 10.39
CA TYR B 197 -16.05 -26.64 11.65
C TYR B 197 -14.98 -27.26 12.53
N LEU B 198 -14.21 -28.22 12.04
CA LEU B 198 -13.40 -29.02 12.93
C LEU B 198 -12.16 -28.27 13.37
N GLN B 199 -11.78 -28.47 14.63
CA GLN B 199 -10.66 -27.78 15.24
C GLN B 199 -9.53 -28.74 15.61
N LEU B 200 -9.82 -29.72 16.44
CA LEU B 200 -8.83 -30.66 16.95
C LEU B 200 -9.05 -32.00 16.29
N PHE B 201 -8.04 -32.49 15.62
CA PHE B 201 -8.01 -33.88 15.21
C PHE B 201 -7.15 -34.59 16.24
N VAL B 202 -7.74 -35.52 16.98
CA VAL B 202 -6.97 -36.35 17.89
C VAL B 202 -6.72 -37.68 17.20
N ILE B 203 -5.46 -38.04 17.03
CA ILE B 203 -5.10 -39.32 16.44
C ILE B 203 -4.49 -40.18 17.52
N SER B 204 -4.79 -41.47 17.47
CA SER B 204 -4.36 -42.41 18.50
C SER B 204 -4.43 -43.82 17.93
N ASN B 205 -3.84 -44.75 18.68
CA ASN B 205 -3.93 -46.17 18.33
C ASN B 205 -4.12 -47.05 19.55
N GLY B 206 -4.37 -46.47 20.73
CA GLY B 206 -4.39 -47.19 21.97
C GLY B 206 -3.11 -47.04 22.77
N THR B 207 -2.00 -46.76 22.10
CA THR B 207 -0.72 -46.61 22.76
C THR B 207 -0.22 -45.18 22.74
N ASP B 208 -0.20 -44.55 21.58
CA ASP B 208 0.25 -43.18 21.44
C ASP B 208 -0.96 -42.30 21.17
N THR B 209 -0.81 -41.00 21.43
CA THR B 209 -1.92 -40.06 21.23
C THR B 209 -1.36 -38.68 20.91
N ARG B 210 -1.70 -38.15 19.75
CA ARG B 210 -1.30 -36.79 19.40
C ARG B 210 -2.53 -36.00 18.96
N TYR B 211 -2.43 -34.68 19.02
CA TYR B 211 -3.56 -33.87 18.58
C TYR B 211 -3.11 -32.67 17.78
N PHE B 212 -3.68 -32.54 16.58
CA PHE B 212 -3.31 -31.55 15.58
C PHE B 212 -3.96 -30.21 15.89
N ALA B 213 -4.00 -29.34 14.90
CA ALA B 213 -4.80 -28.12 14.96
C ALA B 213 -5.26 -27.77 13.55
N ASN B 214 -6.45 -28.25 13.19
CA ASN B 214 -7.20 -27.84 11.99
C ASN B 214 -6.40 -28.12 10.70
N THR B 215 -6.27 -29.42 10.44
CA THR B 215 -5.94 -30.07 9.14
C THR B 215 -4.89 -29.33 8.30
N THR B 216 -3.81 -28.93 8.98
CA THR B 216 -2.78 -28.13 8.32
C THR B 216 -2.04 -28.88 7.21
N LYS B 217 -1.24 -29.88 7.56
CA LYS B 217 -0.17 -30.29 6.65
C LYS B 217 -0.05 -31.79 6.44
N ARG B 218 1.06 -32.22 5.87
CA ARG B 218 1.32 -33.62 5.54
C ARG B 218 2.71 -34.02 6.04
N ASP B 219 3.20 -35.15 5.54
CA ASP B 219 4.33 -35.90 6.10
C ASP B 219 5.64 -35.10 6.14
N LYS B 220 5.80 -34.12 5.26
CA LYS B 220 7.08 -33.44 5.13
C LYS B 220 7.42 -32.60 6.36
N ASN B 221 6.40 -32.14 7.07
CA ASN B 221 6.56 -31.38 8.30
C ASN B 221 5.55 -31.90 9.32
N SER B 222 5.55 -33.22 9.51
CA SER B 222 4.42 -33.88 10.13
C SER B 222 4.38 -33.69 11.64
N PHE B 223 5.35 -34.26 12.35
CA PHE B 223 5.28 -34.32 13.80
C PHE B 223 6.16 -33.27 14.44
N ASP B 224 6.40 -32.18 13.72
CA ASP B 224 6.95 -30.99 14.31
C ASP B 224 6.05 -30.43 15.41
N PHE B 225 4.74 -30.57 15.25
CA PHE B 225 3.77 -29.79 15.98
C PHE B 225 2.76 -30.63 16.74
N THR B 226 2.68 -31.92 16.44
CA THR B 226 1.68 -32.79 17.02
C THR B 226 2.06 -33.13 18.45
N MET B 227 1.36 -32.50 19.39
CA MET B 227 1.74 -32.49 20.79
C MET B 227 1.32 -33.79 21.48
N ASN B 228 1.51 -33.85 22.79
CA ASN B 228 0.98 -34.92 23.63
C ASN B 228 0.47 -34.30 24.92
N TRP B 229 -0.66 -34.76 25.39
CA TRP B 229 -1.18 -34.26 26.64
C TRP B 229 -0.37 -34.84 27.79
N ALA B 230 -0.28 -34.10 28.89
CA ALA B 230 0.62 -34.48 29.96
C ALA B 230 0.03 -34.12 31.31
N LYS B 231 0.74 -34.49 32.37
CA LYS B 231 0.48 -33.99 33.70
C LYS B 231 1.24 -32.69 33.89
N SER B 232 1.18 -32.13 35.09
CA SER B 232 1.78 -30.82 35.33
C SER B 232 3.28 -30.88 35.51
N ASP B 233 3.87 -32.05 35.72
CA ASP B 233 5.31 -32.19 35.80
C ASP B 233 5.90 -32.72 34.51
N ASN B 234 5.25 -32.42 33.39
CA ASN B 234 5.73 -32.65 32.04
C ASN B 234 5.90 -34.13 31.70
N THR B 235 5.35 -35.03 32.50
CA THR B 235 5.40 -36.44 32.19
C THR B 235 4.28 -36.77 31.22
N LEU B 236 4.62 -37.37 30.09
CA LEU B 236 3.67 -37.54 29.02
C LEU B 236 2.59 -38.56 29.36
N ILE B 237 1.42 -38.33 28.80
CA ILE B 237 0.28 -39.24 28.92
C ILE B 237 -0.06 -39.71 27.52
N LYS B 238 0.03 -41.00 27.29
CA LYS B 238 0.06 -41.49 25.93
C LYS B 238 -1.08 -42.42 25.57
N ASP B 239 -1.47 -43.30 26.48
CA ASP B 239 -2.50 -44.28 26.14
C ASP B 239 -3.87 -43.63 26.12
N LEU B 240 -4.81 -44.32 25.48
CA LEU B 240 -6.10 -43.71 25.20
C LEU B 240 -6.94 -43.58 26.46
N LYS B 241 -6.73 -44.47 27.43
CA LYS B 241 -7.55 -44.48 28.64
C LYS B 241 -7.28 -43.25 29.50
N ASP B 242 -6.00 -42.97 29.78
CA ASP B 242 -5.71 -41.81 30.60
C ASP B 242 -5.92 -40.51 29.84
N PHE B 243 -5.74 -40.54 28.52
CA PHE B 243 -6.05 -39.37 27.71
C PHE B 243 -7.53 -39.06 27.74
N THR B 244 -8.36 -40.09 27.72
CA THR B 244 -9.79 -39.89 27.84
C THR B 244 -10.16 -39.41 29.23
N ALA B 245 -9.50 -39.95 30.24
CA ALA B 245 -9.82 -39.57 31.61
C ALA B 245 -9.33 -38.18 31.96
N THR B 246 -8.38 -37.64 31.21
CA THR B 246 -7.76 -36.37 31.56
C THR B 246 -7.97 -35.26 30.57
N CYS B 247 -7.91 -35.54 29.27
CA CYS B 247 -8.11 -34.48 28.30
C CYS B 247 -9.58 -34.29 27.97
N PHE B 248 -10.36 -35.35 27.94
CA PHE B 248 -11.74 -35.28 27.51
C PHE B 248 -12.71 -35.02 28.65
N GLN B 249 -12.26 -34.43 29.74
CA GLN B 249 -13.20 -33.87 30.68
C GLN B 249 -13.89 -32.69 30.02
N LYS B 250 -15.19 -32.52 30.31
CA LYS B 250 -15.98 -31.49 29.66
C LYS B 250 -15.42 -30.11 29.93
N HIS B 251 -15.09 -29.86 31.20
CA HIS B 251 -14.46 -28.62 31.60
C HIS B 251 -13.13 -28.41 30.91
N THR B 252 -12.29 -29.44 30.89
CA THR B 252 -10.97 -29.30 30.31
C THR B 252 -11.02 -29.19 28.79
N LEU B 253 -11.86 -29.98 28.14
CA LEU B 253 -11.93 -29.93 26.69
C LEU B 253 -12.46 -28.60 26.19
N LEU B 254 -13.56 -28.13 26.78
CA LEU B 254 -14.09 -26.84 26.37
C LEU B 254 -13.13 -25.72 26.69
N ASN B 255 -12.48 -25.79 27.84
CA ASN B 255 -11.61 -24.71 28.27
C ASN B 255 -10.36 -24.63 27.40
N VAL B 256 -9.83 -25.79 27.00
CA VAL B 256 -8.70 -25.81 26.08
C VAL B 256 -9.11 -25.33 24.71
N LEU B 257 -10.23 -25.85 24.19
CA LEU B 257 -10.59 -25.60 22.80
C LEU B 257 -10.98 -24.15 22.59
N VAL B 258 -11.54 -23.50 23.60
CA VAL B 258 -12.01 -22.13 23.40
C VAL B 258 -11.05 -21.15 24.02
N ASN B 259 -10.74 -21.31 25.29
CA ASN B 259 -10.07 -20.25 26.01
C ASN B 259 -8.56 -20.31 25.86
N TYR B 260 -8.03 -21.27 25.11
CA TYR B 260 -6.58 -21.39 24.99
C TYR B 260 -6.13 -21.72 23.59
N SER B 261 -6.84 -21.23 22.58
CA SER B 261 -6.46 -21.51 21.20
C SER B 261 -6.52 -20.21 20.43
N VAL B 262 -5.40 -19.81 19.84
CA VAL B 262 -5.33 -18.52 19.17
C VAL B 262 -5.53 -18.74 17.68
N PHE B 263 -6.54 -18.10 17.12
CA PHE B 263 -6.65 -18.02 15.67
C PHE B 263 -5.87 -16.81 15.24
N ASP B 264 -4.60 -17.01 14.91
CA ASP B 264 -3.82 -15.86 14.53
C ASP B 264 -4.08 -15.56 13.07
N SER B 265 -3.61 -14.40 12.61
CA SER B 265 -3.95 -13.90 11.29
C SER B 265 -2.75 -14.03 10.35
N SER B 266 -2.85 -14.90 9.34
CA SER B 266 -3.93 -15.87 9.17
C SER B 266 -3.33 -17.21 8.86
N GLN B 267 -4.19 -18.16 8.46
CA GLN B 267 -3.82 -19.53 8.09
C GLN B 267 -3.11 -20.22 9.27
N THR B 268 -3.55 -19.87 10.48
CA THR B 268 -2.82 -20.24 11.70
C THR B 268 -3.84 -20.43 12.81
N LEU B 269 -3.99 -21.67 13.26
CA LEU B 269 -4.63 -21.96 14.54
C LEU B 269 -3.58 -22.56 15.46
N LEU B 270 -3.25 -21.85 16.52
CA LEU B 270 -2.22 -22.27 17.45
C LEU B 270 -2.87 -22.84 18.69
N VAL B 271 -2.56 -24.09 18.98
CA VAL B 271 -2.96 -24.74 20.22
C VAL B 271 -1.74 -24.85 21.10
N MET B 272 -1.87 -24.44 22.35
CA MET B 272 -0.73 -24.33 23.24
C MET B 272 -0.30 -25.71 23.73
N ARG B 273 1.01 -25.93 23.81
CA ARG B 273 1.53 -27.15 24.42
C ARG B 273 1.20 -27.14 25.91
N PRO B 274 1.01 -28.32 26.52
CA PRO B 274 0.44 -28.37 27.88
C PRO B 274 1.29 -27.76 28.98
N TYR B 275 2.61 -27.63 28.80
CA TYR B 275 3.37 -26.92 29.81
C TYR B 275 3.09 -25.42 29.81
N GLN B 276 2.52 -24.91 28.73
CA GLN B 276 2.13 -23.51 28.68
C GLN B 276 0.81 -23.28 29.39
N ILE B 277 -0.16 -24.15 29.12
CA ILE B 277 -1.47 -24.07 29.72
C ILE B 277 -1.36 -24.25 31.22
N ALA B 278 -0.42 -25.08 31.65
CA ALA B 278 -0.06 -25.19 33.06
C ALA B 278 0.26 -23.83 33.66
N ALA B 279 1.26 -23.14 33.11
CA ALA B 279 1.74 -21.90 33.68
C ALA B 279 0.69 -20.81 33.64
N THR B 280 -0.13 -20.80 32.59
CA THR B 280 -1.18 -19.80 32.48
C THR B 280 -2.22 -19.98 33.58
N GLU B 281 -2.67 -21.21 33.80
CA GLU B 281 -3.68 -21.36 34.83
C GLU B 281 -3.09 -21.24 36.23
N ARG B 282 -1.79 -21.50 36.41
CA ARG B 282 -1.17 -21.19 37.70
C ARG B 282 -1.17 -19.69 37.95
N ILE B 283 -0.86 -18.91 36.91
CA ILE B 283 -0.86 -17.45 37.02
C ILE B 283 -2.23 -16.93 37.39
N LEU B 284 -3.26 -17.40 36.70
CA LEU B 284 -4.58 -16.85 36.96
C LEU B 284 -5.12 -17.33 38.29
N TRP B 285 -4.80 -18.55 38.70
CA TRP B 285 -5.24 -19.01 40.00
C TRP B 285 -4.56 -18.25 41.11
N LYS B 286 -3.28 -17.90 40.94
CA LYS B 286 -2.58 -17.18 41.98
C LYS B 286 -3.12 -15.77 42.11
N ILE B 287 -3.45 -15.14 40.99
CA ILE B 287 -4.08 -13.81 41.04
C ILE B 287 -5.44 -13.90 41.71
N LYS B 288 -6.28 -14.80 41.21
CA LYS B 288 -7.68 -14.91 41.62
C LYS B 288 -7.81 -15.39 43.05
N SER B 289 -6.80 -16.06 43.59
CA SER B 289 -6.80 -16.47 44.99
C SER B 289 -5.93 -15.60 45.87
N SER B 290 -5.24 -14.63 45.30
CA SER B 290 -4.62 -13.61 46.12
C SER B 290 -5.53 -12.43 46.33
N PHE B 291 -6.38 -12.15 45.35
CA PHE B 291 -7.30 -11.01 45.47
C PHE B 291 -8.37 -11.25 46.51
N THR B 292 -8.78 -12.50 46.68
CA THR B 292 -9.70 -12.83 47.77
C THR B 292 -9.04 -12.62 49.12
N ALA B 293 -7.76 -12.99 49.24
CA ALA B 293 -7.04 -12.73 50.48
C ALA B 293 -6.70 -11.26 50.64
N LYS B 294 -6.71 -10.49 49.53
CA LYS B 294 -6.34 -9.07 49.49
C LYS B 294 -4.92 -8.86 50.03
N ASN B 295 -3.95 -9.42 49.30
CA ASN B 295 -2.60 -9.58 49.80
C ASN B 295 -1.59 -9.12 48.75
N TRP B 296 -1.81 -7.93 48.19
CA TRP B 296 -1.03 -7.45 47.07
C TRP B 296 0.35 -6.98 47.51
N SER B 297 1.22 -6.82 46.49
CA SER B 297 2.42 -5.99 46.54
C SER B 297 3.49 -6.50 47.50
N LYS B 298 3.39 -7.75 47.93
CA LYS B 298 4.33 -8.31 48.89
C LYS B 298 4.90 -9.60 48.32
N PRO B 299 6.15 -9.96 48.68
CA PRO B 299 6.87 -10.99 47.90
C PRO B 299 6.27 -12.39 47.94
N GLU B 300 5.28 -12.65 48.78
CA GLU B 300 4.55 -13.90 48.73
C GLU B 300 3.43 -13.86 47.70
N SER B 301 3.11 -12.69 47.15
CA SER B 301 2.00 -12.61 46.22
C SER B 301 2.40 -13.01 44.80
N GLY B 302 3.65 -12.79 44.43
CA GLY B 302 4.01 -12.92 43.04
C GLY B 302 4.36 -14.33 42.65
N GLY B 303 5.59 -14.52 42.17
CA GLY B 303 6.05 -15.80 41.70
C GLY B 303 6.75 -15.68 40.38
N TYR B 304 7.13 -16.83 39.83
CA TYR B 304 7.91 -16.80 38.61
C TYR B 304 7.76 -18.12 37.88
N ILE B 305 7.71 -18.02 36.57
CA ILE B 305 7.85 -19.15 35.67
C ILE B 305 9.27 -19.17 35.19
N TRP B 306 9.86 -20.35 35.11
CA TRP B 306 11.19 -20.51 34.55
C TRP B 306 11.10 -21.46 33.37
N HIS B 307 11.17 -20.89 32.17
CA HIS B 307 11.25 -21.68 30.96
C HIS B 307 12.69 -21.92 30.58
N THR B 308 12.90 -22.89 29.72
CA THR B 308 14.13 -22.94 28.97
C THR B 308 14.14 -21.83 27.94
N THR B 309 15.33 -21.52 27.44
CA THR B 309 15.44 -20.45 26.46
C THR B 309 15.10 -20.99 25.07
N GLY B 310 14.19 -20.31 24.37
CA GLY B 310 13.88 -20.69 23.02
C GLY B 310 12.98 -21.90 22.93
N SER B 311 11.76 -21.76 23.41
CA SER B 311 10.76 -22.79 23.24
C SER B 311 9.42 -22.25 22.75
N GLY B 312 9.36 -20.96 22.39
CA GLY B 312 8.11 -20.33 21.99
C GLY B 312 7.49 -19.54 23.12
N LYS B 313 8.30 -18.77 23.83
CA LYS B 313 7.87 -18.12 25.06
C LYS B 313 6.98 -16.92 24.84
N THR B 314 6.77 -16.48 23.60
CA THR B 314 5.98 -15.28 23.37
C THR B 314 4.50 -15.54 23.61
N LEU B 315 4.01 -16.68 23.11
CA LEU B 315 2.59 -16.97 23.15
C LEU B 315 2.11 -17.19 24.58
N THR B 316 2.98 -17.73 25.43
CA THR B 316 2.63 -17.94 26.83
C THR B 316 2.36 -16.63 27.53
N SER B 317 3.29 -15.69 27.41
CA SER B 317 3.12 -14.39 28.03
C SER B 317 1.96 -13.62 27.42
N PHE B 318 1.72 -13.81 26.12
CA PHE B 318 0.59 -13.18 25.46
C PHE B 318 -0.73 -13.64 26.06
N LYS B 319 -0.93 -14.96 26.13
CA LYS B 319 -2.21 -15.44 26.63
C LYS B 319 -2.37 -15.16 28.11
N ALA B 320 -1.26 -15.17 28.85
CA ALA B 320 -1.32 -14.83 30.27
C ALA B 320 -1.75 -13.39 30.47
N ALA B 321 -1.18 -12.48 29.69
CA ALA B 321 -1.56 -11.08 29.82
C ALA B 321 -2.98 -10.84 29.35
N ARG B 322 -3.39 -11.49 28.27
CA ARG B 322 -4.71 -11.24 27.70
C ARG B 322 -5.80 -11.78 28.62
N LEU B 323 -5.56 -12.91 29.27
CA LEU B 323 -6.52 -13.36 30.25
C LEU B 323 -6.38 -12.61 31.57
N ALA B 324 -5.24 -11.98 31.81
CA ALA B 324 -5.13 -11.12 32.98
C ALA B 324 -5.95 -9.86 32.83
N THR B 325 -6.12 -9.37 31.60
CA THR B 325 -6.95 -8.18 31.40
C THR B 325 -8.41 -8.46 31.68
N GLU B 326 -8.91 -9.62 31.28
CA GLU B 326 -10.34 -9.87 31.28
C GLU B 326 -10.84 -10.41 32.61
N LEU B 327 -10.07 -10.25 33.67
CA LEU B 327 -10.64 -10.19 35.00
C LEU B 327 -11.21 -8.79 35.21
N ASP B 328 -12.31 -8.72 35.95
CA ASP B 328 -13.02 -7.46 36.09
C ASP B 328 -12.26 -6.49 37.00
N PHE B 329 -11.80 -6.97 38.16
CA PHE B 329 -11.17 -6.06 39.11
C PHE B 329 -9.77 -5.66 38.68
N ILE B 330 -9.14 -6.41 37.78
CA ILE B 330 -7.81 -6.05 37.31
C ILE B 330 -7.91 -4.85 36.39
N ASP B 331 -7.16 -3.80 36.71
CA ASP B 331 -7.21 -2.61 35.89
C ASP B 331 -6.13 -2.60 34.82
N LYS B 332 -4.87 -2.54 35.22
CA LYS B 332 -3.80 -2.30 34.26
C LYS B 332 -2.83 -3.47 34.25
N VAL B 333 -2.41 -3.87 33.07
CA VAL B 333 -1.53 -5.01 32.88
C VAL B 333 -0.32 -4.52 32.10
N PHE B 334 0.81 -4.43 32.77
CA PHE B 334 2.05 -4.02 32.13
C PHE B 334 2.87 -5.23 31.75
N PHE B 335 3.61 -5.09 30.66
CA PHE B 335 4.29 -6.20 30.02
C PHE B 335 5.70 -5.72 29.69
N VAL B 336 6.61 -5.84 30.63
CA VAL B 336 7.89 -5.17 30.59
C VAL B 336 8.93 -6.10 30.01
N VAL B 337 9.89 -5.56 29.25
CA VAL B 337 11.02 -6.31 28.73
C VAL B 337 12.31 -5.54 29.01
N ASP B 338 13.42 -6.09 28.52
CA ASP B 338 14.72 -5.45 28.50
C ASP B 338 14.96 -4.86 27.11
N ARG B 339 15.98 -4.02 26.99
CA ARG B 339 16.37 -3.46 25.70
C ARG B 339 16.85 -4.56 24.76
N LYS B 340 16.56 -4.43 23.47
CA LYS B 340 15.77 -3.37 22.84
C LYS B 340 14.72 -4.10 22.00
N ASP B 341 14.02 -5.01 22.66
CA ASP B 341 13.18 -5.96 21.95
C ASP B 341 11.83 -5.39 21.56
N LEU B 342 11.54 -4.13 21.93
CA LEU B 342 10.16 -3.67 22.11
C LEU B 342 9.35 -3.70 20.82
N ASP B 343 9.96 -3.33 19.70
CA ASP B 343 9.20 -3.31 18.46
C ASP B 343 8.84 -4.72 18.00
N TYR B 344 9.69 -5.70 18.31
CA TYR B 344 9.47 -7.07 17.86
C TYR B 344 8.26 -7.69 18.52
N GLN B 345 8.18 -7.63 19.85
CA GLN B 345 6.96 -8.14 20.44
C GLN B 345 5.80 -7.19 20.29
N THR B 346 6.04 -5.91 19.98
CA THR B 346 4.91 -5.06 19.61
C THR B 346 4.28 -5.54 18.31
N MET B 347 5.07 -6.14 17.42
CA MET B 347 4.48 -6.94 16.35
C MET B 347 3.81 -8.21 16.86
N LYS B 348 4.52 -9.01 17.65
CA LYS B 348 4.08 -10.39 17.90
C LYS B 348 2.84 -10.45 18.78
N GLU B 349 2.73 -9.55 19.76
CA GLU B 349 1.50 -9.38 20.50
C GLU B 349 0.39 -8.88 19.59
N TYR B 350 0.71 -8.06 18.59
CA TYR B 350 -0.26 -7.60 17.61
C TYR B 350 -0.51 -8.61 16.51
N GLN B 351 0.09 -9.80 16.57
CA GLN B 351 -0.21 -10.81 15.55
C GLN B 351 -1.65 -11.29 15.64
N ARG B 352 -2.29 -11.15 16.81
CA ARG B 352 -3.74 -11.22 16.93
C ARG B 352 -4.25 -9.84 17.31
N PHE B 353 -4.70 -9.09 16.31
CA PHE B 353 -5.12 -7.71 16.50
C PHE B 353 -6.42 -7.64 17.30
N SER B 354 -6.55 -6.64 18.19
CA SER B 354 -5.58 -5.57 18.45
C SER B 354 -5.53 -5.21 19.92
N PRO B 355 -4.47 -5.63 20.61
CA PRO B 355 -4.33 -5.32 22.04
C PRO B 355 -3.81 -3.93 22.36
N ASP B 356 -3.58 -3.04 21.39
CA ASP B 356 -3.32 -1.61 21.59
C ASP B 356 -2.11 -1.32 22.48
N SER B 357 -1.19 -2.27 22.57
CA SER B 357 -0.04 -2.13 23.45
C SER B 357 1.02 -1.34 22.71
N VAL B 358 0.82 -0.04 22.66
CA VAL B 358 1.64 0.86 21.85
C VAL B 358 2.45 1.74 22.78
N ASN B 359 3.76 1.79 22.54
CA ASN B 359 4.64 2.75 23.20
C ASN B 359 5.81 3.02 22.26
N GLY B 360 5.70 4.09 21.48
CA GLY B 360 6.77 4.47 20.58
C GLY B 360 7.90 5.14 21.32
N SER B 361 7.54 6.02 22.27
CA SER B 361 8.50 6.72 23.10
C SER B 361 7.77 7.19 24.35
N GLU B 362 8.53 7.57 25.36
CA GLU B 362 7.93 8.03 26.61
C GLU B 362 7.66 9.52 26.52
N ASN B 363 6.66 9.86 25.72
CA ASN B 363 5.90 11.05 26.00
C ASN B 363 5.19 10.81 27.32
N THR B 364 5.65 11.47 28.39
CA THR B 364 5.13 11.15 29.71
C THR B 364 3.67 11.57 29.84
N ALA B 365 3.31 12.71 29.25
CA ALA B 365 1.89 13.04 29.11
C ALA B 365 1.20 12.08 28.16
N GLY B 366 1.90 11.64 27.10
CA GLY B 366 1.33 10.62 26.24
C GLY B 366 1.28 9.26 26.89
N LEU B 367 2.22 8.97 27.79
CA LEU B 367 2.18 7.70 28.49
C LEU B 367 1.03 7.67 29.49
N LYS B 368 0.81 8.77 30.20
CA LYS B 368 -0.36 8.78 31.09
C LYS B 368 -1.65 8.94 30.32
N ARG B 369 -1.59 9.46 29.09
CA ARG B 369 -2.73 9.34 28.19
C ARG B 369 -3.02 7.88 27.87
N ASN B 370 -1.97 7.11 27.61
CA ASN B 370 -2.12 5.67 27.38
C ASN B 370 -2.61 4.96 28.63
N LEU B 371 -2.24 5.47 29.80
CA LEU B 371 -2.81 4.99 31.05
C LEU B 371 -4.29 5.31 31.13
N ASP B 372 -4.69 6.43 30.55
CA ASP B 372 -6.10 6.83 30.57
C ASP B 372 -6.86 6.41 29.31
N LYS B 373 -6.15 6.10 28.23
CA LYS B 373 -6.78 5.48 27.06
C LYS B 373 -7.24 4.09 27.45
N ASP B 374 -8.55 3.92 27.63
CA ASP B 374 -9.10 2.85 28.45
C ASP B 374 -9.42 1.63 27.57
N ASP B 375 -10.04 0.63 28.20
CA ASP B 375 -10.74 -0.53 27.64
C ASP B 375 -9.81 -1.59 27.04
N ASN B 376 -8.53 -1.30 26.87
CA ASN B 376 -7.61 -2.28 26.31
C ASN B 376 -6.26 -2.01 26.97
N LYS B 377 -6.03 -2.70 28.08
CA LYS B 377 -5.16 -2.20 29.13
C LYS B 377 -3.92 -3.07 29.29
N ILE B 378 -3.42 -3.58 28.17
CA ILE B 378 -2.14 -4.26 28.10
C ILE B 378 -1.14 -3.31 27.47
N ILE B 379 0.01 -3.16 28.12
CA ILE B 379 0.97 -2.12 27.80
C ILE B 379 2.33 -2.77 27.66
N VAL B 380 2.94 -2.63 26.49
CA VAL B 380 4.32 -3.06 26.31
C VAL B 380 5.23 -1.87 26.55
N THR B 381 6.19 -2.04 27.45
CA THR B 381 7.11 -0.97 27.79
C THR B 381 8.46 -1.55 28.14
N THR B 382 9.49 -0.72 28.05
CA THR B 382 10.77 -1.17 28.52
C THR B 382 10.83 -1.03 30.03
N ILE B 383 11.91 -1.55 30.61
CA ILE B 383 12.19 -1.22 31.99
C ILE B 383 12.69 0.21 32.10
N GLN B 384 13.23 0.76 31.02
CA GLN B 384 13.72 2.14 31.04
C GLN B 384 12.58 3.14 30.99
N LYS B 385 11.53 2.84 30.23
CA LYS B 385 10.42 3.79 30.11
C LYS B 385 9.60 3.82 31.39
N LEU B 386 9.32 2.65 31.96
CA LEU B 386 8.71 2.60 33.29
C LEU B 386 9.64 3.19 34.34
N ASN B 387 10.94 3.01 34.16
CA ASN B 387 11.93 3.53 35.08
C ASN B 387 11.89 5.05 35.11
N ASN B 388 11.90 5.68 33.95
CA ASN B 388 11.79 7.13 33.88
C ASN B 388 10.40 7.62 34.23
N LEU B 389 9.38 6.77 34.11
CA LEU B 389 8.07 7.16 34.61
C LEU B 389 8.08 7.29 36.12
N MET B 390 8.72 6.33 36.80
CA MET B 390 8.84 6.42 38.24
C MET B 390 9.81 7.52 38.65
N LYS B 391 10.80 7.81 37.81
CA LYS B 391 11.73 8.89 38.10
C LYS B 391 11.05 10.24 38.01
N ALA B 392 10.46 10.54 36.85
CA ALA B 392 9.93 11.86 36.59
C ALA B 392 8.64 12.10 37.36
N GLU B 393 7.61 11.33 37.07
CA GLU B 393 6.35 11.51 37.76
C GLU B 393 6.38 10.81 39.11
N SER B 394 5.57 11.32 40.03
CA SER B 394 5.53 10.75 41.37
C SER B 394 4.13 10.60 41.95
N ASP B 395 3.10 11.22 41.37
CA ASP B 395 1.77 11.28 41.96
C ASP B 395 0.70 10.96 40.92
N LEU B 396 0.91 9.89 40.17
CA LEU B 396 0.01 9.53 39.09
C LEU B 396 -1.29 8.93 39.62
N PRO B 397 -2.40 9.07 38.87
CA PRO B 397 -3.67 8.49 39.33
C PRO B 397 -3.70 6.98 39.27
N VAL B 398 -2.86 6.36 38.46
CA VAL B 398 -2.93 4.92 38.26
C VAL B 398 -2.33 4.17 39.43
N TYR B 399 -1.56 4.84 40.30
CA TYR B 399 -0.77 4.19 41.35
C TYR B 399 -1.60 3.64 42.47
N ASN B 400 -2.93 3.65 42.39
CA ASN B 400 -3.77 3.06 43.42
C ASN B 400 -4.77 2.09 42.80
N GLN B 401 -4.57 1.71 41.55
CA GLN B 401 -5.46 0.81 40.86
C GLN B 401 -5.02 -0.62 41.11
N GLN B 402 -5.58 -1.56 40.37
CA GLN B 402 -5.15 -2.96 40.43
C GLN B 402 -4.22 -3.20 39.25
N VAL B 403 -2.94 -3.39 39.54
CA VAL B 403 -1.89 -3.38 38.53
C VAL B 403 -1.17 -4.72 38.56
N VAL B 404 -0.96 -5.30 37.39
CA VAL B 404 -0.29 -6.58 37.23
C VAL B 404 0.87 -6.39 36.27
N PHE B 405 2.09 -6.65 36.75
CA PHE B 405 3.28 -6.58 35.93
C PHE B 405 3.69 -7.97 35.48
N ILE B 406 4.17 -8.08 34.25
CA ILE B 406 4.72 -9.33 33.74
C ILE B 406 6.07 -9.03 33.11
N PHE B 407 7.12 -9.67 33.62
CA PHE B 407 8.48 -9.40 33.19
C PHE B 407 9.03 -10.54 32.36
N ASP B 408 10.10 -10.25 31.62
CA ASP B 408 10.76 -11.22 30.77
C ASP B 408 12.22 -10.83 30.62
N GLU B 409 13.07 -11.85 30.43
CA GLU B 409 14.52 -11.73 30.21
C GLU B 409 15.17 -10.95 31.36
N CYS B 410 15.09 -11.59 32.52
CA CYS B 410 15.53 -10.95 33.75
C CYS B 410 16.98 -11.26 34.09
N HIS B 411 17.88 -11.05 33.13
CA HIS B 411 19.28 -10.94 33.49
C HIS B 411 19.51 -9.57 34.11
N ARG B 412 20.42 -9.50 35.06
CA ARG B 412 20.41 -8.46 36.09
C ARG B 412 21.02 -7.14 35.65
N SER B 413 21.11 -6.86 34.35
CA SER B 413 21.78 -5.65 33.92
C SER B 413 20.91 -4.41 34.06
N GLN B 414 19.58 -4.56 33.95
CA GLN B 414 18.65 -3.42 33.97
C GLN B 414 17.47 -3.72 34.87
N PHE B 415 17.72 -4.18 36.08
CA PHE B 415 16.64 -4.73 36.91
C PHE B 415 16.64 -4.28 38.36
N GLY B 416 17.79 -3.92 38.94
CA GLY B 416 17.92 -3.79 40.38
C GLY B 416 17.16 -2.66 41.04
N GLU B 417 17.51 -1.43 40.69
CA GLU B 417 16.94 -0.26 41.36
C GLU B 417 15.47 -0.06 41.02
N ALA B 418 15.06 -0.50 39.84
CA ALA B 418 13.68 -0.29 39.40
C ALA B 418 12.70 -1.09 40.25
N GLN B 419 13.13 -2.23 40.77
CA GLN B 419 12.29 -2.97 41.71
C GLN B 419 12.12 -2.21 43.00
N LYS B 420 13.17 -1.54 43.46
CA LYS B 420 13.06 -0.71 44.66
C LYS B 420 12.14 0.48 44.43
N ASN B 421 12.24 1.09 43.25
CA ASN B 421 11.35 2.20 42.92
C ASN B 421 9.91 1.73 42.79
N LEU B 422 9.70 0.53 42.27
CA LEU B 422 8.36 0.00 42.13
C LEU B 422 7.77 -0.35 43.48
N LYS B 423 8.61 -0.83 44.41
CA LYS B 423 8.12 -1.06 45.76
C LYS B 423 7.85 0.25 46.49
N LYS B 424 8.56 1.32 46.12
CA LYS B 424 8.32 2.60 46.77
C LYS B 424 7.06 3.28 46.25
N LYS B 425 7.03 3.60 44.96
CA LYS B 425 6.04 4.51 44.41
C LYS B 425 4.79 3.82 43.90
N PHE B 426 4.56 2.57 44.26
CA PHE B 426 3.31 1.89 43.96
C PHE B 426 2.62 1.46 45.24
N LYS B 427 1.35 1.11 45.10
CA LYS B 427 0.57 0.73 46.27
C LYS B 427 -0.11 -0.62 46.13
N ARG B 428 -0.59 -0.99 44.95
CA ARG B 428 -1.26 -2.27 44.74
C ARG B 428 -0.74 -2.88 43.45
N TYR B 429 0.03 -3.96 43.56
CA TYR B 429 0.47 -4.64 42.36
C TYR B 429 0.63 -6.12 42.63
N TYR B 430 0.58 -6.87 41.54
CA TYR B 430 1.01 -8.25 41.47
C TYR B 430 2.10 -8.30 40.43
N GLN B 431 3.28 -8.78 40.77
CA GLN B 431 4.32 -8.92 39.76
C GLN B 431 4.64 -10.38 39.51
N PHE B 432 4.62 -10.77 38.24
CA PHE B 432 5.03 -12.08 37.79
C PHE B 432 6.22 -11.93 36.86
N GLY B 433 7.08 -12.93 36.87
CA GLY B 433 8.22 -12.89 35.99
C GLY B 433 8.48 -14.19 35.28
N PHE B 434 8.74 -14.11 33.98
CA PHE B 434 9.28 -15.25 33.28
C PHE B 434 10.79 -15.14 33.32
N THR B 435 11.45 -16.29 33.27
CA THR B 435 12.91 -16.24 33.29
C THR B 435 13.48 -17.46 32.58
N GLY B 436 14.76 -17.35 32.27
CA GLY B 436 15.55 -18.47 31.81
C GLY B 436 16.75 -18.59 32.72
N THR B 437 17.09 -17.49 33.40
CA THR B 437 18.23 -17.44 34.32
C THR B 437 17.70 -17.16 35.72
N PRO B 438 17.38 -18.18 36.49
CA PRO B 438 16.95 -17.96 37.87
C PRO B 438 18.17 -17.69 38.73
N ILE B 439 17.91 -17.37 39.98
CA ILE B 439 18.95 -17.16 40.98
C ILE B 439 18.53 -17.90 42.23
N PHE B 440 19.47 -18.59 42.86
CA PHE B 440 19.19 -19.45 44.00
C PHE B 440 20.10 -19.07 45.16
N PRO B 441 19.75 -19.47 46.38
CA PRO B 441 20.69 -19.30 47.50
C PRO B 441 21.94 -20.15 47.38
N GLU B 442 21.91 -21.17 46.51
CA GLU B 442 23.13 -21.84 46.09
C GLU B 442 24.09 -20.87 45.42
N ASN B 443 23.57 -19.88 44.72
CA ASN B 443 24.40 -18.83 44.16
C ASN B 443 24.71 -17.79 45.24
N ALA B 444 25.54 -16.81 44.88
CA ALA B 444 26.19 -15.93 45.86
C ALA B 444 26.47 -14.55 45.28
N LEU B 445 27.52 -13.90 45.79
CA LEU B 445 28.06 -12.62 45.30
C LEU B 445 27.17 -11.45 45.68
N GLY B 446 26.59 -11.50 46.89
CA GLY B 446 25.91 -10.37 47.46
C GLY B 446 24.64 -9.97 46.76
N SER B 447 24.03 -10.87 46.01
CA SER B 447 22.83 -10.58 45.27
C SER B 447 21.61 -11.03 46.07
N GLU B 448 20.45 -10.97 45.45
CA GLU B 448 19.21 -11.35 46.12
C GLU B 448 18.47 -12.32 45.22
N THR B 449 17.93 -13.37 45.82
CA THR B 449 17.37 -14.49 45.08
C THR B 449 16.08 -14.09 44.39
N THR B 450 15.66 -14.93 43.44
CA THR B 450 14.41 -14.70 42.75
C THR B 450 13.21 -14.88 43.66
N ALA B 451 13.25 -15.93 44.50
CA ALA B 451 12.12 -16.24 45.38
C ALA B 451 11.90 -15.15 46.41
N SER B 452 12.98 -14.51 46.87
CA SER B 452 12.83 -13.35 47.74
C SER B 452 12.46 -12.08 46.99
N VAL B 453 12.40 -12.13 45.67
CA VAL B 453 11.89 -11.03 44.88
C VAL B 453 10.54 -11.37 44.28
N PHE B 454 10.41 -12.54 43.67
CA PHE B 454 9.18 -12.91 43.00
C PHE B 454 8.30 -13.85 43.81
N GLY B 455 8.86 -14.91 44.36
CA GLY B 455 8.06 -15.76 45.24
C GLY B 455 8.13 -17.24 44.94
N ARG B 456 6.98 -17.85 44.74
CA ARG B 456 6.91 -19.28 44.52
C ARG B 456 7.41 -19.61 43.11
N GLU B 457 8.13 -20.71 42.99
CA GLU B 457 8.34 -21.27 41.67
C GLU B 457 7.01 -21.82 41.21
N LEU B 458 6.35 -21.13 40.29
CA LEU B 458 4.97 -21.47 40.03
C LEU B 458 4.87 -22.71 39.17
N HIS B 459 5.61 -22.74 38.06
CA HIS B 459 5.73 -23.89 37.20
C HIS B 459 6.96 -23.67 36.34
N SER B 460 7.65 -24.76 36.01
CA SER B 460 8.90 -24.63 35.29
C SER B 460 9.06 -25.76 34.30
N TYR B 461 9.80 -25.48 33.24
CA TYR B 461 9.97 -26.41 32.13
C TYR B 461 11.45 -26.44 31.82
N VAL B 462 12.14 -27.47 32.28
CA VAL B 462 13.57 -27.52 32.24
C VAL B 462 14.01 -28.41 31.10
N ILE B 463 15.31 -28.43 30.85
CA ILE B 463 15.87 -29.11 29.69
C ILE B 463 15.72 -30.62 29.79
N THR B 464 15.52 -31.16 31.00
CA THR B 464 15.36 -32.60 31.17
C THR B 464 14.08 -33.07 30.51
N ASP B 465 13.03 -32.27 30.62
CA ASP B 465 11.76 -32.62 30.01
C ASP B 465 11.87 -32.56 28.50
N ALA B 466 12.53 -31.53 27.97
CA ALA B 466 12.70 -31.39 26.53
C ALA B 466 13.59 -32.50 25.96
N ILE B 467 14.50 -33.01 26.77
CA ILE B 467 15.21 -34.23 26.41
C ILE B 467 14.23 -35.39 26.34
N ARG B 468 13.38 -35.53 27.35
CA ARG B 468 12.40 -36.61 27.35
C ARG B 468 11.35 -36.42 26.27
N ASP B 469 11.10 -35.18 25.88
CA ASP B 469 10.14 -34.92 24.82
C ASP B 469 10.69 -35.17 23.43
N GLU B 470 11.98 -35.52 23.32
CA GLU B 470 12.72 -35.64 22.07
C GLU B 470 12.63 -34.36 21.26
N LYS B 471 12.90 -33.25 21.92
CA LYS B 471 12.97 -31.95 21.29
C LYS B 471 14.40 -31.43 21.20
N VAL B 472 15.21 -31.73 22.21
CA VAL B 472 16.66 -31.51 22.13
C VAL B 472 17.31 -32.86 22.35
N LEU B 473 18.64 -32.89 22.39
CA LEU B 473 19.35 -34.16 22.54
C LEU B 473 20.17 -34.14 23.82
N LYS B 474 20.78 -35.29 24.11
CA LYS B 474 21.54 -35.48 25.34
C LYS B 474 22.94 -34.89 25.22
N PHE B 475 23.65 -34.88 26.34
CA PHE B 475 25.01 -34.39 26.38
C PHE B 475 26.00 -35.55 26.30
N LYS B 476 27.28 -35.22 26.26
CA LYS B 476 28.33 -36.17 26.62
C LYS B 476 29.52 -35.36 27.11
N VAL B 477 29.67 -35.27 28.41
CA VAL B 477 30.77 -34.52 29.00
C VAL B 477 31.99 -35.42 29.06
N ASP B 478 33.10 -34.96 28.51
CA ASP B 478 34.34 -35.73 28.55
C ASP B 478 35.45 -34.90 29.13
N TYR B 479 36.23 -35.51 30.01
CA TYR B 479 37.46 -34.91 30.49
C TYR B 479 38.61 -35.59 29.78
N ASN B 480 39.41 -34.81 29.04
CA ASN B 480 40.54 -35.38 28.32
C ASN B 480 41.70 -35.47 29.29
N ASP B 481 41.77 -36.60 30.00
CA ASP B 481 42.81 -36.84 31.00
C ASP B 481 44.05 -37.38 30.29
N VAL B 482 44.93 -36.47 29.87
CA VAL B 482 46.06 -36.88 29.05
C VAL B 482 47.37 -36.26 29.49
N ARG B 483 47.39 -35.22 30.32
CA ARG B 483 48.62 -34.51 30.64
C ARG B 483 48.92 -34.64 32.13
N PRO B 484 49.85 -35.52 32.52
CA PRO B 484 50.18 -35.65 33.93
C PRO B 484 50.94 -34.46 34.47
N GLN B 485 51.50 -33.62 33.60
CA GLN B 485 52.30 -32.51 34.05
C GLN B 485 51.46 -31.42 34.68
N PHE B 486 50.22 -31.24 34.20
CA PHE B 486 49.39 -30.12 34.64
C PHE B 486 48.10 -30.60 35.27
N LYS B 487 48.02 -31.88 35.64
CA LYS B 487 46.78 -32.48 36.13
C LYS B 487 46.35 -31.88 37.46
N SER B 488 47.30 -31.41 38.26
CA SER B 488 46.98 -30.73 39.51
C SER B 488 46.27 -29.42 39.24
N LEU B 489 46.69 -28.69 38.21
CA LEU B 489 46.16 -27.36 37.96
C LEU B 489 44.81 -27.43 37.29
N GLU B 490 44.61 -28.38 36.39
CA GLU B 490 43.34 -28.50 35.71
C GLU B 490 42.28 -29.21 36.53
N THR B 491 42.59 -29.57 37.77
CA THR B 491 41.63 -30.21 38.66
C THR B 491 41.52 -29.50 40.01
N GLU B 492 42.07 -28.30 40.13
CA GLU B 492 41.98 -27.58 41.40
C GLU B 492 40.58 -27.01 41.59
N THR B 493 40.06 -27.14 42.82
CA THR B 493 38.74 -26.65 43.14
C THR B 493 38.75 -25.24 43.73
N ASP B 494 39.92 -24.70 44.09
CA ASP B 494 39.99 -23.38 44.69
C ASP B 494 39.77 -22.35 43.60
N GLU B 495 38.61 -21.69 43.64
CA GLU B 495 38.29 -20.67 42.66
C GLU B 495 39.18 -19.44 42.83
N LYS B 496 39.62 -19.18 44.07
CA LYS B 496 40.61 -18.15 44.32
C LYS B 496 41.90 -18.46 43.58
N LYS B 497 42.32 -19.72 43.60
CA LYS B 497 43.48 -20.10 42.83
C LYS B 497 43.16 -20.34 41.36
N LEU B 498 41.90 -20.60 41.02
CA LEU B 498 41.51 -20.61 39.61
C LEU B 498 41.69 -19.25 38.98
N SER B 499 41.36 -18.20 39.73
CA SER B 499 41.68 -16.85 39.28
C SER B 499 43.18 -16.58 39.38
N ALA B 500 43.81 -17.07 40.45
CA ALA B 500 45.18 -16.70 40.75
C ALA B 500 46.20 -17.36 39.85
N ALA B 501 45.84 -18.47 39.19
CA ALA B 501 46.77 -19.18 38.32
C ALA B 501 46.70 -18.73 36.88
N GLU B 502 46.28 -17.48 36.64
CA GLU B 502 46.22 -16.97 35.27
C GLU B 502 47.56 -16.34 34.94
N ASN B 503 48.40 -17.08 34.24
CA ASN B 503 49.69 -16.59 33.79
C ASN B 503 50.12 -17.40 32.57
N GLN B 504 51.38 -17.27 32.19
CA GLN B 504 51.95 -18.04 31.10
C GLN B 504 52.50 -19.37 31.56
N GLN B 505 52.17 -19.79 32.77
CA GLN B 505 52.66 -21.05 33.32
C GLN B 505 51.54 -22.08 33.52
N ALA B 506 50.50 -21.71 34.27
CA ALA B 506 49.52 -22.71 34.69
C ALA B 506 48.50 -23.01 33.60
N PHE B 507 48.18 -22.04 32.75
CA PHE B 507 47.31 -22.32 31.63
C PHE B 507 47.93 -22.01 30.29
N LEU B 508 48.92 -21.14 30.25
CA LEU B 508 49.49 -20.71 28.98
C LEU B 508 50.93 -21.19 28.83
N HIS B 509 51.22 -22.36 29.39
CA HIS B 509 52.44 -23.06 29.04
C HIS B 509 52.35 -23.50 27.58
N PRO B 510 53.42 -23.35 26.81
CA PRO B 510 53.32 -23.59 25.36
C PRO B 510 53.08 -25.03 24.99
N MET B 511 53.62 -25.97 25.76
CA MET B 511 53.39 -27.38 25.43
C MET B 511 51.98 -27.80 25.78
N ARG B 512 51.37 -27.18 26.79
CA ARG B 512 49.96 -27.38 27.08
C ARG B 512 49.11 -27.03 25.88
N ILE B 513 49.34 -25.84 25.33
CA ILE B 513 48.60 -25.37 24.19
C ILE B 513 48.87 -26.26 22.98
N GLN B 514 50.12 -26.71 22.84
CA GLN B 514 50.46 -27.50 21.67
C GLN B 514 49.82 -28.88 21.73
N GLU B 515 49.81 -29.51 22.89
CA GLU B 515 49.23 -30.84 22.97
C GLU B 515 47.72 -30.79 22.85
N ILE B 516 47.09 -29.75 23.40
CA ILE B 516 45.66 -29.56 23.19
C ILE B 516 45.35 -29.34 21.71
N THR B 517 46.16 -28.52 21.05
CA THR B 517 45.92 -28.20 19.65
C THR B 517 46.17 -29.41 18.78
N GLN B 518 47.17 -30.21 19.14
CA GLN B 518 47.46 -31.42 18.41
C GLN B 518 46.33 -32.42 18.56
N TYR B 519 45.74 -32.49 19.75
CA TYR B 519 44.58 -33.34 19.97
C TYR B 519 43.42 -32.90 19.10
N ILE B 520 43.23 -31.58 18.99
CA ILE B 520 42.14 -31.05 18.18
C ILE B 520 42.36 -31.39 16.71
N LEU B 521 43.57 -31.19 16.23
CA LEU B 521 43.82 -31.44 14.82
C LEU B 521 43.90 -32.92 14.50
N ASN B 522 44.04 -33.78 15.50
CA ASN B 522 44.01 -35.21 15.23
C ASN B 522 42.64 -35.82 15.40
N ASN B 523 41.73 -35.21 16.17
CA ASN B 523 40.43 -35.82 16.36
C ASN B 523 39.28 -34.95 15.90
N PHE B 524 39.56 -33.88 15.16
CA PHE B 524 38.49 -33.06 14.64
C PHE B 524 37.63 -33.81 13.64
N ARG B 525 38.26 -34.44 12.64
CA ARG B 525 37.45 -35.17 11.69
C ARG B 525 36.90 -36.46 12.25
N GLN B 526 37.39 -36.91 13.40
CA GLN B 526 36.79 -38.09 14.01
C GLN B 526 35.54 -37.73 14.79
N LYS B 527 35.60 -36.67 15.59
CA LYS B 527 34.43 -36.27 16.35
C LYS B 527 33.31 -35.75 15.45
N THR B 528 33.66 -34.99 14.43
CA THR B 528 32.66 -34.35 13.59
C THR B 528 32.25 -35.19 12.40
N HIS B 529 32.40 -36.52 12.49
CA HIS B 529 31.94 -37.47 11.49
C HIS B 529 32.51 -37.23 10.11
N ARG B 530 33.70 -36.63 10.03
CA ARG B 530 34.38 -36.38 8.76
C ARG B 530 35.50 -37.36 8.52
N THR B 531 35.32 -38.62 8.91
CA THR B 531 36.31 -39.63 8.63
C THR B 531 36.33 -40.04 7.16
N PHE B 532 35.29 -39.68 6.41
CA PHE B 532 35.16 -40.02 5.01
C PHE B 532 35.07 -38.75 4.18
N PRO B 533 35.72 -38.71 3.02
CA PRO B 533 35.72 -37.47 2.24
C PRO B 533 34.36 -37.14 1.64
N GLY B 534 33.62 -38.13 1.19
CA GLY B 534 32.30 -37.90 0.64
C GLY B 534 31.22 -37.64 1.67
N SER B 535 31.54 -37.71 2.95
CA SER B 535 30.57 -37.47 4.00
C SER B 535 30.37 -35.98 4.22
N LYS B 536 29.29 -35.64 4.92
CA LYS B 536 28.93 -34.25 5.15
C LYS B 536 29.64 -33.68 6.38
N GLY B 537 29.41 -34.27 7.52
CA GLY B 537 30.08 -33.84 8.72
C GLY B 537 29.38 -32.71 9.43
N PHE B 538 30.06 -32.17 10.42
CA PHE B 538 29.58 -31.05 11.22
C PHE B 538 30.76 -30.15 11.51
N ASN B 539 30.59 -29.22 12.45
CA ASN B 539 31.68 -28.33 12.83
C ASN B 539 31.50 -27.87 14.25
N ALA B 540 32.57 -27.40 14.86
CA ALA B 540 32.65 -27.31 16.29
C ALA B 540 32.79 -25.87 16.76
N MET B 541 32.95 -25.71 18.06
CA MET B 541 33.39 -24.45 18.65
C MET B 541 34.65 -24.68 19.45
N LEU B 542 35.11 -23.61 20.10
CA LEU B 542 36.23 -23.67 21.02
C LEU B 542 36.09 -22.48 21.95
N ALA B 543 35.74 -22.75 23.20
CA ALA B 543 35.56 -21.69 24.18
C ALA B 543 36.80 -21.61 25.05
N VAL B 544 37.32 -20.40 25.22
CA VAL B 544 38.52 -20.22 26.02
C VAL B 544 38.17 -19.25 27.15
N SER B 545 39.17 -18.91 27.96
CA SER B 545 38.94 -18.05 29.12
C SER B 545 39.20 -16.58 28.80
N SER B 546 40.42 -16.25 28.42
CA SER B 546 40.79 -14.85 28.24
C SER B 546 41.15 -14.59 26.79
N VAL B 547 41.25 -13.30 26.48
CA VAL B 547 41.73 -12.86 25.18
C VAL B 547 43.20 -13.19 25.03
N ASP B 548 43.98 -12.97 26.10
CA ASP B 548 45.42 -13.22 26.06
C ASP B 548 45.72 -14.70 25.91
N ALA B 549 44.80 -15.55 26.34
CA ALA B 549 44.88 -16.96 26.00
C ALA B 549 44.57 -17.18 24.52
N ALA B 550 43.50 -16.55 24.05
CA ALA B 550 42.96 -16.84 22.73
C ALA B 550 43.89 -16.43 21.61
N LYS B 551 44.69 -15.38 21.85
CA LYS B 551 45.70 -14.99 20.87
C LYS B 551 46.74 -16.08 20.69
N ALA B 552 47.18 -16.67 21.81
CA ALA B 552 48.13 -17.76 21.76
C ALA B 552 47.53 -18.99 21.12
N TYR B 553 46.23 -19.24 21.39
CA TYR B 553 45.54 -20.37 20.76
C TYR B 553 45.52 -20.22 19.24
N TYR B 554 45.14 -19.04 18.76
CA TYR B 554 45.01 -18.86 17.32
C TYR B 554 46.37 -18.87 16.64
N ALA B 555 47.40 -18.31 17.29
CA ALA B 555 48.75 -18.40 16.76
C ALA B 555 49.26 -19.84 16.75
N THR B 556 48.84 -20.63 17.74
CA THR B 556 49.26 -22.02 17.80
C THR B 556 48.65 -22.82 16.67
N PHE B 557 47.38 -22.57 16.37
CA PHE B 557 46.77 -23.17 15.18
C PHE B 557 47.49 -22.74 13.91
N LYS B 558 47.83 -21.45 13.85
CA LYS B 558 48.49 -20.89 12.68
C LYS B 558 49.84 -21.54 12.43
N ARG B 559 50.54 -21.88 13.50
CA ARG B 559 51.83 -22.55 13.37
C ARG B 559 51.67 -24.03 13.05
N LEU B 560 50.77 -24.71 13.74
CA LEU B 560 50.70 -26.15 13.59
C LEU B 560 50.01 -26.59 12.32
N GLN B 561 49.17 -25.75 11.71
CA GLN B 561 48.66 -26.12 10.40
C GLN B 561 49.77 -26.09 9.35
N GLU B 562 50.70 -25.15 9.49
CA GLU B 562 51.88 -25.13 8.63
C GLU B 562 52.75 -26.36 8.87
N GLU B 563 52.95 -26.72 10.14
CA GLU B 563 53.77 -27.88 10.44
C GLU B 563 53.13 -29.18 9.97
N ALA B 564 51.80 -29.23 9.97
CA ALA B 564 51.11 -30.39 9.44
C ALA B 564 51.15 -30.41 7.91
N ALA B 565 51.14 -29.24 7.29
CA ALA B 565 51.29 -29.18 5.84
C ALA B 565 52.69 -29.59 5.41
N ASN B 566 53.68 -29.41 6.28
CA ASN B 566 55.06 -29.75 5.97
C ASN B 566 55.39 -31.22 6.24
N LYS B 567 54.39 -32.11 6.24
CA LYS B 567 54.66 -33.52 6.43
C LYS B 567 54.16 -34.40 5.31
N SER B 568 52.98 -34.11 4.76
CA SER B 568 52.47 -34.96 3.67
C SER B 568 51.92 -34.19 2.48
N ALA B 569 51.51 -32.93 2.64
CA ALA B 569 50.88 -32.08 1.62
C ALA B 569 49.60 -32.68 1.02
N THR B 570 49.01 -33.68 1.68
CA THR B 570 47.73 -34.24 1.30
C THR B 570 46.67 -33.90 2.33
N TYR B 571 47.11 -33.52 3.54
CA TYR B 571 46.23 -33.11 4.63
C TYR B 571 45.39 -31.91 4.26
N LYS B 572 44.08 -32.11 4.25
CA LYS B 572 43.15 -31.01 4.08
C LYS B 572 43.18 -30.16 5.34
N PRO B 573 43.50 -28.87 5.26
CA PRO B 573 43.52 -28.03 6.44
C PRO B 573 42.10 -27.61 6.82
N LEU B 574 42.02 -26.74 7.83
CA LEU B 574 40.74 -26.34 8.39
C LEU B 574 40.60 -24.83 8.31
N ARG B 575 39.36 -24.37 8.20
CA ARG B 575 39.07 -22.94 8.18
C ARG B 575 38.71 -22.51 9.59
N ILE B 576 39.50 -21.60 10.15
CA ILE B 576 39.40 -21.23 11.56
C ILE B 576 39.38 -19.72 11.65
N ALA B 577 38.49 -19.18 12.48
CA ALA B 577 38.44 -17.74 12.75
C ALA B 577 38.26 -17.52 14.25
N THR B 578 37.94 -16.27 14.60
CA THR B 578 37.77 -15.89 16.00
C THR B 578 36.97 -14.60 16.09
N ILE B 579 36.48 -14.34 17.31
CA ILE B 579 35.85 -13.06 17.65
C ILE B 579 35.90 -12.92 19.16
N PHE B 580 36.04 -11.68 19.63
CA PHE B 580 36.12 -11.30 21.04
C PHE B 580 36.09 -9.79 21.11
N SER B 581 35.31 -9.23 22.04
CA SER B 581 35.62 -7.82 22.28
C SER B 581 35.90 -7.43 23.72
N PHE B 582 34.83 -7.36 24.53
CA PHE B 582 34.85 -6.46 25.69
C PHE B 582 33.55 -6.54 26.46
N ALA B 583 33.53 -6.64 27.79
CA ALA B 583 34.62 -7.07 28.68
C ALA B 583 33.92 -7.80 29.79
N ALA B 584 34.70 -8.28 30.76
CA ALA B 584 34.14 -8.67 32.05
C ALA B 584 33.94 -7.36 32.82
N ASN B 585 32.79 -6.74 32.57
CA ASN B 585 32.60 -5.32 32.89
C ASN B 585 32.49 -5.11 34.39
N GLU B 586 31.47 -5.69 35.00
CA GLU B 586 31.24 -5.57 36.43
C GLU B 586 31.05 -6.97 36.97
N GLU B 587 30.69 -7.10 38.25
CA GLU B 587 30.34 -8.42 38.74
C GLU B 587 28.88 -8.73 38.43
N GLN B 588 27.99 -7.78 38.69
CA GLN B 588 26.70 -7.59 38.01
C GLN B 588 25.64 -8.66 38.30
N ASN B 589 26.02 -9.79 38.88
CA ASN B 589 25.11 -10.91 39.12
C ASN B 589 25.79 -11.90 40.07
N ALA B 590 25.18 -13.08 40.19
CA ALA B 590 25.69 -14.15 41.02
C ALA B 590 26.64 -15.03 40.22
N ILE B 591 27.02 -16.16 40.79
CA ILE B 591 27.76 -17.18 40.04
C ILE B 591 26.78 -17.89 39.11
N GLY B 592 27.09 -17.95 37.83
CA GLY B 592 28.26 -17.32 37.23
C GLY B 592 28.03 -17.41 35.74
N GLU B 593 28.16 -16.28 35.05
CA GLU B 593 27.62 -16.16 33.72
C GLU B 593 28.66 -15.59 32.77
N ILE B 594 28.35 -15.74 31.49
CA ILE B 594 29.08 -15.06 30.43
C ILE B 594 28.91 -13.56 30.64
N SER B 595 29.99 -12.81 30.49
CA SER B 595 29.88 -11.36 30.57
C SER B 595 29.18 -10.83 29.32
N ASP B 596 28.23 -9.92 29.53
CA ASP B 596 27.54 -9.28 28.42
C ASP B 596 28.52 -8.47 27.60
N GLU B 597 28.77 -8.91 26.36
CA GLU B 597 29.83 -8.33 25.57
C GLU B 597 29.29 -7.31 24.57
N THR B 598 29.86 -6.11 24.61
CA THR B 598 29.49 -5.01 23.76
C THR B 598 30.40 -4.95 22.55
N PHE B 599 30.30 -3.87 21.78
CA PHE B 599 30.84 -3.79 20.43
C PHE B 599 31.85 -2.67 20.27
N ASP B 600 32.30 -2.07 21.36
CA ASP B 600 33.27 -0.97 21.30
C ASP B 600 34.63 -1.55 21.00
N THR B 601 35.08 -1.38 19.75
CA THR B 601 36.42 -1.78 19.37
C THR B 601 37.49 -0.88 19.96
N SER B 602 37.12 0.33 20.36
CA SER B 602 38.05 1.25 21.00
C SER B 602 38.22 0.98 22.49
N ALA B 603 37.47 0.05 23.05
CA ALA B 603 37.52 -0.20 24.48
C ALA B 603 38.65 -1.14 24.88
N MET B 604 39.22 -1.89 23.94
CA MET B 604 40.30 -2.81 24.28
C MET B 604 41.62 -2.07 24.37
N ASP B 605 42.70 -2.82 24.51
CA ASP B 605 44.04 -2.24 24.49
C ASP B 605 44.54 -2.15 23.05
N SER B 606 45.83 -1.90 22.90
CA SER B 606 46.41 -1.89 21.57
C SER B 606 46.65 -3.30 21.05
N SER B 607 47.02 -4.22 21.93
CA SER B 607 47.50 -5.53 21.50
C SER B 607 46.36 -6.38 20.95
N ALA B 608 45.26 -6.47 21.69
CA ALA B 608 44.13 -7.28 21.23
C ALA B 608 43.45 -6.67 20.02
N LYS B 609 43.38 -5.34 19.97
CA LYS B 609 42.86 -4.66 18.80
C LYS B 609 43.71 -4.93 17.57
N GLU B 610 45.03 -4.92 17.76
CA GLU B 610 45.97 -5.23 16.68
C GLU B 610 45.79 -6.65 16.19
N PHE B 611 45.72 -7.59 17.13
CA PHE B 611 45.55 -9.01 16.79
C PHE B 611 44.24 -9.24 16.09
N LEU B 612 43.18 -8.57 16.55
CA LEU B 612 41.86 -8.70 15.94
C LEU B 612 41.85 -8.17 14.53
N ASP B 613 42.53 -7.03 14.31
CA ASP B 613 42.62 -6.48 12.97
C ASP B 613 43.40 -7.39 12.04
N ALA B 614 44.47 -8.00 12.54
CA ALA B 614 45.25 -8.93 11.72
C ALA B 614 44.44 -10.17 11.37
N ALA B 615 43.63 -10.65 12.31
CA ALA B 615 42.76 -11.78 12.04
C ALA B 615 41.69 -11.43 11.01
N ILE B 616 41.15 -10.21 11.10
CA ILE B 616 40.14 -9.78 10.14
C ILE B 616 40.75 -9.59 8.75
N ARG B 617 42.01 -9.17 8.69
CA ARG B 617 42.69 -9.06 7.40
C ARG B 617 42.91 -10.44 6.78
N GLU B 618 43.32 -11.42 7.59
CA GLU B 618 43.45 -12.78 7.09
C GLU B 618 42.09 -13.37 6.70
N TYR B 619 41.03 -12.93 7.38
CA TYR B 619 39.69 -13.37 7.04
C TYR B 619 39.26 -12.82 5.68
N ASN B 620 39.41 -11.51 5.50
CA ASN B 620 39.06 -10.82 4.25
C ASN B 620 39.90 -11.32 3.09
N SER B 621 41.13 -11.75 3.38
CA SER B 621 42.03 -12.26 2.36
C SER B 621 41.52 -13.54 1.71
N HIS B 622 40.67 -14.29 2.40
CA HIS B 622 40.06 -15.46 1.78
C HIS B 622 38.61 -15.25 1.41
N PHE B 623 37.84 -14.48 2.19
CA PHE B 623 36.41 -14.37 1.93
C PHE B 623 36.05 -13.12 1.14
N LYS B 624 37.03 -12.30 0.75
CA LYS B 624 36.86 -11.19 -0.19
C LYS B 624 35.88 -10.14 0.33
N THR B 625 36.01 -9.79 1.61
CA THR B 625 35.13 -8.80 2.20
C THR B 625 35.95 -7.61 2.69
N ASN B 626 35.25 -6.62 3.23
CA ASN B 626 35.88 -5.42 3.74
C ASN B 626 35.28 -5.06 5.09
N PHE B 627 35.18 -6.04 5.98
CA PHE B 627 34.76 -5.72 7.34
C PHE B 627 35.91 -5.01 8.05
N SER B 628 35.60 -3.92 8.70
CA SER B 628 36.61 -3.10 9.36
C SER B 628 36.58 -3.36 10.85
N THR B 629 37.33 -2.56 11.60
CA THR B 629 37.37 -2.64 13.05
C THR B 629 36.85 -1.37 13.70
N ASP B 630 35.89 -0.72 13.06
CA ASP B 630 35.08 0.29 13.74
C ASP B 630 33.92 -0.42 14.43
N SER B 631 32.90 0.35 14.84
CA SER B 631 31.68 -0.26 15.32
C SER B 631 30.96 -1.01 14.20
N ASN B 632 30.88 -0.40 13.02
CA ASN B 632 29.98 -0.93 11.99
C ASN B 632 30.60 -2.11 11.27
N GLY B 633 31.90 -2.07 11.00
CA GLY B 633 32.55 -3.20 10.36
C GLY B 633 32.59 -4.41 11.27
N PHE B 634 32.80 -4.20 12.58
CA PHE B 634 32.78 -5.29 13.52
C PHE B 634 31.37 -5.87 13.68
N GLN B 635 30.37 -4.99 13.68
CA GLN B 635 28.98 -5.45 13.75
C GLN B 635 28.63 -6.31 12.55
N ASN B 636 28.97 -5.84 11.36
CA ASN B 636 28.68 -6.61 10.16
C ASN B 636 29.53 -7.88 10.09
N TYR B 637 30.73 -7.84 10.68
CA TYR B 637 31.55 -9.03 10.77
C TYR B 637 30.90 -10.09 11.63
N TYR B 638 30.33 -9.69 12.77
CA TYR B 638 29.60 -10.61 13.62
C TYR B 638 28.37 -11.15 12.92
N ARG B 639 27.64 -10.28 12.23
CA ARG B 639 26.42 -10.66 11.54
C ARG B 639 26.68 -11.57 10.34
N ASP B 640 27.89 -11.55 9.79
CA ASP B 640 28.25 -12.52 8.78
C ASP B 640 28.83 -13.79 9.36
N LEU B 641 29.57 -13.66 10.45
CA LEU B 641 30.17 -14.81 11.11
C LEU B 641 29.09 -15.75 11.63
N ALA B 642 27.97 -15.20 12.09
CA ALA B 642 26.85 -16.03 12.47
C ALA B 642 26.15 -16.68 11.28
N GLN B 643 26.43 -16.22 10.07
CA GLN B 643 25.86 -16.83 8.88
C GLN B 643 26.76 -17.91 8.31
N ARG B 644 28.07 -17.72 8.38
CA ARG B 644 28.97 -18.66 7.72
C ARG B 644 29.17 -19.93 8.51
N VAL B 645 28.96 -19.90 9.83
CA VAL B 645 29.01 -21.13 10.61
C VAL B 645 27.82 -22.00 10.26
N LYS B 646 26.69 -21.38 9.95
CA LYS B 646 25.43 -22.09 9.79
C LYS B 646 25.39 -22.93 8.52
N ASN B 647 26.28 -22.69 7.57
CA ASN B 647 26.33 -23.46 6.33
C ASN B 647 27.70 -24.07 6.08
N GLN B 648 28.42 -24.38 7.16
CA GLN B 648 29.66 -25.18 7.14
C GLN B 648 30.76 -24.57 6.31
N ASP B 649 30.90 -23.24 6.39
CA ASP B 649 32.09 -22.64 5.80
C ASP B 649 33.27 -22.77 6.74
N ILE B 650 33.11 -22.24 7.94
CA ILE B 650 34.14 -22.27 8.96
C ILE B 650 33.98 -23.55 9.75
N ASP B 651 35.08 -24.21 10.05
CA ASP B 651 35.00 -25.50 10.74
C ASP B 651 35.30 -25.40 12.22
N LEU B 652 35.98 -24.35 12.66
CA LEU B 652 36.24 -24.22 14.08
C LEU B 652 36.28 -22.74 14.41
N LEU B 653 35.70 -22.38 15.54
CA LEU B 653 35.54 -20.98 15.91
C LEU B 653 36.04 -20.76 17.33
N ILE B 654 37.14 -20.06 17.46
CA ILE B 654 37.66 -19.67 18.76
C ILE B 654 36.75 -18.58 19.30
N VAL B 655 36.40 -18.69 20.59
CA VAL B 655 35.33 -17.90 21.19
C VAL B 655 35.71 -17.56 22.62
N VAL B 656 35.57 -16.29 22.99
CA VAL B 656 35.65 -15.95 24.40
C VAL B 656 34.25 -15.98 25.01
N GLY B 657 33.37 -15.09 24.57
CA GLY B 657 32.05 -15.00 25.15
C GLY B 657 30.87 -15.09 24.19
N MET B 658 31.09 -14.74 22.93
CA MET B 658 29.99 -14.62 21.99
C MET B 658 29.48 -16.00 21.56
N PHE B 659 28.33 -15.99 20.89
CA PHE B 659 27.66 -17.18 20.34
C PHE B 659 27.27 -18.21 21.39
N LEU B 660 27.29 -17.86 22.66
CA LEU B 660 27.04 -18.83 23.71
C LEU B 660 25.61 -18.79 24.23
N THR B 661 24.87 -17.74 23.92
CA THR B 661 23.45 -17.70 24.26
C THR B 661 22.56 -17.61 23.03
N GLY B 662 22.81 -16.64 22.15
CA GLY B 662 21.89 -16.37 21.06
C GLY B 662 22.07 -17.24 19.84
N PHE B 663 23.22 -17.88 19.69
CA PHE B 663 23.50 -18.64 18.49
C PHE B 663 22.80 -19.99 18.54
N ASP B 664 22.41 -20.48 17.36
CA ASP B 664 21.63 -21.70 17.25
C ASP B 664 21.83 -22.29 15.87
N ALA B 665 22.40 -23.49 15.81
CA ALA B 665 22.66 -24.12 14.53
C ALA B 665 22.43 -25.62 14.63
N PRO B 666 21.89 -26.24 13.58
CA PRO B 666 21.59 -27.68 13.65
C PRO B 666 22.75 -28.56 13.27
N THR B 667 23.88 -28.00 12.86
CA THR B 667 24.99 -28.82 12.40
C THR B 667 26.24 -28.53 13.22
N LEU B 668 26.05 -28.09 14.45
CA LEU B 668 27.16 -27.88 15.38
C LEU B 668 26.97 -28.86 16.51
N ASN B 669 27.81 -29.90 16.56
CA ASN B 669 27.62 -30.96 17.55
C ASN B 669 28.80 -31.10 18.50
N THR B 670 29.69 -30.13 18.56
CA THR B 670 30.91 -30.36 19.30
C THR B 670 31.38 -29.09 19.94
N LEU B 671 31.57 -29.13 21.24
CA LEU B 671 32.05 -27.97 21.95
C LEU B 671 33.32 -28.34 22.69
N PHE B 672 34.43 -27.71 22.31
CA PHE B 672 35.68 -27.84 23.03
C PHE B 672 35.78 -26.71 24.03
N VAL B 673 36.14 -27.02 25.25
CA VAL B 673 36.09 -26.06 26.34
C VAL B 673 37.45 -25.98 27.01
N ASP B 674 37.94 -24.75 27.19
CA ASP B 674 38.93 -24.48 28.24
C ASP B 674 38.41 -23.26 28.98
N LYS B 675 37.51 -23.49 29.93
CA LYS B 675 36.85 -22.38 30.59
C LYS B 675 36.24 -22.90 31.88
N ASN B 676 35.99 -21.99 32.82
CA ASN B 676 35.37 -22.35 34.08
C ASN B 676 33.87 -22.08 34.00
N LEU B 677 33.20 -22.91 33.21
CA LEU B 677 31.75 -22.80 33.05
C LEU B 677 31.06 -23.27 34.32
N ARG B 678 30.22 -22.41 34.89
CA ARG B 678 29.55 -22.78 36.13
C ARG B 678 28.04 -22.59 35.99
N TYR B 679 27.32 -22.66 37.12
CA TYR B 679 26.09 -23.43 37.28
C TYR B 679 25.16 -23.48 36.08
N HIS B 680 24.63 -22.34 35.66
CA HIS B 680 23.70 -22.39 34.54
C HIS B 680 24.12 -21.47 33.41
N GLY B 681 25.28 -20.84 33.52
CA GLY B 681 25.99 -20.48 32.31
C GLY B 681 26.51 -21.72 31.63
N LEU B 682 26.82 -22.75 32.43
CA LEU B 682 27.22 -24.04 31.90
C LEU B 682 26.14 -24.67 31.06
N MET B 683 24.88 -24.51 31.46
CA MET B 683 23.80 -25.18 30.74
C MET B 683 23.56 -24.52 29.40
N GLN B 684 23.63 -23.19 29.37
CA GLN B 684 23.56 -22.48 28.10
C GLN B 684 24.75 -22.80 27.22
N ALA B 685 25.91 -23.00 27.84
CA ALA B 685 27.11 -23.33 27.07
C ALA B 685 26.98 -24.70 26.44
N PHE B 686 26.43 -25.66 27.17
CA PHE B 686 26.32 -27.00 26.60
C PHE B 686 25.15 -27.07 25.64
N SER B 687 24.15 -26.22 25.82
CA SER B 687 22.92 -26.28 25.04
C SER B 687 23.08 -25.79 23.63
N ARG B 688 24.25 -25.28 23.27
CA ARG B 688 24.48 -24.80 21.92
C ARG B 688 24.76 -25.92 20.94
N THR B 689 24.72 -27.18 21.37
CA THR B 689 25.09 -28.30 20.51
C THR B 689 23.92 -29.18 20.13
N ASN B 690 23.05 -29.51 21.07
CA ASN B 690 22.20 -30.68 20.96
C ASN B 690 20.86 -30.43 20.27
N ARG B 691 20.78 -29.47 19.37
CA ARG B 691 19.55 -29.30 18.61
C ARG B 691 19.45 -30.39 17.56
N ILE B 692 18.24 -30.87 17.33
CA ILE B 692 18.05 -32.10 16.57
C ILE B 692 18.24 -31.83 15.09
N TYR B 693 18.84 -32.79 14.40
CA TYR B 693 19.00 -32.68 12.95
C TYR B 693 18.34 -33.82 12.19
N ASP B 694 18.73 -35.06 12.46
CA ASP B 694 18.14 -36.25 11.86
C ASP B 694 18.49 -37.46 12.73
N ALA B 695 18.34 -38.64 12.16
CA ALA B 695 18.73 -39.86 12.88
C ALA B 695 20.23 -40.00 13.05
N THR B 696 21.04 -39.26 12.29
CA THR B 696 22.49 -39.41 12.41
C THR B 696 23.00 -38.75 13.68
N LYS B 697 22.72 -37.47 13.84
CA LYS B 697 23.12 -36.78 15.06
C LYS B 697 22.29 -37.29 16.22
N THR B 698 22.96 -37.71 17.29
CA THR B 698 22.28 -38.34 18.42
C THR B 698 22.46 -37.60 19.73
N PHE B 699 23.64 -37.06 20.00
CA PHE B 699 23.86 -36.28 21.21
C PHE B 699 25.04 -35.35 20.97
N GLY B 700 25.36 -34.55 21.98
CA GLY B 700 26.34 -33.50 21.81
C GLY B 700 27.65 -33.70 22.52
N ASN B 701 28.74 -33.71 21.76
CA ASN B 701 30.05 -34.04 22.30
C ASN B 701 30.65 -32.81 22.96
N ILE B 702 30.61 -32.78 24.29
CA ILE B 702 31.32 -31.75 25.03
C ILE B 702 32.68 -32.34 25.36
N VAL B 703 33.73 -31.76 24.83
CA VAL B 703 35.08 -32.18 25.14
C VAL B 703 35.72 -31.06 25.95
N THR B 704 35.99 -31.33 27.21
CA THR B 704 36.50 -30.31 28.11
C THR B 704 37.99 -30.51 28.30
N PHE B 705 38.61 -29.55 28.96
CA PHE B 705 40.02 -29.68 29.30
C PHE B 705 40.31 -29.17 30.71
N ARG B 706 39.28 -29.04 31.54
CA ARG B 706 39.45 -28.78 32.95
C ARG B 706 38.45 -29.66 33.70
N ASP B 707 38.56 -29.70 35.02
CA ASP B 707 37.69 -30.53 35.84
C ASP B 707 36.29 -29.94 35.83
N LEU B 708 35.37 -30.57 35.09
CA LEU B 708 34.03 -30.04 34.96
C LEU B 708 32.93 -31.06 35.24
N GLU B 709 33.28 -32.31 35.54
CA GLU B 709 32.23 -33.30 35.77
C GLU B 709 31.53 -33.08 37.10
N ARG B 710 32.30 -32.73 38.14
CA ARG B 710 31.68 -32.40 39.42
C ARG B 710 30.85 -31.13 39.30
N SER B 711 31.32 -30.18 38.49
CA SER B 711 30.54 -28.98 38.20
C SER B 711 29.25 -29.33 37.48
N THR B 712 29.32 -30.29 36.56
CA THR B 712 28.14 -30.73 35.83
C THR B 712 27.12 -31.37 36.74
N ILE B 713 27.58 -32.24 37.65
CA ILE B 713 26.69 -32.90 38.58
C ILE B 713 26.07 -31.88 39.54
N ASP B 714 26.87 -30.92 39.98
CA ASP B 714 26.35 -29.90 40.89
C ASP B 714 25.38 -28.96 40.19
N ALA B 715 25.53 -28.78 38.89
CA ALA B 715 24.60 -27.94 38.14
C ALA B 715 23.29 -28.66 37.88
N ILE B 716 23.35 -29.93 37.51
CA ILE B 716 22.11 -30.67 37.27
C ILE B 716 21.44 -31.06 38.59
N THR B 717 22.15 -30.94 39.71
CA THR B 717 21.53 -31.06 41.02
C THR B 717 20.47 -29.97 41.23
N LEU B 718 20.68 -28.80 40.63
CA LEU B 718 19.75 -27.69 40.75
C LEU B 718 18.38 -27.99 40.14
N PHE B 719 18.31 -28.94 39.20
CA PHE B 719 17.02 -29.26 38.61
C PHE B 719 16.16 -30.08 39.56
N GLY B 720 16.66 -31.24 39.98
CA GLY B 720 15.84 -32.18 40.71
C GLY B 720 16.60 -33.35 41.31
N ASP B 721 16.07 -34.56 41.13
CA ASP B 721 16.58 -35.75 41.81
C ASP B 721 17.88 -36.25 41.17
N LYS B 722 18.34 -37.41 41.65
CA LYS B 722 19.53 -38.06 41.11
C LYS B 722 19.20 -39.11 40.06
N ASN B 723 17.93 -39.24 39.68
CA ASN B 723 17.58 -39.91 38.44
C ASN B 723 17.84 -39.03 37.23
N THR B 724 18.13 -37.75 37.47
CA THR B 724 18.20 -36.78 36.40
C THR B 724 19.44 -37.00 35.53
N LYS B 725 20.59 -37.24 36.17
CA LYS B 725 21.81 -37.52 35.42
C LYS B 725 21.75 -38.85 34.69
N ASN B 726 20.85 -39.74 35.10
CA ASN B 726 20.59 -40.94 34.32
C ASN B 726 19.76 -40.64 33.09
N VAL B 727 19.11 -39.48 33.05
CA VAL B 727 18.30 -39.08 31.91
C VAL B 727 19.02 -38.05 31.05
N VAL B 728 19.69 -37.09 31.68
CA VAL B 728 20.25 -35.97 30.95
C VAL B 728 21.48 -36.37 30.16
N LEU B 729 22.49 -36.92 30.82
CA LEU B 729 23.80 -36.87 30.18
C LEU B 729 24.02 -37.98 29.17
N GLU B 730 24.39 -39.17 29.63
CA GLU B 730 24.80 -40.27 28.75
C GLU B 730 25.17 -41.48 29.58
N LYS B 731 25.01 -42.68 29.03
CA LYS B 731 25.56 -43.85 29.69
C LYS B 731 27.04 -43.99 29.32
N SER B 732 27.75 -44.80 30.10
CA SER B 732 29.19 -44.92 29.94
C SER B 732 29.52 -45.79 28.73
N TYR B 733 30.82 -45.80 28.39
CA TYR B 733 31.30 -46.51 27.21
C TYR B 733 31.08 -48.01 27.30
N THR B 734 31.39 -48.58 28.46
CA THR B 734 31.28 -50.03 28.65
C THR B 734 29.84 -50.47 28.55
N GLU B 735 28.90 -49.61 28.93
CA GLU B 735 27.49 -49.97 28.90
C GLU B 735 26.96 -50.00 27.49
N TYR B 736 27.57 -49.27 26.56
CA TYR B 736 27.20 -49.45 25.16
C TYR B 736 27.98 -50.58 24.53
N MET B 737 29.17 -50.90 25.07
CA MET B 737 29.90 -52.03 24.54
C MET B 737 29.21 -53.34 24.86
N GLU B 738 28.71 -53.47 26.08
CA GLU B 738 28.26 -54.75 26.62
C GLU B 738 26.76 -54.96 26.42
N GLY B 739 25.96 -54.10 27.01
CA GLY B 739 24.53 -54.31 27.14
C GLY B 739 24.13 -53.98 28.55
N PHE B 740 22.86 -53.63 28.74
CA PHE B 740 22.39 -53.19 30.04
C PHE B 740 20.88 -53.39 30.14
N THR B 741 20.36 -52.97 31.29
CA THR B 741 18.94 -52.78 31.52
C THR B 741 18.76 -51.36 31.99
N ASP B 742 17.98 -50.56 31.27
CA ASP B 742 17.87 -49.14 31.57
C ASP B 742 17.00 -48.93 32.80
N ALA B 743 17.52 -48.13 33.74
CA ALA B 743 16.75 -47.67 34.88
C ALA B 743 15.87 -46.47 34.55
N ALA B 744 15.87 -46.02 33.30
CA ALA B 744 15.04 -44.90 32.87
C ALA B 744 13.78 -45.33 32.13
N THR B 745 13.82 -46.48 31.44
CA THR B 745 12.65 -46.93 30.70
C THR B 745 12.38 -48.42 30.81
N GLY B 746 13.18 -49.19 31.55
CA GLY B 746 12.90 -50.59 31.74
C GLY B 746 13.18 -51.47 30.55
N GLU B 747 13.88 -50.98 29.54
CA GLU B 747 14.31 -51.82 28.42
C GLU B 747 15.50 -52.67 28.83
N ALA B 748 15.89 -53.58 27.96
CA ALA B 748 17.06 -54.45 28.18
C ALA B 748 17.89 -54.45 26.90
N LYS B 749 18.83 -53.50 26.80
CA LYS B 749 19.58 -53.35 25.56
C LYS B 749 20.71 -54.36 25.47
N ARG B 750 21.13 -54.61 24.23
CA ARG B 750 22.07 -55.68 23.95
C ARG B 750 23.51 -55.21 23.75
N GLY B 751 23.76 -53.91 23.75
CA GLY B 751 25.13 -53.42 23.67
C GLY B 751 25.73 -53.63 22.29
N PHE B 752 27.02 -53.88 22.27
CA PHE B 752 27.72 -53.95 20.99
C PHE B 752 28.30 -55.32 20.69
N MET B 753 29.11 -55.87 21.59
CA MET B 753 29.82 -57.11 21.30
C MET B 753 28.88 -58.29 21.17
N THR B 754 27.73 -58.21 21.84
CA THR B 754 26.69 -59.22 21.67
C THR B 754 26.14 -59.17 20.25
N VAL B 755 25.94 -57.98 19.71
CA VAL B 755 25.46 -57.84 18.34
C VAL B 755 26.49 -58.37 17.36
N VAL B 756 27.77 -58.15 17.66
CA VAL B 756 28.85 -58.66 16.83
C VAL B 756 28.88 -60.18 16.85
N SER B 757 28.66 -60.77 18.02
CA SER B 757 28.57 -62.23 18.10
C SER B 757 27.36 -62.76 17.37
N GLU B 758 26.24 -62.04 17.45
CA GLU B 758 25.02 -62.41 16.75
C GLU B 758 25.16 -62.29 15.25
N LEU B 759 26.07 -61.45 14.77
CA LEU B 759 26.37 -61.39 13.35
C LEU B 759 26.88 -62.73 12.83
N GLU B 760 27.92 -63.24 13.46
CA GLU B 760 28.53 -64.46 12.98
C GLU B 760 27.67 -65.67 13.31
N GLN B 761 27.24 -65.78 14.57
CA GLN B 761 26.65 -67.02 15.06
C GLN B 761 25.18 -67.18 14.70
N ARG B 762 24.65 -66.35 13.80
CA ARG B 762 23.28 -66.52 13.33
C ARG B 762 23.21 -66.51 11.81
N PHE B 763 24.35 -66.48 11.12
CA PHE B 763 24.30 -66.31 9.68
C PHE B 763 25.27 -67.18 8.91
N PRO B 764 24.85 -67.65 7.72
CA PRO B 764 25.78 -68.31 6.82
C PRO B 764 26.72 -67.30 6.21
N ASP B 765 27.79 -67.04 6.94
CA ASP B 765 28.59 -65.85 6.73
C ASP B 765 29.34 -65.91 5.39
N PRO B 766 29.31 -64.83 4.60
CA PRO B 766 28.47 -63.65 4.80
C PRO B 766 27.34 -63.46 3.80
N THR B 767 27.40 -64.14 2.65
CA THR B 767 26.55 -63.79 1.51
C THR B 767 25.75 -64.99 1.03
N SER B 768 25.07 -65.67 1.95
CA SER B 768 24.32 -66.87 1.63
C SER B 768 22.89 -66.74 2.15
N ILE B 769 22.25 -65.63 1.82
CA ILE B 769 20.94 -65.29 2.36
C ILE B 769 19.93 -65.49 1.24
N GLU B 770 19.05 -66.46 1.39
CA GLU B 770 18.10 -66.69 0.30
C GLU B 770 16.63 -66.67 0.72
N SER B 771 16.29 -67.20 1.88
CA SER B 771 14.87 -67.26 2.20
C SER B 771 14.38 -65.93 2.73
N GLU B 772 13.06 -65.86 2.96
CA GLU B 772 12.43 -64.62 3.37
C GLU B 772 12.77 -64.28 4.82
N LYS B 773 12.75 -65.29 5.70
CA LYS B 773 13.04 -65.06 7.11
C LYS B 773 14.50 -64.69 7.32
N GLU B 774 15.39 -65.26 6.50
CA GLU B 774 16.81 -64.89 6.52
C GLU B 774 17.00 -63.41 6.22
N LYS B 775 16.37 -62.94 5.14
CA LYS B 775 16.48 -61.55 4.73
C LYS B 775 15.91 -60.61 5.78
N LYS B 776 14.74 -60.97 6.33
CA LYS B 776 14.07 -60.10 7.28
C LYS B 776 14.83 -60.01 8.59
N ASP B 777 15.37 -61.14 9.07
CA ASP B 777 16.16 -61.12 10.29
C ASP B 777 17.50 -60.44 10.09
N PHE B 778 18.08 -60.54 8.90
CA PHE B 778 19.35 -59.87 8.65
C PHE B 778 19.18 -58.36 8.62
N VAL B 779 18.11 -57.89 8.00
CA VAL B 779 17.83 -56.45 8.01
C VAL B 779 17.58 -55.97 9.43
N LYS B 780 16.75 -56.73 10.16
CA LYS B 780 16.39 -56.38 11.52
C LYS B 780 17.60 -56.39 12.45
N LEU B 781 18.61 -57.18 12.15
CA LEU B 781 19.82 -57.12 12.96
C LEU B 781 20.77 -56.02 12.51
N PHE B 782 21.00 -55.90 11.22
CA PHE B 782 22.07 -55.05 10.76
C PHE B 782 21.72 -53.57 10.85
N GLY B 783 20.43 -53.23 10.81
CA GLY B 783 20.06 -51.86 11.13
C GLY B 783 20.40 -51.50 12.57
N GLU B 784 20.21 -52.44 13.49
CA GLU B 784 20.62 -52.25 14.87
C GLU B 784 22.14 -52.13 14.97
N TYR B 785 22.85 -52.87 14.11
CA TYR B 785 24.31 -52.74 14.11
C TYR B 785 24.74 -51.36 13.66
N LEU B 786 24.15 -50.85 12.59
CA LEU B 786 24.51 -49.54 12.08
C LEU B 786 24.21 -48.45 13.10
N ARG B 787 23.06 -48.57 13.77
CA ARG B 787 22.67 -47.59 14.78
C ARG B 787 23.64 -47.60 15.96
N ALA B 788 24.01 -48.79 16.43
CA ALA B 788 24.95 -48.88 17.52
C ALA B 788 26.33 -48.37 17.12
N GLU B 789 26.73 -48.63 15.87
CA GLU B 789 28.00 -48.12 15.38
C GLU B 789 28.02 -46.60 15.34
N ASN B 790 26.91 -46.00 14.93
CA ASN B 790 26.87 -44.55 14.88
C ASN B 790 26.86 -43.94 16.26
N ILE B 791 26.29 -44.63 17.24
CA ILE B 791 26.42 -44.15 18.61
C ILE B 791 27.87 -44.26 19.06
N LEU B 792 28.54 -45.34 18.65
CA LEU B 792 29.90 -45.60 19.13
C LEU B 792 30.92 -44.63 18.57
N GLN B 793 30.70 -44.13 17.34
CA GLN B 793 31.73 -43.34 16.66
C GLN B 793 32.17 -42.09 17.40
N ASN B 794 31.35 -41.56 18.30
CA ASN B 794 31.75 -40.39 19.06
C ASN B 794 32.78 -40.70 20.13
N TYR B 795 33.00 -41.97 20.45
CA TYR B 795 33.76 -42.30 21.63
C TYR B 795 35.26 -42.17 21.38
N ASP B 796 36.03 -42.42 22.42
CA ASP B 796 37.48 -42.44 22.30
C ASP B 796 38.01 -43.84 22.08
N GLU B 797 37.57 -44.80 22.89
CA GLU B 797 38.14 -46.13 22.82
C GLU B 797 37.71 -46.87 21.56
N PHE B 798 36.52 -46.58 21.04
CA PHE B 798 36.15 -47.22 19.79
C PHE B 798 36.93 -46.64 18.63
N ALA B 799 37.35 -45.38 18.74
CA ALA B 799 38.24 -44.81 17.73
C ALA B 799 39.60 -45.50 17.77
N THR B 800 40.10 -45.78 18.97
CA THR B 800 41.36 -46.51 19.12
C THR B 800 41.23 -47.92 18.59
N LEU B 801 40.09 -48.56 18.83
CA LEU B 801 39.90 -49.93 18.41
C LEU B 801 39.71 -50.03 16.90
N LYS B 802 39.16 -48.98 16.27
CA LYS B 802 39.18 -48.97 14.82
C LYS B 802 40.56 -48.63 14.29
N ALA B 803 41.35 -47.86 15.05
CA ALA B 803 42.70 -47.54 14.61
C ALA B 803 43.60 -48.76 14.65
N LEU B 804 43.35 -49.67 15.59
CA LEU B 804 44.12 -50.89 15.70
C LEU B 804 43.93 -51.83 14.52
N GLN B 805 42.86 -51.67 13.76
CA GLN B 805 42.64 -52.56 12.63
C GLN B 805 43.47 -52.18 11.42
N GLN B 806 44.15 -51.03 11.44
CA GLN B 806 44.81 -50.51 10.25
C GLN B 806 46.33 -50.41 10.44
N ILE B 807 46.84 -50.91 11.54
CA ILE B 807 48.24 -50.69 11.89
C ILE B 807 49.12 -51.67 11.13
N ASP B 808 50.38 -51.29 10.99
CA ASP B 808 51.44 -52.24 10.66
C ASP B 808 51.88 -52.92 11.95
N LEU B 809 52.11 -54.23 11.85
CA LEU B 809 52.69 -54.98 12.95
C LEU B 809 53.87 -55.79 12.40
N SER B 810 55.03 -55.69 13.06
CA SER B 810 55.24 -54.89 14.27
C SER B 810 55.53 -53.41 13.97
N ASP B 811 56.70 -53.12 13.36
CA ASP B 811 57.15 -51.78 12.97
C ASP B 811 57.00 -50.77 14.10
N PRO B 812 57.89 -50.77 15.11
CA PRO B 812 57.67 -49.93 16.30
C PRO B 812 57.70 -48.43 16.05
N VAL B 813 58.08 -47.97 14.86
CA VAL B 813 57.75 -46.61 14.43
C VAL B 813 56.24 -46.41 14.45
N ALA B 814 55.52 -47.33 13.80
CA ALA B 814 54.06 -47.23 13.70
C ALA B 814 53.41 -47.44 15.06
N VAL B 815 53.91 -48.38 15.85
CA VAL B 815 53.34 -48.62 17.17
C VAL B 815 53.63 -47.45 18.10
N GLU B 816 54.79 -46.81 17.95
CA GLU B 816 55.10 -45.68 18.80
C GLU B 816 54.28 -44.45 18.42
N LYS B 817 54.08 -44.23 17.11
CA LYS B 817 53.20 -43.17 16.66
C LYS B 817 51.75 -43.44 17.06
N PHE B 818 51.36 -44.71 17.08
CA PHE B 818 50.05 -45.14 17.54
C PHE B 818 49.84 -44.81 19.00
N LYS B 819 50.79 -45.20 19.84
CA LYS B 819 50.71 -44.91 21.27
C LYS B 819 50.96 -43.44 21.57
N ALA B 820 51.55 -42.70 20.63
CA ALA B 820 51.67 -41.26 20.82
C ALA B 820 50.35 -40.57 20.54
N GLU B 821 49.60 -41.06 19.56
CA GLU B 821 48.29 -40.49 19.29
C GLU B 821 47.30 -40.85 20.39
N HIS B 822 47.32 -42.08 20.85
CA HIS B 822 46.22 -42.57 21.65
C HIS B 822 46.56 -42.82 23.10
N TYR B 823 47.83 -42.66 23.48
CA TYR B 823 48.26 -42.58 24.88
C TYR B 823 47.97 -43.87 25.64
N VAL B 824 48.50 -44.96 25.11
CA VAL B 824 48.16 -46.31 25.55
C VAL B 824 49.43 -46.98 26.04
N ASP B 825 49.43 -47.48 27.27
CA ASP B 825 50.53 -48.30 27.69
C ASP B 825 50.35 -49.74 27.19
N ASP B 826 51.42 -50.51 27.28
CA ASP B 826 51.50 -51.76 26.53
C ASP B 826 50.56 -52.83 27.05
N GLU B 827 50.21 -52.76 28.34
CA GLU B 827 49.20 -53.65 28.90
C GLU B 827 47.85 -53.40 28.26
N LYS B 828 47.43 -52.14 28.24
CA LYS B 828 46.20 -51.75 27.55
C LYS B 828 46.31 -51.97 26.05
N PHE B 829 47.52 -51.86 25.50
CA PHE B 829 47.74 -52.09 24.07
C PHE B 829 47.47 -53.54 23.70
N ALA B 830 48.01 -54.47 24.48
CA ALA B 830 47.72 -55.88 24.24
C ALA B 830 46.27 -56.23 24.58
N GLU B 831 45.69 -55.53 25.56
CA GLU B 831 44.28 -55.74 25.90
C GLU B 831 43.37 -55.33 24.74
N LEU B 832 43.68 -54.23 24.09
CA LEU B 832 42.93 -53.82 22.92
C LEU B 832 43.22 -54.75 21.75
N GLN B 833 44.42 -55.32 21.70
CA GLN B 833 44.68 -56.37 20.72
C GLN B 833 43.91 -57.64 21.00
N THR B 834 43.44 -57.85 22.23
CA THR B 834 42.66 -59.03 22.53
C THR B 834 41.27 -58.94 21.92
N ILE B 835 40.61 -57.79 22.08
CA ILE B 835 39.23 -57.64 21.65
C ILE B 835 39.18 -57.55 20.13
N ARG B 836 38.36 -58.41 19.52
CA ARG B 836 38.38 -58.60 18.08
C ARG B 836 37.12 -58.00 17.47
N LEU B 837 37.32 -56.96 16.67
CA LEU B 837 36.30 -56.46 15.76
C LEU B 837 36.14 -57.42 14.60
N PRO B 838 35.00 -57.41 13.93
CA PRO B 838 34.89 -58.16 12.68
C PRO B 838 35.74 -57.51 11.60
N ALA B 839 36.03 -58.31 10.58
CA ALA B 839 36.87 -57.84 9.49
C ALA B 839 36.17 -56.77 8.66
N ASP B 840 36.96 -55.85 8.13
CA ASP B 840 36.40 -54.74 7.37
C ASP B 840 35.80 -55.22 6.06
N ARG B 841 36.38 -56.26 5.46
CA ARG B 841 35.81 -56.82 4.26
C ARG B 841 34.50 -57.53 4.57
N LYS B 842 34.36 -58.07 5.79
CA LYS B 842 33.07 -58.60 6.21
C LYS B 842 32.04 -57.49 6.34
N ILE B 843 32.47 -56.32 6.80
CA ILE B 843 31.56 -55.19 6.89
C ILE B 843 31.12 -54.76 5.51
N GLN B 844 32.06 -54.78 4.55
CA GLN B 844 31.72 -54.56 3.15
C GLN B 844 30.71 -55.59 2.66
N ASP B 845 30.88 -56.85 3.07
CA ASP B 845 30.00 -57.92 2.64
C ASP B 845 28.59 -57.71 3.15
N TYR B 846 28.45 -57.43 4.45
CA TYR B 846 27.11 -57.27 4.98
C TYR B 846 26.46 -55.97 4.52
N ARG B 847 27.26 -54.91 4.33
CA ARG B 847 26.71 -53.67 3.82
C ARG B 847 26.22 -53.83 2.39
N SER B 848 26.97 -54.56 1.57
CA SER B 848 26.55 -54.84 0.21
C SER B 848 25.31 -55.72 0.19
N ALA B 849 25.22 -56.66 1.13
CA ALA B 849 24.04 -57.51 1.19
C ALA B 849 22.81 -56.72 1.59
N TYR B 850 22.97 -55.81 2.55
CA TYR B 850 21.87 -54.95 2.99
C TYR B 850 21.42 -54.04 1.86
N ASN B 851 22.38 -53.52 1.10
CA ASN B 851 22.05 -52.65 -0.03
C ASN B 851 21.34 -53.44 -1.13
N ASP B 852 21.73 -54.70 -1.33
CA ASP B 852 21.08 -55.53 -2.33
C ASP B 852 19.65 -55.86 -1.91
N ILE B 853 19.42 -56.08 -0.62
CA ILE B 853 18.07 -56.27 -0.12
C ILE B 853 17.23 -55.02 -0.36
N ARG B 854 17.83 -53.85 -0.13
CA ARG B 854 17.12 -52.59 -0.32
C ARG B 854 16.75 -52.38 -1.78
N ASP B 855 17.68 -52.68 -2.69
CA ASP B 855 17.40 -52.45 -4.10
C ASP B 855 16.49 -53.52 -4.69
N TRP B 856 16.52 -54.74 -4.15
CA TRP B 856 15.61 -55.76 -4.63
C TRP B 856 14.18 -55.53 -4.16
N GLN B 857 14.02 -54.94 -2.98
CA GLN B 857 12.71 -54.60 -2.47
C GLN B 857 12.45 -53.10 -2.54
N ARG B 858 12.88 -52.50 -3.64
CA ARG B 858 12.39 -51.20 -4.07
C ARG B 858 11.46 -51.30 -5.27
N ARG B 859 11.53 -52.42 -6.01
CA ARG B 859 10.74 -52.54 -7.24
C ARG B 859 9.26 -52.74 -6.95
N GLU B 860 8.91 -53.85 -6.29
CA GLU B 860 7.52 -54.32 -6.23
C GLU B 860 7.10 -54.66 -4.79
N LYS B 861 7.20 -53.72 -3.84
CA LYS B 861 7.20 -52.27 -4.04
C LYS B 861 8.50 -51.65 -3.57
N ASP B 872 4.54 -58.40 2.34
CA ASP B 872 5.11 -58.82 3.61
C ASP B 872 6.30 -57.94 3.97
N TRP B 873 6.91 -57.36 2.94
CA TRP B 873 8.10 -56.54 3.12
C TRP B 873 7.82 -55.20 3.75
N ASP B 874 6.57 -54.72 3.66
CA ASP B 874 6.22 -53.39 4.17
C ASP B 874 5.88 -53.48 5.66
N ASP B 875 6.88 -53.93 6.42
CA ASP B 875 6.77 -54.12 7.86
C ASP B 875 7.81 -53.31 8.62
N VAL B 876 9.07 -53.36 8.19
CA VAL B 876 10.19 -52.73 8.89
C VAL B 876 10.79 -51.67 8.00
N VAL B 877 10.98 -50.47 8.55
CA VAL B 877 11.66 -49.41 7.83
C VAL B 877 13.15 -49.75 7.74
N PHE B 878 13.70 -49.69 6.52
CA PHE B 878 15.13 -49.88 6.36
C PHE B 878 15.85 -48.65 6.88
N GLU B 879 17.07 -48.85 7.35
CA GLU B 879 17.87 -47.71 7.75
C GLU B 879 18.49 -47.08 6.52
N VAL B 880 18.24 -45.79 6.33
CA VAL B 880 18.65 -45.08 5.13
C VAL B 880 19.74 -44.07 5.43
N ASP B 881 19.52 -43.21 6.44
CA ASP B 881 20.37 -42.06 6.67
C ASP B 881 21.77 -42.47 7.13
N LEU B 882 21.87 -43.58 7.83
CA LEU B 882 23.19 -44.12 8.10
C LEU B 882 23.85 -44.59 6.82
N LEU B 883 23.12 -45.36 6.01
CA LEU B 883 23.65 -45.81 4.74
C LEU B 883 23.70 -44.68 3.72
N LYS B 884 23.00 -43.57 3.96
CA LYS B 884 23.20 -42.38 3.15
C LYS B 884 24.59 -41.81 3.36
N SER B 885 25.14 -41.96 4.55
CA SER B 885 26.53 -41.63 4.80
C SER B 885 27.40 -42.78 4.31
N GLN B 886 28.68 -42.74 4.68
CA GLN B 886 29.79 -43.60 4.19
C GLN B 886 29.73 -43.82 2.68
N GLU B 887 29.60 -42.71 1.97
CA GLU B 887 29.60 -42.73 0.52
C GLU B 887 30.99 -42.42 0.01
N ILE B 888 31.34 -43.03 -1.13
CA ILE B 888 32.60 -42.74 -1.82
C ILE B 888 32.24 -42.17 -3.18
N ASN B 889 32.54 -40.90 -3.37
CA ASN B 889 32.18 -40.15 -4.58
C ASN B 889 33.24 -40.27 -5.67
N LEU B 890 33.65 -41.52 -5.94
CA LEU B 890 34.60 -41.93 -6.99
C LEU B 890 36.03 -41.43 -6.77
N ASP B 891 36.24 -40.57 -5.78
CA ASP B 891 37.55 -39.97 -5.58
C ASP B 891 38.47 -40.96 -4.90
N TYR B 892 38.01 -41.57 -3.81
CA TYR B 892 38.77 -42.63 -3.17
C TYR B 892 38.82 -43.86 -4.06
N ILE B 893 37.83 -44.04 -4.93
CA ILE B 893 37.86 -45.11 -5.93
C ILE B 893 39.01 -44.89 -6.90
N LEU B 894 39.12 -43.68 -7.46
CA LEU B 894 40.21 -43.41 -8.38
C LEU B 894 41.54 -43.36 -7.66
N GLY B 895 41.55 -43.03 -6.37
CA GLY B 895 42.78 -43.11 -5.60
C GLY B 895 43.27 -44.54 -5.44
N LEU B 896 42.34 -45.46 -5.16
CA LEU B 896 42.72 -46.87 -5.10
C LEU B 896 43.10 -47.40 -6.46
N ILE B 897 42.48 -46.90 -7.53
CA ILE B 897 42.82 -47.33 -8.87
C ILE B 897 44.21 -46.82 -9.26
N PHE B 898 44.58 -45.65 -8.78
CA PHE B 898 45.89 -45.09 -9.11
C PHE B 898 46.99 -45.73 -8.29
N GLU B 899 46.76 -45.88 -6.98
CA GLU B 899 47.81 -46.40 -6.10
C GLU B 899 48.04 -47.89 -6.30
N HIS B 900 47.07 -48.61 -6.86
CA HIS B 900 47.22 -50.06 -7.03
C HIS B 900 48.24 -50.37 -8.12
N ASN B 901 49.24 -51.17 -7.77
CA ASN B 901 50.25 -51.64 -8.71
C ASN B 901 50.87 -52.94 -8.16
N ARG B 902 50.44 -54.08 -8.68
CA ARG B 902 49.42 -54.20 -9.73
C ARG B 902 48.27 -55.08 -9.28
N GLY B 908 43.86 -54.99 -13.72
CA GLY B 908 43.60 -56.40 -14.01
C GLY B 908 43.11 -57.16 -12.81
N GLU B 909 43.98 -57.34 -11.81
CA GLU B 909 43.61 -58.05 -10.60
C GLU B 909 42.71 -57.21 -9.71
N MET B 910 42.71 -55.90 -9.87
CA MET B 910 41.93 -55.00 -9.01
C MET B 910 40.49 -54.88 -9.48
N ILE B 911 40.17 -55.43 -10.65
CA ILE B 911 38.84 -55.22 -11.25
C ILE B 911 37.76 -55.92 -10.45
N GLU B 912 38.12 -56.93 -9.68
CA GLU B 912 37.17 -57.53 -8.76
C GLU B 912 36.87 -56.62 -7.57
N GLU B 913 37.89 -55.93 -7.06
CA GLU B 913 37.78 -55.21 -5.78
C GLU B 913 36.81 -54.06 -5.87
N VAL B 914 36.98 -53.20 -6.86
CA VAL B 914 36.02 -52.15 -7.14
C VAL B 914 34.66 -52.73 -7.45
N LYS B 915 34.62 -53.93 -8.06
CA LYS B 915 33.37 -54.63 -8.34
C LYS B 915 32.59 -54.97 -7.08
N ARG B 916 33.25 -55.02 -5.92
CA ARG B 916 32.51 -55.08 -4.67
C ARG B 916 32.56 -53.77 -3.91
N LEU B 917 33.52 -52.89 -4.20
CA LEU B 917 33.47 -51.55 -3.61
C LEU B 917 32.32 -50.75 -4.16
N ILE B 918 31.96 -50.98 -5.43
CA ILE B 918 30.84 -50.26 -6.02
C ILE B 918 29.52 -50.83 -5.53
N ARG B 919 29.51 -52.05 -5.01
CA ARG B 919 28.30 -52.58 -4.42
C ARG B 919 28.16 -52.19 -2.97
N SER B 920 29.08 -51.38 -2.46
CA SER B 920 29.02 -50.91 -1.09
C SER B 920 28.39 -49.53 -0.95
N SER B 921 28.21 -48.80 -2.06
CA SER B 921 27.67 -47.46 -2.04
C SER B 921 26.42 -47.41 -2.89
N LEU B 922 25.29 -47.08 -2.26
CA LEU B 922 24.05 -46.89 -2.99
C LEU B 922 24.13 -45.62 -3.84
N GLY B 923 23.43 -45.66 -4.98
CA GLY B 923 23.47 -44.56 -5.92
C GLY B 923 24.63 -44.60 -6.87
N ASN B 924 25.46 -45.64 -6.79
CA ASN B 924 26.60 -45.77 -7.67
C ASN B 924 26.56 -47.08 -8.43
N ARG B 925 25.46 -47.82 -8.35
CA ARG B 925 25.36 -49.13 -8.99
C ARG B 925 25.38 -49.04 -10.50
N ALA B 926 24.94 -47.93 -11.07
CA ALA B 926 24.97 -47.81 -12.51
C ALA B 926 26.37 -47.55 -13.02
N LYS B 927 27.22 -46.94 -12.21
CA LYS B 927 28.57 -46.65 -12.63
C LYS B 927 29.51 -47.82 -12.46
N GLU B 928 29.00 -48.95 -11.99
CA GLU B 928 29.74 -50.21 -11.97
C GLU B 928 30.24 -50.56 -13.36
N GLY B 929 29.32 -50.73 -14.31
CA GLY B 929 29.69 -51.04 -15.67
C GLY B 929 30.51 -49.95 -16.32
N LEU B 930 30.30 -48.70 -15.90
CA LEU B 930 31.07 -47.59 -16.45
C LEU B 930 32.55 -47.68 -16.06
N VAL B 931 32.83 -47.86 -14.76
CA VAL B 931 34.21 -47.91 -14.33
C VAL B 931 34.89 -49.20 -14.78
N VAL B 932 34.13 -50.30 -14.82
CA VAL B 932 34.66 -51.56 -15.32
C VAL B 932 35.04 -51.45 -16.79
N ASP B 933 34.18 -50.84 -17.60
CA ASP B 933 34.52 -50.65 -19.00
C ASP B 933 35.56 -49.57 -19.19
N PHE B 934 35.76 -48.70 -18.20
CA PHE B 934 36.91 -47.82 -18.25
C PHE B 934 38.21 -48.58 -18.02
N ILE B 935 38.18 -49.61 -17.18
CA ILE B 935 39.39 -50.38 -16.94
C ILE B 935 39.42 -51.67 -17.74
N GLN B 936 38.36 -52.00 -18.47
CA GLN B 936 38.43 -53.08 -19.46
C GLN B 936 38.76 -52.55 -20.84
N GLN B 937 39.05 -51.26 -20.96
CA GLN B 937 39.45 -50.67 -22.24
C GLN B 937 40.84 -50.06 -22.17
N THR B 938 41.13 -49.28 -21.13
CA THR B 938 42.42 -48.62 -21.00
C THR B 938 43.23 -49.27 -19.89
N ASN B 939 44.53 -49.02 -19.93
CA ASN B 939 45.47 -49.57 -18.96
C ASN B 939 45.93 -48.47 -18.01
N LEU B 940 46.60 -48.91 -16.94
CA LEU B 940 47.21 -47.97 -16.01
C LEU B 940 48.43 -47.30 -16.61
N ASP B 941 49.04 -47.90 -17.63
CA ASP B 941 50.13 -47.24 -18.34
C ASP B 941 49.65 -46.05 -19.16
N ASP B 942 48.36 -46.03 -19.51
CA ASP B 942 47.80 -44.89 -20.22
C ASP B 942 47.72 -43.64 -19.36
N LEU B 943 47.67 -43.79 -18.03
CA LEU B 943 47.66 -42.64 -17.14
C LEU B 943 49.03 -42.48 -16.50
N PRO B 944 49.60 -41.27 -16.50
CA PRO B 944 50.91 -41.09 -15.87
C PRO B 944 50.87 -41.08 -14.35
N ASP B 945 49.80 -40.55 -13.76
CA ASP B 945 49.75 -40.38 -12.31
C ASP B 945 48.30 -40.36 -11.85
N LYS B 946 48.08 -39.89 -10.62
CA LYS B 946 46.77 -39.94 -9.99
C LYS B 946 45.87 -38.79 -10.42
N ALA B 947 46.44 -37.59 -10.55
CA ALA B 947 45.62 -36.41 -10.79
C ALA B 947 45.12 -36.31 -12.23
N SER B 948 45.68 -37.07 -13.16
CA SER B 948 45.32 -36.98 -14.57
C SER B 948 44.28 -38.02 -14.98
N ILE B 949 44.26 -39.17 -14.29
CA ILE B 949 43.31 -40.23 -14.63
C ILE B 949 41.88 -39.82 -14.30
N ILE B 950 41.71 -38.82 -13.44
CA ILE B 950 40.38 -38.27 -13.14
C ILE B 950 39.76 -37.70 -14.40
N ASP B 951 40.44 -36.74 -15.01
CA ASP B 951 39.93 -36.12 -16.23
C ASP B 951 39.97 -37.09 -17.40
N ALA B 952 40.88 -38.06 -17.38
CA ALA B 952 40.83 -39.13 -18.37
C ALA B 952 39.53 -39.92 -18.27
N PHE B 953 39.09 -40.19 -17.04
CA PHE B 953 37.84 -40.90 -16.84
C PHE B 953 36.65 -40.06 -17.28
N PHE B 954 36.67 -38.76 -16.99
CA PHE B 954 35.57 -37.90 -17.44
C PHE B 954 35.52 -37.81 -18.96
N THR B 955 36.68 -37.78 -19.60
CA THR B 955 36.75 -37.72 -21.06
C THR B 955 36.20 -39.00 -21.67
N PHE B 956 36.62 -40.15 -21.15
CA PHE B 956 36.10 -41.43 -21.62
C PHE B 956 34.61 -41.55 -21.37
N ALA B 957 34.15 -40.99 -20.25
CA ALA B 957 32.74 -41.04 -19.91
C ALA B 957 31.90 -40.23 -20.89
N GLN B 958 32.37 -39.04 -21.24
CA GLN B 958 31.61 -38.23 -22.21
C GLN B 958 31.66 -38.83 -23.60
N ARG B 959 32.78 -39.48 -23.95
CA ARG B 959 32.92 -40.11 -25.26
C ARG B 959 31.97 -41.29 -25.40
N GLU B 960 31.78 -42.07 -24.34
CA GLU B 960 30.79 -43.13 -24.41
C GLU B 960 29.38 -42.61 -24.20
N GLN B 961 29.26 -41.48 -23.52
CA GLN B 961 27.97 -40.86 -23.26
C GLN B 961 27.31 -40.41 -24.54
N GLN B 962 28.10 -39.82 -25.44
CA GLN B 962 27.58 -39.39 -26.73
C GLN B 962 27.06 -40.58 -27.54
N ARG B 963 27.81 -41.69 -27.54
CA ARG B 963 27.41 -42.87 -28.30
C ARG B 963 26.17 -43.51 -27.72
N GLU B 964 26.08 -43.60 -26.40
CA GLU B 964 24.91 -44.20 -25.80
C GLU B 964 23.68 -43.31 -25.93
N ALA B 965 23.87 -41.99 -25.96
CA ALA B 965 22.76 -41.10 -26.25
C ALA B 965 22.27 -41.30 -27.68
N GLU B 966 23.20 -41.42 -28.64
CA GLU B 966 22.83 -41.70 -30.02
C GLU B 966 22.12 -43.05 -30.15
N ALA B 967 22.53 -44.02 -29.35
CA ALA B 967 21.87 -45.31 -29.36
C ALA B 967 20.46 -45.23 -28.80
N LEU B 968 20.26 -44.48 -27.72
CA LEU B 968 18.91 -44.34 -27.17
C LEU B 968 18.00 -43.53 -28.07
N ILE B 969 18.56 -42.66 -28.89
CA ILE B 969 17.72 -41.96 -29.86
C ILE B 969 17.37 -42.88 -31.02
N LYS B 970 18.37 -43.60 -31.53
CA LYS B 970 18.16 -44.44 -32.71
C LYS B 970 17.24 -45.61 -32.43
N GLU B 971 17.25 -46.12 -31.19
CA GLU B 971 16.53 -47.34 -30.88
C GLU B 971 15.02 -47.17 -30.90
N GLU B 972 14.50 -45.95 -30.72
CA GLU B 972 13.08 -45.75 -30.59
C GLU B 972 12.54 -44.66 -31.50
N ASN B 973 13.40 -44.06 -32.33
CA ASN B 973 13.03 -43.12 -33.40
C ASN B 973 12.28 -41.91 -32.84
N LEU B 974 12.99 -41.13 -32.03
CA LEU B 974 12.34 -40.07 -31.27
C LEU B 974 12.41 -38.75 -32.04
N ASN B 975 12.05 -37.68 -31.34
CA ASN B 975 12.26 -36.32 -31.81
C ASN B 975 13.61 -35.87 -31.30
N GLU B 976 14.57 -35.73 -32.22
CA GLU B 976 15.98 -35.91 -31.89
C GLU B 976 16.52 -34.75 -31.08
N ASP B 977 16.39 -33.52 -31.59
CA ASP B 977 16.88 -32.37 -30.86
C ASP B 977 16.07 -32.11 -29.61
N ALA B 978 14.76 -32.41 -29.67
CA ALA B 978 13.90 -32.28 -28.50
C ALA B 978 14.34 -33.23 -27.39
N ALA B 979 14.60 -34.49 -27.75
CA ALA B 979 15.02 -35.45 -26.74
C ALA B 979 16.44 -35.18 -26.27
N LYS B 980 17.27 -34.58 -27.12
CA LYS B 980 18.61 -34.19 -26.69
C LYS B 980 18.52 -33.08 -25.64
N ARG B 981 17.64 -32.10 -25.87
CA ARG B 981 17.39 -31.07 -24.88
C ARG B 981 16.83 -31.66 -23.60
N TYR B 982 15.96 -32.66 -23.74
CA TYR B 982 15.38 -33.31 -22.56
C TYR B 982 16.44 -34.03 -21.76
N ILE B 983 17.33 -34.74 -22.43
CA ILE B 983 18.39 -35.49 -21.75
C ILE B 983 19.34 -34.54 -21.04
N ARG B 984 19.75 -33.47 -21.72
CA ARG B 984 20.70 -32.57 -21.06
C ARG B 984 20.03 -31.77 -19.94
N THR B 985 18.73 -31.50 -20.07
CA THR B 985 18.01 -30.85 -18.99
C THR B 985 17.88 -31.78 -17.80
N SER B 986 17.64 -33.07 -18.06
CA SER B 986 17.53 -34.04 -16.98
C SER B 986 18.87 -34.31 -16.33
N LEU B 987 19.96 -34.14 -17.09
CA LEU B 987 21.28 -34.29 -16.48
C LEU B 987 21.62 -33.08 -15.61
N LYS B 988 21.24 -31.88 -16.05
CA LYS B 988 21.39 -30.72 -15.19
C LYS B 988 20.48 -30.78 -13.98
N ARG B 989 19.37 -31.50 -14.09
CA ARG B 989 18.39 -31.63 -13.03
C ARG B 989 18.57 -32.93 -12.25
N GLU B 990 19.40 -33.84 -12.75
CA GLU B 990 19.88 -35.06 -12.07
C GLU B 990 18.77 -36.07 -11.76
N TYR B 991 17.60 -35.91 -12.38
CA TYR B 991 16.60 -36.98 -12.46
C TYR B 991 15.66 -36.65 -13.61
N ALA B 992 14.62 -37.47 -13.76
CA ALA B 992 13.61 -37.25 -14.78
C ALA B 992 12.24 -37.39 -14.14
N THR B 993 11.21 -37.09 -14.94
CA THR B 993 9.84 -37.18 -14.48
C THR B 993 8.91 -37.23 -15.69
N GLU B 994 7.72 -37.75 -15.46
CA GLU B 994 6.67 -37.68 -16.48
C GLU B 994 6.08 -36.29 -16.58
N ASN B 995 6.20 -35.48 -15.53
CA ASN B 995 5.73 -34.10 -15.57
C ASN B 995 6.57 -33.31 -16.56
N GLY B 996 6.05 -32.15 -16.97
CA GLY B 996 6.79 -31.37 -17.94
C GLY B 996 6.74 -31.99 -19.31
N THR B 997 5.60 -31.86 -19.99
CA THR B 997 5.19 -32.57 -21.19
C THR B 997 6.17 -32.63 -22.36
N GLU B 998 7.26 -31.87 -22.31
CA GLU B 998 8.28 -31.88 -23.36
C GLU B 998 8.88 -33.27 -23.58
N LEU B 999 8.87 -34.12 -22.55
CA LEU B 999 9.13 -35.54 -22.74
C LEU B 999 8.12 -36.16 -23.69
N ASN B 1000 6.84 -35.88 -23.47
CA ASN B 1000 5.82 -36.41 -24.36
C ASN B 1000 5.82 -35.74 -25.71
N GLU B 1001 6.48 -34.59 -25.83
CA GLU B 1001 6.77 -34.06 -27.15
C GLU B 1001 7.88 -34.82 -27.86
N THR B 1002 8.58 -35.70 -27.17
CA THR B 1002 9.53 -36.59 -27.83
C THR B 1002 8.92 -37.94 -28.16
N LEU B 1003 7.62 -38.10 -27.95
CA LEU B 1003 6.93 -39.28 -28.45
C LEU B 1003 6.94 -39.26 -29.98
N PRO B 1004 7.18 -40.41 -30.63
CA PRO B 1004 7.61 -40.40 -32.03
C PRO B 1004 6.61 -39.86 -33.05
N LYS B 1005 5.43 -40.47 -33.21
CA LYS B 1005 4.49 -39.90 -34.18
C LYS B 1005 3.09 -39.69 -33.63
N LEU B 1006 2.56 -40.69 -32.93
CA LEU B 1006 1.15 -40.64 -32.51
C LEU B 1006 1.02 -41.42 -31.20
N SER B 1007 1.14 -40.68 -30.11
CA SER B 1007 0.70 -41.20 -28.81
C SER B 1007 0.25 -40.14 -27.79
N PRO B 1008 -0.73 -39.22 -28.09
CA PRO B 1008 -1.47 -38.63 -26.98
C PRO B 1008 -2.81 -39.31 -26.80
N LEU B 1009 -3.14 -40.17 -27.74
CA LEU B 1009 -4.49 -40.67 -27.92
C LEU B 1009 -4.83 -41.72 -26.87
N ASN B 1010 -6.10 -41.73 -26.48
CA ASN B 1010 -6.62 -42.70 -25.53
C ASN B 1010 -6.60 -44.12 -26.08
N PRO B 1011 -6.99 -44.39 -27.37
CA PRO B 1011 -6.71 -45.78 -27.82
C PRO B 1011 -5.25 -45.98 -28.23
N GLN B 1012 -4.39 -46.00 -27.22
CA GLN B 1012 -2.98 -46.27 -27.39
C GLN B 1012 -2.55 -47.10 -26.20
N TYR B 1013 -1.51 -47.90 -26.39
CA TYR B 1013 -0.95 -48.70 -25.31
C TYR B 1013 -0.43 -47.82 -24.19
N LYS B 1014 0.23 -46.72 -24.56
CA LYS B 1014 1.00 -45.85 -23.65
C LYS B 1014 2.03 -46.63 -22.86
N THR B 1015 2.53 -47.69 -23.45
CA THR B 1015 3.40 -48.65 -22.78
C THR B 1015 4.81 -48.57 -23.32
N LYS B 1016 4.94 -48.36 -24.63
CA LYS B 1016 6.21 -47.96 -25.20
C LYS B 1016 6.69 -46.65 -24.61
N LYS B 1017 5.76 -45.76 -24.26
CA LYS B 1017 6.07 -44.55 -23.51
C LYS B 1017 6.78 -44.86 -22.20
N GLN B 1018 6.19 -45.76 -21.41
CA GLN B 1018 6.80 -46.12 -20.14
C GLN B 1018 8.10 -46.88 -20.33
N ALA B 1019 8.21 -47.64 -21.43
CA ALA B 1019 9.44 -48.36 -21.73
C ALA B 1019 10.58 -47.39 -22.02
N VAL B 1020 10.31 -46.39 -22.86
CA VAL B 1020 11.28 -45.34 -23.13
C VAL B 1020 11.60 -44.55 -21.88
N PHE B 1021 10.61 -44.37 -21.01
CA PHE B 1021 10.85 -43.70 -19.73
C PHE B 1021 11.81 -44.50 -18.85
N GLN B 1022 11.69 -45.82 -18.89
CA GLN B 1022 12.63 -46.65 -18.15
C GLN B 1022 14.02 -46.60 -18.77
N LYS B 1023 14.09 -46.57 -20.11
CA LYS B 1023 15.36 -46.41 -20.82
C LYS B 1023 16.07 -45.13 -20.39
N ILE B 1024 15.33 -44.03 -20.31
CA ILE B 1024 16.01 -42.77 -20.05
C ILE B 1024 16.34 -42.61 -18.57
N VAL B 1025 15.54 -43.18 -17.67
CA VAL B 1025 15.95 -43.09 -16.27
C VAL B 1025 17.15 -44.00 -16.02
N SER B 1026 17.25 -45.10 -16.77
CA SER B 1026 18.45 -45.93 -16.75
C SER B 1026 19.67 -45.15 -17.23
N PHE B 1027 19.49 -44.37 -18.30
CA PHE B 1027 20.59 -43.60 -18.84
C PHE B 1027 21.04 -42.50 -17.88
N ILE B 1028 20.10 -41.79 -17.28
CA ILE B 1028 20.50 -40.66 -16.45
C ILE B 1028 21.08 -41.14 -15.13
N GLU B 1029 20.69 -42.33 -14.69
CA GLU B 1029 21.41 -42.90 -13.56
C GLU B 1029 22.79 -43.38 -14.00
N LYS B 1030 22.94 -43.76 -15.26
CA LYS B 1030 24.22 -44.25 -15.75
C LYS B 1030 25.26 -43.15 -15.87
N PHE B 1031 24.85 -41.88 -15.82
CA PHE B 1031 25.80 -40.79 -15.94
C PHE B 1031 25.53 -39.67 -14.96
N LYS B 1032 24.97 -40.00 -13.80
CA LYS B 1032 24.60 -39.00 -12.82
C LYS B 1032 25.85 -38.39 -12.20
N GLY B 1033 26.16 -37.15 -12.58
CA GLY B 1033 27.28 -36.43 -12.00
C GLY B 1033 28.44 -36.17 -12.92
N VAL B 1034 28.40 -36.68 -14.15
CA VAL B 1034 29.46 -36.45 -15.12
C VAL B 1034 28.88 -35.61 -16.26
N GLY B 1035 29.66 -34.63 -16.72
CA GLY B 1035 29.23 -33.79 -17.82
C GLY B 1035 30.05 -32.53 -18.03
N ALA C 10 -17.27 32.68 20.00
CA ALA C 10 -17.43 34.03 20.53
C ALA C 10 -17.72 33.99 22.02
N GLU C 11 -18.91 33.50 22.37
CA GLU C 11 -19.27 33.32 23.78
C GLU C 11 -18.69 32.00 24.30
N LEU C 12 -19.18 30.87 23.77
CA LEU C 12 -18.56 29.56 23.96
C LEU C 12 -18.46 28.80 22.63
N HIS C 13 -18.73 29.46 21.51
CA HIS C 13 -18.95 28.76 20.26
C HIS C 13 -17.69 28.16 19.68
N ARG C 14 -16.52 28.71 20.01
CA ARG C 14 -15.26 28.12 19.56
C ARG C 14 -14.99 26.80 20.27
N GLN C 15 -15.22 26.76 21.59
CA GLN C 15 -14.99 25.55 22.36
C GLN C 15 -15.97 24.46 21.97
N ILE C 16 -17.25 24.81 21.86
CA ILE C 16 -18.29 23.85 21.48
C ILE C 16 -18.07 23.38 20.05
N TRP C 17 -17.70 24.31 19.16
CA TRP C 17 -17.25 24.04 17.81
C TRP C 17 -16.17 22.96 17.78
N GLN C 18 -15.09 23.18 18.54
CA GLN C 18 -13.95 22.28 18.49
C GLN C 18 -14.27 20.92 19.10
N ILE C 19 -14.97 20.90 20.24
CA ILE C 19 -15.26 19.61 20.87
C ILE C 19 -16.28 18.84 20.04
N ALA C 20 -17.16 19.53 19.32
CA ALA C 20 -18.05 18.84 18.39
C ALA C 20 -17.27 18.26 17.22
N ASN C 21 -16.26 18.98 16.72
CA ASN C 21 -15.49 18.40 15.61
C ASN C 21 -14.56 17.28 16.08
N ASP C 22 -14.22 17.26 17.37
CA ASP C 22 -13.35 16.20 17.88
C ASP C 22 -14.05 14.85 17.93
N VAL C 23 -15.38 14.82 17.93
CA VAL C 23 -16.11 13.57 18.04
C VAL C 23 -15.98 12.74 16.77
N ARG C 24 -15.69 13.36 15.65
CA ARG C 24 -15.91 12.82 14.31
C ARG C 24 -14.99 11.64 13.94
N GLY C 25 -14.22 11.03 14.85
CA GLY C 25 -13.52 9.81 14.53
C GLY C 25 -14.42 8.58 14.55
N SER C 26 -13.94 7.48 13.95
CA SER C 26 -12.62 7.40 13.33
C SER C 26 -12.65 6.92 11.87
N VAL C 27 -13.85 6.79 11.30
CA VAL C 27 -13.98 6.46 9.89
C VAL C 27 -14.92 7.52 9.31
N ASP C 28 -15.32 7.35 8.02
CA ASP C 28 -16.06 8.34 7.22
C ASP C 28 -17.25 8.95 7.95
N GLY C 29 -17.44 10.26 7.74
CA GLY C 29 -18.31 11.05 8.60
C GLY C 29 -19.78 11.02 8.25
N TRP C 30 -20.13 10.67 7.00
CA TRP C 30 -21.54 10.64 6.63
C TRP C 30 -22.28 9.52 7.33
N ASP C 31 -21.65 8.35 7.46
CA ASP C 31 -22.32 7.26 8.13
C ASP C 31 -22.36 7.50 9.63
N PHE C 32 -21.26 7.99 10.21
CA PHE C 32 -21.25 8.33 11.63
C PHE C 32 -22.13 9.51 11.99
N LYS C 33 -22.53 10.32 11.01
CA LYS C 33 -23.38 11.47 11.27
C LYS C 33 -24.72 11.04 11.86
N GLN C 34 -25.28 9.94 11.33
CA GLN C 34 -26.53 9.39 11.83
C GLN C 34 -26.40 9.01 13.30
N TYR C 35 -25.31 8.35 13.66
CA TYR C 35 -25.15 7.85 15.01
C TYR C 35 -24.87 8.97 15.99
N VAL C 36 -24.07 9.95 15.58
CA VAL C 36 -23.74 11.07 16.45
C VAL C 36 -25.00 11.88 16.74
N LEU C 37 -25.80 12.15 15.72
CA LEU C 37 -27.01 12.92 15.95
C LEU C 37 -28.05 12.12 16.72
N GLY C 38 -28.08 10.80 16.53
CA GLY C 38 -29.00 9.99 17.31
C GLY C 38 -28.65 9.96 18.78
N ALA C 39 -27.36 9.86 19.10
CA ALA C 39 -26.95 9.85 20.50
C ALA C 39 -27.15 11.21 21.14
N LEU C 40 -26.88 12.29 20.39
CA LEU C 40 -27.14 13.63 20.89
C LEU C 40 -28.62 13.85 21.14
N PHE C 41 -29.48 13.33 20.26
CA PHE C 41 -30.91 13.50 20.44
C PHE C 41 -31.44 12.68 21.60
N TYR C 42 -30.85 11.50 21.81
CA TYR C 42 -31.21 10.70 22.98
C TYR C 42 -30.81 11.42 24.26
N ARG C 43 -29.66 12.11 24.24
CA ARG C 43 -29.26 12.93 25.37
C ARG C 43 -30.25 14.06 25.60
N PHE C 44 -30.77 14.64 24.51
CA PHE C 44 -31.68 15.76 24.69
C PHE C 44 -33.02 15.33 25.26
N ILE C 45 -33.54 14.19 24.81
CA ILE C 45 -34.79 13.70 25.39
C ILE C 45 -34.57 13.32 26.84
N SER C 46 -33.40 12.74 27.14
CA SER C 46 -33.06 12.38 28.50
C SER C 46 -32.99 13.59 29.41
N GLU C 47 -32.56 14.72 28.88
CA GLU C 47 -32.57 15.92 29.71
C GLU C 47 -33.98 16.51 29.80
N ASN C 48 -34.71 16.50 28.68
CA ASN C 48 -35.97 17.22 28.60
C ASN C 48 -37.06 16.54 29.42
N PHE C 49 -37.18 15.23 29.30
CA PHE C 49 -38.21 14.49 30.00
C PHE C 49 -37.96 14.50 31.50
N SER C 50 -36.69 14.41 31.89
CA SER C 50 -36.32 14.49 33.29
C SER C 50 -36.61 15.88 33.85
N SER C 51 -36.21 16.93 33.13
CA SER C 51 -36.47 18.29 33.58
C SER C 51 -37.95 18.62 33.59
N TYR C 52 -38.74 17.94 32.76
CA TYR C 52 -40.19 18.06 32.87
C TYR C 52 -40.70 17.42 34.15
N ILE C 53 -40.38 16.15 34.36
CA ILE C 53 -41.00 15.43 35.47
C ILE C 53 -40.47 15.88 36.82
N GLU C 54 -39.27 16.47 36.88
CA GLU C 54 -38.83 17.03 38.15
C GLU C 54 -39.58 18.31 38.45
N ALA C 55 -39.97 19.04 37.43
CA ALA C 55 -40.88 20.16 37.62
C ALA C 55 -42.26 19.62 37.93
N THR C 71 -38.33 17.26 41.58
CA THR C 71 -37.68 18.45 42.10
C THR C 71 -36.73 18.10 43.22
N ASP C 72 -36.66 16.82 43.56
CA ASP C 72 -35.89 16.36 44.69
C ASP C 72 -34.82 15.34 44.33
N ASP C 73 -35.15 14.33 43.54
CA ASP C 73 -34.28 13.20 43.28
C ASP C 73 -33.83 13.22 41.83
N ILE C 74 -32.53 13.36 41.61
CA ILE C 74 -31.97 13.19 40.27
C ILE C 74 -32.19 11.75 39.82
N LYS C 75 -31.72 10.79 40.61
CA LYS C 75 -31.79 9.38 40.26
C LYS C 75 -33.18 8.85 40.58
N ASP C 76 -33.90 8.46 39.55
CA ASP C 76 -35.28 8.04 39.66
C ASP C 76 -35.30 6.52 39.81
N ASP C 77 -36.49 5.92 39.68
CA ASP C 77 -36.69 4.48 39.83
C ASP C 77 -38.02 4.08 39.22
N ALA C 78 -38.26 2.77 39.15
CA ALA C 78 -39.45 2.22 38.49
C ALA C 78 -40.66 2.36 39.41
N ILE C 79 -41.17 3.58 39.47
CA ILE C 79 -42.23 3.97 40.39
C ILE C 79 -43.36 4.59 39.54
N LYS C 80 -43.52 4.06 38.33
CA LYS C 80 -44.09 4.81 37.20
C LYS C 80 -45.53 5.24 37.44
N THR C 81 -46.36 4.37 38.04
CA THR C 81 -47.79 4.59 38.33
C THR C 81 -48.55 5.01 37.07
N LYS C 82 -48.66 4.05 36.16
CA LYS C 82 -48.93 4.30 34.74
C LYS C 82 -50.30 4.88 34.42
N GLY C 83 -51.17 5.13 35.40
CA GLY C 83 -52.29 6.00 35.15
C GLY C 83 -51.85 7.44 34.91
N TYR C 84 -50.77 7.84 35.59
CA TYR C 84 -50.14 9.14 35.36
C TYR C 84 -49.39 9.20 34.03
N PHE C 85 -49.01 8.05 33.48
CA PHE C 85 -48.11 7.98 32.34
C PHE C 85 -48.74 8.50 31.06
N ILE C 86 -50.07 8.50 30.96
CA ILE C 86 -50.71 8.99 29.74
C ILE C 86 -50.71 10.51 29.68
N TYR C 87 -50.53 11.20 30.80
CA TYR C 87 -50.56 12.66 30.80
C TYR C 87 -49.36 13.26 30.07
N PRO C 88 -48.10 12.82 30.26
CA PRO C 88 -47.05 13.35 29.38
C PRO C 88 -47.06 12.72 28.00
N SER C 89 -47.65 11.53 27.85
CA SER C 89 -47.79 10.96 26.52
C SER C 89 -48.74 11.77 25.67
N GLN C 90 -49.69 12.45 26.31
CA GLN C 90 -50.45 13.48 25.61
C GLN C 90 -49.69 14.79 25.55
N LEU C 91 -48.91 15.10 26.58
CA LEU C 91 -48.26 16.39 26.67
C LEU C 91 -47.02 16.46 25.81
N PHE C 92 -46.22 15.41 25.80
CA PHE C 92 -44.96 15.38 25.06
C PHE C 92 -44.88 14.31 24.01
N CYS C 93 -45.35 13.10 24.33
CA CYS C 93 -45.28 11.92 23.48
C CYS C 93 -43.82 11.57 23.14
N ASN C 94 -42.94 11.73 24.12
CA ASN C 94 -41.71 10.95 24.21
C ASN C 94 -41.61 10.52 25.67
N VAL C 95 -42.27 9.41 25.98
CA VAL C 95 -42.41 8.98 27.36
C VAL C 95 -41.64 7.68 27.58
N ALA C 96 -40.37 7.81 27.97
CA ALA C 96 -39.51 6.62 27.94
C ALA C 96 -39.66 5.79 29.21
N ALA C 97 -39.12 6.29 30.31
CA ALA C 97 -38.98 5.51 31.53
C ALA C 97 -38.57 6.47 32.64
N LYS C 98 -38.14 5.90 33.75
CA LYS C 98 -37.43 6.67 34.75
C LYS C 98 -36.06 6.08 35.04
N ALA C 99 -35.70 5.00 34.36
CA ALA C 99 -34.42 4.35 34.61
C ALA C 99 -33.74 3.92 33.32
N ASN C 100 -34.17 4.50 32.19
CA ASN C 100 -33.64 4.08 30.91
C ASN C 100 -33.29 5.30 30.07
N THR C 101 -32.80 6.34 30.72
CA THR C 101 -32.41 7.57 30.06
C THR C 101 -30.90 7.57 29.86
N ASN C 102 -30.37 8.63 29.25
CA ASN C 102 -28.96 8.64 28.90
C ASN C 102 -28.08 8.80 30.14
N ASP C 103 -28.54 9.55 31.14
CA ASP C 103 -27.89 9.59 32.44
C ASP C 103 -27.88 8.21 33.09
N ARG C 104 -28.87 7.37 32.78
CA ARG C 104 -29.00 6.04 33.35
C ARG C 104 -28.38 4.98 32.46
N LEU C 105 -28.57 5.07 31.14
CA LEU C 105 -28.03 4.05 30.25
C LEU C 105 -26.53 4.24 30.06
N ASN C 106 -26.03 5.46 30.13
CA ASN C 106 -24.59 5.62 29.96
C ASN C 106 -23.85 5.43 31.28
N ALA C 107 -24.53 4.98 32.33
CA ALA C 107 -23.83 4.43 33.48
C ALA C 107 -23.35 3.02 33.22
N ASP C 108 -23.92 2.34 32.22
CA ASP C 108 -23.49 1.00 31.84
C ASP C 108 -22.42 1.09 30.77
N LEU C 109 -21.24 1.50 31.22
CA LEU C 109 -20.10 1.68 30.33
C LEU C 109 -19.55 0.33 29.92
N ASN C 110 -19.48 0.11 28.60
CA ASN C 110 -18.97 -1.13 27.99
C ASN C 110 -19.72 -2.36 28.49
N SER C 111 -21.04 -2.23 28.59
CA SER C 111 -21.91 -3.32 29.02
C SER C 111 -22.43 -4.06 27.79
N ILE C 112 -22.03 -5.32 27.66
CA ILE C 112 -22.71 -6.25 26.78
C ILE C 112 -24.19 -6.27 27.16
N PHE C 113 -25.07 -5.90 26.24
CA PHE C 113 -24.79 -5.78 24.81
C PHE C 113 -25.37 -4.53 24.17
N VAL C 114 -25.34 -4.51 22.83
CA VAL C 114 -25.85 -3.37 22.09
C VAL C 114 -27.37 -3.25 22.20
N ALA C 115 -28.09 -4.34 21.89
CA ALA C 115 -29.50 -4.32 21.52
C ALA C 115 -30.42 -3.80 22.61
N ILE C 116 -29.94 -3.63 23.85
CA ILE C 116 -30.69 -2.93 24.90
C ILE C 116 -31.12 -1.55 24.42
N GLU C 117 -30.19 -0.79 23.82
CA GLU C 117 -30.61 0.50 23.29
C GLU C 117 -31.52 0.33 22.08
N SER C 118 -31.35 -0.77 21.32
CA SER C 118 -32.30 -1.05 20.27
C SER C 118 -33.65 -1.45 20.84
N SER C 119 -33.67 -1.96 22.07
CA SER C 119 -34.94 -2.03 22.78
C SER C 119 -35.31 -0.67 23.35
N ALA C 120 -34.31 0.10 23.81
CA ALA C 120 -34.59 1.41 24.36
C ALA C 120 -34.90 2.45 23.31
N TYR C 121 -34.86 2.08 22.03
CA TYR C 121 -35.49 2.85 20.98
C TYR C 121 -36.74 2.18 20.46
N GLY C 122 -37.04 0.98 20.92
CA GLY C 122 -38.22 0.29 20.46
C GLY C 122 -39.46 0.91 21.06
N TYR C 123 -39.59 0.83 22.36
CA TYR C 123 -40.78 1.37 23.03
C TYR C 123 -40.98 2.89 23.03
N PRO C 124 -39.97 3.78 23.15
CA PRO C 124 -40.32 5.21 23.20
C PRO C 124 -40.78 5.75 21.88
N SER C 125 -40.54 5.03 20.80
CA SER C 125 -41.15 5.35 19.52
C SER C 125 -42.44 4.60 19.29
N GLU C 126 -43.00 3.93 20.30
CA GLU C 126 -44.31 3.31 20.06
C GLU C 126 -45.43 4.32 20.26
N ALA C 127 -45.69 4.68 21.53
CA ALA C 127 -46.42 5.87 22.02
C ALA C 127 -47.60 6.30 21.14
N ASP C 128 -48.45 5.34 20.76
CA ASP C 128 -49.43 5.52 19.68
C ASP C 128 -50.64 6.37 20.04
N ILE C 129 -50.63 7.10 21.14
CA ILE C 129 -51.79 7.83 21.63
C ILE C 129 -51.35 9.23 21.99
N LYS C 130 -51.77 10.24 21.22
CA LYS C 130 -52.39 10.15 19.90
C LYS C 130 -51.67 11.12 18.98
N GLY C 131 -51.77 10.91 17.66
CA GLY C 131 -51.21 11.86 16.72
C GLY C 131 -49.70 11.87 16.73
N LEU C 132 -49.10 10.80 16.21
CA LEU C 132 -47.81 10.31 16.67
C LEU C 132 -46.65 11.29 16.48
N PHE C 133 -46.31 11.62 15.23
CA PHE C 133 -45.05 12.22 14.77
C PHE C 133 -43.82 11.38 15.17
N ALA C 134 -44.03 10.13 15.52
CA ALA C 134 -43.03 9.09 15.77
C ALA C 134 -42.80 8.33 14.48
N ASP C 135 -42.41 7.04 14.62
CA ASP C 135 -41.95 6.18 13.52
C ASP C 135 -40.66 6.74 12.98
N PHE C 136 -39.75 7.01 13.91
CA PHE C 136 -38.78 8.06 13.78
C PHE C 136 -37.33 7.59 13.87
N ASP C 137 -36.97 6.92 14.95
CA ASP C 137 -35.60 6.85 15.42
C ASP C 137 -34.83 5.69 14.80
N THR C 138 -35.15 5.35 13.56
CA THR C 138 -34.72 4.12 12.92
C THR C 138 -33.53 4.32 12.01
N THR C 139 -32.62 5.21 12.38
CA THR C 139 -31.39 5.38 11.62
C THR C 139 -30.17 4.79 12.30
N SER C 140 -30.20 4.67 13.63
CA SER C 140 -29.14 3.94 14.32
C SER C 140 -29.25 2.46 13.99
N ASN C 141 -28.13 1.87 13.59
CA ASN C 141 -28.10 0.59 12.89
C ASN C 141 -26.91 -0.22 13.41
N ARG C 142 -26.49 -1.22 12.63
CA ARG C 142 -25.40 -2.11 13.04
C ARG C 142 -24.37 -2.38 11.91
N LEU C 143 -23.39 -1.47 11.78
CA LEU C 143 -22.09 -1.76 11.13
C LEU C 143 -21.06 -0.68 11.42
N GLY C 144 -19.84 -1.07 11.81
CA GLY C 144 -19.55 -2.41 12.30
C GLY C 144 -19.05 -3.51 11.40
N ASN C 145 -18.18 -4.35 11.94
CA ASN C 145 -17.82 -5.63 11.36
C ASN C 145 -18.08 -6.81 12.29
N THR C 146 -17.62 -6.73 13.54
CA THR C 146 -17.89 -7.73 14.55
C THR C 146 -18.70 -7.09 15.67
N VAL C 147 -19.41 -7.93 16.42
CA VAL C 147 -20.37 -7.41 17.39
C VAL C 147 -19.66 -6.80 18.59
N LYS C 148 -18.46 -7.29 18.94
CA LYS C 148 -17.70 -6.67 20.00
C LYS C 148 -17.18 -5.30 19.57
N ASP C 149 -16.78 -5.18 18.31
CA ASP C 149 -16.37 -3.88 17.78
C ASP C 149 -17.55 -2.92 17.70
N LYS C 150 -18.75 -3.45 17.40
CA LYS C 150 -19.95 -2.62 17.42
C LYS C 150 -20.24 -2.11 18.82
N ASN C 151 -20.12 -2.99 19.82
CA ASN C 151 -20.33 -2.59 21.21
C ASN C 151 -19.33 -1.54 21.65
N ALA C 152 -18.06 -1.73 21.28
CA ALA C 152 -17.02 -0.78 21.66
C ALA C 152 -17.22 0.56 20.96
N ARG C 153 -17.64 0.54 19.70
CA ARG C 153 -17.81 1.78 18.97
C ARG C 153 -19.02 2.56 19.47
N LEU C 154 -20.12 1.88 19.77
CA LEU C 154 -21.27 2.61 20.29
C LEU C 154 -21.03 3.09 21.71
N ALA C 155 -20.23 2.36 22.49
CA ALA C 155 -19.83 2.88 23.79
C ALA C 155 -18.93 4.10 23.64
N ALA C 156 -18.10 4.13 22.59
CA ALA C 156 -17.28 5.31 22.33
C ALA C 156 -18.16 6.49 21.91
N VAL C 157 -19.23 6.23 21.17
CA VAL C 157 -20.13 7.30 20.74
C VAL C 157 -20.87 7.89 21.93
N LEU C 158 -21.42 7.02 22.79
CA LEU C 158 -22.09 7.52 23.98
C LEU C 158 -21.11 8.16 24.95
N LYS C 159 -19.86 7.71 24.95
CA LYS C 159 -18.81 8.35 25.73
C LYS C 159 -18.54 9.76 25.25
N GLY C 160 -18.41 9.93 23.93
CA GLY C 160 -18.15 11.24 23.38
C GLY C 160 -19.32 12.20 23.53
N VAL C 161 -20.54 11.68 23.48
CA VAL C 161 -21.70 12.53 23.72
C VAL C 161 -21.80 12.89 25.18
N GLU C 162 -21.39 11.98 26.07
CA GLU C 162 -21.25 12.32 27.48
C GLU C 162 -20.19 13.39 27.69
N GLY C 163 -19.13 13.36 26.90
CA GLY C 163 -18.06 14.34 27.01
C GLY C 163 -18.47 15.75 26.61
N LEU C 164 -19.51 15.88 25.80
CA LEU C 164 -20.09 17.19 25.56
C LEU C 164 -20.73 17.69 26.85
N LYS C 165 -20.60 18.99 27.10
CA LYS C 165 -21.00 19.56 28.37
C LYS C 165 -21.82 20.82 28.14
N LEU C 166 -23.02 20.85 28.71
CA LEU C 166 -23.74 22.11 28.84
C LEU C 166 -23.11 22.97 29.92
N GLY C 167 -22.54 22.34 30.94
CA GLY C 167 -21.89 23.07 32.02
C GLY C 167 -22.13 22.44 33.39
N ILE C 174 -30.05 28.45 28.70
CA ILE C 174 -29.57 27.21 29.27
C ILE C 174 -30.05 26.07 28.39
N ASP C 175 -30.96 26.37 27.47
CA ASP C 175 -31.57 25.37 26.61
C ASP C 175 -31.14 25.47 25.17
N LEU C 176 -30.05 26.19 24.87
CA LEU C 176 -29.49 26.22 23.54
C LEU C 176 -28.40 25.19 23.35
N PHE C 177 -28.49 24.06 24.05
CA PHE C 177 -27.55 22.97 23.84
C PHE C 177 -27.75 22.31 22.49
N GLY C 178 -28.96 22.42 21.91
CA GLY C 178 -29.20 21.89 20.58
C GLY C 178 -28.68 22.76 19.46
N ASP C 179 -28.25 23.98 19.78
CA ASP C 179 -27.71 24.89 18.78
C ASP C 179 -26.44 24.35 18.14
N ALA C 180 -25.66 23.57 18.91
CA ALA C 180 -24.51 22.88 18.35
C ALA C 180 -24.91 21.88 17.29
N TYR C 181 -26.11 21.31 17.40
CA TYR C 181 -26.71 20.54 16.33
C TYR C 181 -26.77 21.32 15.03
N GLU C 182 -27.18 22.59 15.11
CA GLU C 182 -27.18 23.44 13.93
C GLU C 182 -25.78 23.60 13.38
N PHE C 183 -24.77 23.59 14.24
CA PHE C 183 -23.41 23.54 13.73
C PHE C 183 -23.11 22.21 13.07
N LEU C 184 -23.60 21.12 13.66
CA LEU C 184 -23.09 19.82 13.25
C LEU C 184 -23.69 19.37 11.94
N ILE C 185 -24.94 19.77 11.66
CA ILE C 185 -25.51 19.56 10.34
C ILE C 185 -24.78 20.43 9.32
N SER C 186 -24.12 21.49 9.77
CA SER C 186 -23.22 22.25 8.94
C SER C 186 -21.83 21.62 8.84
N ASN C 187 -21.71 20.30 9.04
CA ASN C 187 -20.41 19.66 8.92
C ASN C 187 -19.89 19.69 7.48
N TYR C 188 -20.76 19.45 6.51
CA TYR C 188 -20.34 19.38 5.12
C TYR C 188 -20.35 20.75 4.46
N ALA C 189 -21.35 21.57 4.79
CA ALA C 189 -21.48 22.88 4.17
C ALA C 189 -20.51 23.91 4.73
N ALA C 190 -19.86 23.61 5.86
CA ALA C 190 -18.88 24.47 6.53
C ALA C 190 -19.40 25.87 6.85
N GLU C 198 -25.47 17.29 0.75
CA GLU C 198 -24.81 18.48 0.22
C GLU C 198 -25.61 19.74 0.47
N PHE C 199 -26.90 19.58 0.71
CA PHE C 199 -27.88 20.63 0.47
C PHE C 199 -28.56 21.02 1.79
N PHE C 200 -27.94 21.96 2.52
CA PHE C 200 -28.48 22.32 3.83
C PHE C 200 -28.38 23.81 4.14
N THR C 201 -28.47 24.67 3.10
CA THR C 201 -29.03 26.03 3.15
C THR C 201 -28.42 26.97 4.19
N PRO C 202 -27.32 27.67 3.86
CA PRO C 202 -26.60 28.50 4.84
C PRO C 202 -27.47 29.55 5.51
N GLN C 203 -27.08 29.93 6.72
CA GLN C 203 -28.04 30.41 7.72
C GLN C 203 -28.48 31.85 7.48
N HIS C 204 -27.59 32.72 7.04
CA HIS C 204 -27.98 34.12 6.92
C HIS C 204 -28.81 34.37 5.67
N VAL C 205 -28.59 33.56 4.63
CA VAL C 205 -29.48 33.58 3.47
C VAL C 205 -30.87 33.13 3.88
N SER C 206 -30.94 32.15 4.79
CA SER C 206 -32.21 31.72 5.33
C SER C 206 -32.87 32.83 6.13
N LYS C 207 -32.08 33.61 6.85
CA LYS C 207 -32.61 34.75 7.58
C LYS C 207 -33.14 35.79 6.62
N LEU C 208 -32.51 35.93 5.46
CA LEU C 208 -33.02 36.83 4.44
C LEU C 208 -34.35 36.35 3.90
N ILE C 209 -34.48 35.04 3.65
CA ILE C 209 -35.73 34.52 3.11
C ILE C 209 -36.84 34.64 4.15
N ALA C 210 -36.48 34.49 5.42
CA ALA C 210 -37.46 34.69 6.49
C ALA C 210 -37.90 36.14 6.56
N GLN C 211 -36.98 37.07 6.38
CA GLN C 211 -37.38 38.47 6.34
C GLN C 211 -38.10 38.84 5.06
N LEU C 212 -38.04 37.99 4.05
CA LEU C 212 -38.77 38.26 2.83
C LEU C 212 -40.17 37.68 2.80
N ALA C 213 -40.40 36.57 3.50
CA ALA C 213 -41.77 36.10 3.65
C ALA C 213 -42.57 37.08 4.51
N MET C 214 -41.94 37.57 5.56
CA MET C 214 -42.41 38.74 6.28
C MET C 214 -42.26 39.97 5.38
N HIS C 215 -43.11 40.99 5.54
CA HIS C 215 -43.89 41.33 6.73
C HIS C 215 -45.17 42.11 6.49
N GLY C 216 -45.65 42.71 7.57
CA GLY C 216 -46.93 43.36 7.57
C GLY C 216 -48.07 42.39 7.66
N GLN C 217 -47.83 41.19 8.17
CA GLN C 217 -48.79 40.09 8.14
C GLN C 217 -48.73 39.38 9.49
N THR C 218 -49.56 39.80 10.43
CA THR C 218 -49.57 39.18 11.75
C THR C 218 -50.73 38.17 11.81
N HIS C 219 -50.57 37.08 11.05
CA HIS C 219 -51.73 36.29 10.63
C HIS C 219 -51.44 34.79 10.56
N VAL C 220 -52.36 34.03 11.14
CA VAL C 220 -52.37 32.57 11.13
C VAL C 220 -52.94 32.06 9.80
N ASN C 221 -52.24 31.15 9.14
CA ASN C 221 -50.97 30.63 9.60
C ASN C 221 -49.77 30.89 8.73
N LYS C 222 -48.65 30.97 9.41
CA LYS C 222 -47.37 30.60 8.86
C LYS C 222 -47.20 29.13 9.23
N ILE C 223 -46.50 28.35 8.41
CA ILE C 223 -45.71 28.67 7.24
C ILE C 223 -45.83 27.40 6.42
N TYR C 224 -45.36 27.38 5.19
CA TYR C 224 -45.32 26.14 4.42
C TYR C 224 -43.98 26.04 3.72
N ASP C 225 -43.58 24.82 3.41
CA ASP C 225 -42.36 24.59 2.66
C ASP C 225 -42.48 23.32 1.84
N PRO C 226 -42.35 23.40 0.52
CA PRO C 226 -42.13 22.19 -0.26
C PRO C 226 -40.64 21.93 -0.40
N ALA C 227 -40.28 20.65 -0.21
CA ALA C 227 -38.89 20.17 -0.25
C ALA C 227 -38.01 20.93 0.73
N ALA C 228 -38.33 20.76 2.02
CA ALA C 228 -37.61 21.48 3.06
C ALA C 228 -36.17 21.03 3.17
N GLY C 229 -35.91 19.75 2.94
CA GLY C 229 -34.59 19.20 3.16
C GLY C 229 -34.31 19.20 4.65
N SER C 230 -33.42 20.08 5.08
CA SER C 230 -33.30 20.32 6.51
C SER C 230 -34.52 21.07 7.02
N GLY C 231 -34.58 21.22 8.33
CA GLY C 231 -35.64 21.98 8.91
C GLY C 231 -35.23 23.41 9.15
N SER C 232 -34.09 23.81 8.56
CA SER C 232 -33.42 25.05 8.94
C SER C 232 -34.21 26.28 8.54
N LEU C 233 -34.44 26.46 7.23
CA LEU C 233 -35.06 27.68 6.71
C LEU C 233 -36.48 27.88 7.19
N LEU C 234 -37.13 26.81 7.67
CA LEU C 234 -38.33 26.99 8.46
C LEU C 234 -37.99 27.45 9.87
N LEU C 235 -36.92 26.92 10.44
CA LEU C 235 -36.69 27.11 11.86
C LEU C 235 -36.23 28.51 12.16
N GLN C 236 -35.38 29.07 11.30
CA GLN C 236 -34.98 30.46 11.54
C GLN C 236 -36.05 31.46 11.15
N ALA C 237 -37.28 31.05 10.84
CA ALA C 237 -38.35 32.02 10.65
C ALA C 237 -38.97 32.41 11.99
N LYS C 238 -39.60 31.46 12.65
CA LYS C 238 -40.45 31.77 13.80
C LYS C 238 -39.75 31.50 15.11
N LYS C 239 -38.54 30.94 15.10
CA LYS C 239 -37.78 30.93 16.34
C LYS C 239 -37.38 32.34 16.75
N GLN C 240 -37.11 33.20 15.76
CA GLN C 240 -36.97 34.60 16.07
C GLN C 240 -38.33 35.26 16.29
N PHE C 241 -39.39 34.68 15.73
CA PHE C 241 -40.71 35.29 15.76
C PHE C 241 -41.67 34.56 16.69
N ASP C 242 -41.14 33.77 17.62
CA ASP C 242 -41.98 33.11 18.62
C ASP C 242 -42.60 34.12 19.56
N ASN C 243 -41.80 35.09 20.02
CA ASN C 243 -42.32 36.16 20.85
C ASN C 243 -43.26 37.06 20.07
N HIS C 244 -43.07 37.17 18.75
CA HIS C 244 -44.03 37.88 17.91
C HIS C 244 -45.38 37.18 17.93
N ILE C 245 -45.44 35.95 17.42
CA ILE C 245 -46.71 35.26 17.29
C ILE C 245 -46.45 33.77 17.37
N ILE C 246 -47.47 33.03 17.79
CA ILE C 246 -47.53 31.57 17.64
C ILE C 246 -48.87 31.22 17.01
N GLU C 247 -48.82 30.63 15.81
CA GLU C 247 -50.03 30.47 15.02
C GLU C 247 -50.41 29.00 14.83
N GLU C 248 -49.59 28.23 14.11
CA GLU C 248 -49.86 26.87 13.67
C GLU C 248 -48.56 26.27 13.17
N GLY C 249 -48.67 25.17 12.46
CA GLY C 249 -47.52 24.34 12.17
C GLY C 249 -46.65 24.86 11.06
N PHE C 250 -45.46 24.29 11.00
CA PHE C 250 -44.48 24.61 9.97
C PHE C 250 -44.58 23.49 8.97
N PHE C 251 -45.56 23.58 8.09
CA PHE C 251 -45.96 22.44 7.28
C PHE C 251 -44.94 22.21 6.18
N GLY C 252 -44.32 21.04 6.19
CA GLY C 252 -43.32 20.71 5.20
C GLY C 252 -43.55 19.32 4.62
N GLN C 253 -43.02 19.13 3.42
CA GLN C 253 -43.01 17.82 2.80
C GLN C 253 -41.64 17.61 2.18
N GLU C 254 -41.06 16.44 2.40
CA GLU C 254 -39.68 16.21 1.99
C GLU C 254 -39.52 14.79 1.45
N ILE C 255 -38.58 14.63 0.53
CA ILE C 255 -38.47 13.41 -0.27
C ILE C 255 -37.59 12.36 0.39
N ASN C 256 -36.36 12.72 0.77
CA ASN C 256 -35.37 11.74 1.23
C ASN C 256 -35.79 11.13 2.57
N HIS C 257 -35.44 9.86 2.74
CA HIS C 257 -35.88 9.17 3.94
C HIS C 257 -35.04 9.56 5.15
N THR C 258 -33.73 9.57 5.01
CA THR C 258 -32.88 9.89 6.15
C THR C 258 -32.90 11.37 6.46
N THR C 259 -33.16 12.21 5.46
CA THR C 259 -33.24 13.64 5.72
C THR C 259 -34.50 13.98 6.49
N TYR C 260 -35.54 13.18 6.27
CA TYR C 260 -36.82 13.33 6.93
C TYR C 260 -36.69 13.21 8.44
N ASN C 261 -35.92 12.24 8.90
CA ASN C 261 -35.76 12.02 10.34
C ASN C 261 -34.96 13.14 10.98
N LEU C 262 -33.86 13.56 10.34
CA LEU C 262 -33.05 14.59 10.95
C LEU C 262 -33.76 15.94 10.90
N ALA C 263 -34.66 16.14 9.95
CA ALA C 263 -35.47 17.36 9.97
C ALA C 263 -36.50 17.30 11.09
N ARG C 264 -37.11 16.14 11.30
CA ARG C 264 -38.11 16.03 12.34
C ARG C 264 -37.51 16.14 13.72
N MET C 265 -36.24 15.80 13.90
CA MET C 265 -35.62 16.13 15.17
C MET C 265 -35.02 17.52 15.18
N ASN C 266 -34.73 18.09 14.01
CA ASN C 266 -34.20 19.45 13.95
C ASN C 266 -35.21 20.44 14.47
N MET C 267 -36.47 20.30 14.07
CA MET C 267 -37.47 21.15 14.69
C MET C 267 -37.93 20.62 16.03
N PHE C 268 -37.44 19.45 16.45
CA PHE C 268 -37.84 18.98 17.76
C PHE C 268 -36.90 19.50 18.83
N LEU C 269 -35.65 19.76 18.47
CA LEU C 269 -34.66 20.19 19.45
C LEU C 269 -34.90 21.61 19.91
N HIS C 270 -35.52 22.43 19.07
CA HIS C 270 -35.61 23.86 19.36
C HIS C 270 -36.88 24.21 20.10
N ASN C 271 -37.34 23.31 20.97
CA ASN C 271 -38.37 23.54 21.97
C ASN C 271 -39.73 23.83 21.33
N ILE C 272 -39.88 23.48 20.06
CA ILE C 272 -41.17 23.55 19.41
C ILE C 272 -42.03 22.43 19.99
N ASN C 273 -43.32 22.70 20.13
CA ASN C 273 -44.19 21.77 20.84
C ASN C 273 -44.57 20.60 19.95
N TYR C 274 -45.61 19.89 20.35
CA TYR C 274 -45.84 18.56 19.83
C TYR C 274 -46.79 18.51 18.67
N ASP C 275 -47.86 19.30 18.70
CA ASP C 275 -49.06 18.93 17.98
C ASP C 275 -49.00 19.24 16.49
N LYS C 276 -48.45 20.39 16.12
CA LYS C 276 -48.71 20.89 14.79
C LYS C 276 -47.52 20.79 13.83
N PHE C 277 -46.35 20.47 14.32
CA PHE C 277 -45.13 20.96 13.70
C PHE C 277 -44.44 19.79 13.02
N ASP C 278 -44.82 19.55 11.76
CA ASP C 278 -44.64 18.27 11.11
C ASP C 278 -44.03 18.39 9.73
N ILE C 279 -43.53 17.26 9.27
CA ILE C 279 -43.08 17.08 7.90
C ILE C 279 -43.69 15.78 7.41
N LYS C 280 -44.16 15.77 6.19
CA LYS C 280 -44.65 14.56 5.55
C LYS C 280 -43.62 14.02 4.59
N LEU C 281 -43.42 12.72 4.62
CA LEU C 281 -42.47 12.10 3.71
C LEU C 281 -43.13 11.88 2.36
N GLY C 282 -42.35 12.03 1.30
CA GLY C 282 -42.82 11.80 -0.05
C GLY C 282 -42.48 12.97 -0.95
N ASN C 283 -42.75 12.77 -2.23
CA ASN C 283 -42.52 13.82 -3.21
C ASN C 283 -43.61 14.87 -3.09
N THR C 284 -43.19 16.13 -3.15
CA THR C 284 -44.15 17.23 -3.07
C THR C 284 -45.00 17.31 -4.32
N LEU C 285 -44.40 17.01 -5.48
CA LEU C 285 -45.12 17.15 -6.73
C LEU C 285 -46.17 16.06 -6.89
N THR C 286 -45.75 14.80 -6.74
CA THR C 286 -46.65 13.69 -7.04
C THR C 286 -47.71 13.52 -5.96
N GLU C 287 -47.31 13.63 -4.69
CA GLU C 287 -48.25 13.44 -3.57
C GLU C 287 -48.22 14.63 -2.63
N PRO C 288 -48.85 15.75 -3.00
CA PRO C 288 -48.92 16.87 -2.07
C PRO C 288 -50.01 16.65 -1.04
N HIS C 289 -49.72 17.09 0.18
CA HIS C 289 -50.69 17.20 1.27
C HIS C 289 -50.07 18.08 2.34
N PHE C 290 -50.78 19.12 2.77
CA PHE C 290 -52.22 19.29 2.56
C PHE C 290 -52.65 20.10 1.33
N ARG C 291 -53.61 19.58 0.58
CA ARG C 291 -54.31 20.42 -0.38
C ARG C 291 -55.29 21.34 0.32
N ASP C 292 -56.06 20.78 1.26
CA ASP C 292 -57.17 21.51 1.87
C ASP C 292 -56.68 22.63 2.78
N GLU C 293 -55.67 22.38 3.59
CA GLU C 293 -55.27 23.34 4.61
C GLU C 293 -53.88 23.86 4.30
N LYS C 294 -53.75 25.07 3.76
CA LYS C 294 -54.82 25.99 3.34
C LYS C 294 -54.11 26.78 2.24
N PRO C 295 -54.75 27.77 1.60
CA PRO C 295 -53.93 28.80 0.96
C PRO C 295 -53.20 29.62 2.01
N PHE C 296 -51.89 29.42 2.10
CA PHE C 296 -51.13 29.87 3.26
C PHE C 296 -50.87 31.37 3.23
N ASP C 297 -50.23 31.86 4.29
CA ASP C 297 -49.85 33.25 4.39
C ASP C 297 -48.40 33.49 4.04
N ALA C 298 -47.58 32.45 4.07
CA ALA C 298 -46.16 32.59 3.80
C ALA C 298 -45.62 31.22 3.45
N ILE C 299 -45.02 31.09 2.28
CA ILE C 299 -44.25 29.90 1.98
C ILE C 299 -42.83 30.33 1.67
N VAL C 300 -41.88 29.51 2.10
CA VAL C 300 -40.48 29.68 1.76
C VAL C 300 -40.03 28.34 1.20
N SER C 301 -38.94 28.36 0.46
CA SER C 301 -38.45 27.13 -0.12
C SER C 301 -36.98 27.25 -0.45
N ASN C 302 -36.38 26.10 -0.72
CA ASN C 302 -35.09 26.03 -1.42
C ASN C 302 -35.11 24.72 -2.15
N PRO C 303 -35.69 24.68 -3.35
CA PRO C 303 -35.70 23.46 -4.12
C PRO C 303 -34.31 23.11 -4.60
N PRO C 304 -33.91 21.86 -4.52
CA PRO C 304 -32.56 21.50 -4.95
C PRO C 304 -32.48 21.52 -6.46
N TYR C 305 -31.29 21.79 -6.96
CA TYR C 305 -31.07 21.77 -8.39
C TYR C 305 -31.10 20.33 -8.90
N SER C 306 -31.66 20.16 -10.10
CA SER C 306 -31.72 18.88 -10.84
C SER C 306 -32.46 17.82 -10.04
N VAL C 307 -33.76 18.06 -9.87
CA VAL C 307 -34.64 17.19 -9.10
C VAL C 307 -35.69 16.57 -10.02
N LYS C 308 -35.26 16.21 -11.23
CA LYS C 308 -36.11 15.78 -12.35
C LYS C 308 -37.13 14.70 -12.02
N TRP C 309 -38.19 14.66 -12.82
CA TRP C 309 -39.28 13.72 -12.67
C TRP C 309 -39.86 13.46 -14.05
N ILE C 310 -40.23 12.21 -14.31
CA ILE C 310 -40.60 11.82 -15.65
C ILE C 310 -41.98 12.36 -16.00
N GLY C 311 -42.08 12.99 -17.17
CA GLY C 311 -43.32 13.57 -17.63
C GLY C 311 -43.71 13.07 -19.01
N SER C 312 -44.37 13.90 -19.81
CA SER C 312 -44.74 15.28 -19.43
C SER C 312 -46.23 15.64 -19.60
N ASP C 313 -47.18 14.90 -19.00
CA ASP C 313 -46.93 14.05 -17.83
C ASP C 313 -47.01 12.57 -18.13
N ASP C 314 -46.21 11.81 -17.38
CA ASP C 314 -46.33 10.36 -17.32
C ASP C 314 -47.70 9.96 -16.78
N PRO C 315 -48.27 10.60 -15.71
CA PRO C 315 -49.70 10.36 -15.48
C PRO C 315 -50.58 11.26 -16.33
N THR C 316 -51.88 11.27 -16.07
CA THR C 316 -52.80 12.18 -16.72
C THR C 316 -52.92 13.52 -16.01
N LEU C 317 -51.91 13.91 -15.23
CA LEU C 317 -51.93 15.19 -14.51
C LEU C 317 -51.59 16.38 -15.37
N ILE C 318 -51.61 16.25 -16.70
CA ILE C 318 -51.69 17.42 -17.57
C ILE C 318 -53.00 18.16 -17.33
N ASN C 319 -54.03 17.43 -16.90
CA ASN C 319 -55.33 17.98 -16.54
C ASN C 319 -55.52 17.80 -15.04
N ASP C 320 -54.52 18.16 -14.26
CA ASP C 320 -54.56 18.02 -12.81
C ASP C 320 -55.36 19.15 -12.17
N GLU C 321 -55.23 19.27 -10.85
CA GLU C 321 -55.96 20.26 -10.07
C GLU C 321 -55.23 21.59 -9.95
N ARG C 322 -53.93 21.65 -10.25
CA ARG C 322 -53.15 22.83 -9.94
C ARG C 322 -52.30 23.36 -11.08
N PHE C 323 -51.91 22.54 -12.06
CA PHE C 323 -51.04 23.00 -13.12
C PHE C 323 -51.82 23.40 -14.37
N ALA C 324 -53.15 23.35 -14.30
CA ALA C 324 -53.97 23.83 -15.41
C ALA C 324 -53.79 25.32 -15.75
N PRO C 325 -53.62 26.27 -14.81
CA PRO C 325 -53.36 27.65 -15.25
C PRO C 325 -51.99 27.88 -15.85
N ALA C 326 -51.10 26.88 -15.85
CA ALA C 326 -49.82 27.05 -16.50
C ALA C 326 -49.92 26.94 -18.02
N GLY C 327 -50.87 26.17 -18.50
CA GLY C 327 -50.98 25.89 -19.92
C GLY C 327 -50.18 24.67 -20.34
N VAL C 328 -48.86 24.82 -20.43
CA VAL C 328 -47.97 23.68 -20.65
C VAL C 328 -47.41 23.32 -19.28
N LEU C 329 -46.85 22.12 -19.19
CA LEU C 329 -46.26 21.65 -17.95
C LEU C 329 -44.77 21.37 -18.15
N ALA C 330 -44.03 21.42 -17.04
CA ALA C 330 -42.58 21.45 -17.08
C ALA C 330 -42.03 20.06 -17.39
N PRO C 331 -41.05 19.99 -18.28
CA PRO C 331 -40.35 18.72 -18.53
C PRO C 331 -39.48 18.24 -17.38
N LYS C 332 -38.74 17.17 -17.65
CA LYS C 332 -37.92 16.47 -16.67
C LYS C 332 -36.84 17.36 -16.08
N SER C 333 -35.89 17.78 -16.91
CA SER C 333 -34.66 18.41 -16.43
C SER C 333 -34.85 19.84 -15.96
N LYS C 334 -36.01 20.44 -16.19
CA LYS C 334 -36.29 21.81 -15.79
C LYS C 334 -37.40 21.86 -14.74
N ALA C 335 -37.32 20.94 -13.77
CA ALA C 335 -38.35 20.75 -12.76
C ALA C 335 -38.43 21.88 -11.75
N ASP C 336 -37.45 22.79 -11.72
CA ASP C 336 -37.44 23.90 -10.76
C ASP C 336 -38.68 24.76 -10.91
N PHE C 337 -39.04 25.09 -12.13
CA PHE C 337 -40.24 25.89 -12.36
C PHE C 337 -41.52 25.09 -12.18
N ALA C 338 -41.45 23.80 -11.85
CA ALA C 338 -42.63 23.14 -11.33
C ALA C 338 -43.00 23.70 -9.97
N PHE C 339 -41.98 23.97 -9.13
CA PHE C 339 -42.21 24.39 -7.76
C PHE C 339 -42.96 25.70 -7.69
N VAL C 340 -42.60 26.64 -8.56
CA VAL C 340 -43.28 27.92 -8.56
C VAL C 340 -44.72 27.76 -9.03
N LEU C 341 -44.98 26.78 -9.90
CA LEU C 341 -46.36 26.51 -10.25
C LEU C 341 -47.09 25.84 -9.11
N HIS C 342 -46.36 25.11 -8.28
CA HIS C 342 -46.92 24.64 -7.03
C HIS C 342 -47.05 25.76 -6.02
N ALA C 343 -46.24 26.82 -6.15
CA ALA C 343 -46.13 27.80 -5.09
C ALA C 343 -47.37 28.68 -5.00
N LEU C 344 -47.88 29.14 -6.15
CA LEU C 344 -49.04 30.00 -6.15
C LEU C 344 -50.33 29.27 -5.81
N ASN C 345 -50.30 27.94 -5.73
CA ASN C 345 -51.47 27.19 -5.32
C ASN C 345 -51.77 27.43 -3.85
N TYR C 346 -50.83 27.08 -2.98
CA TYR C 346 -51.06 27.08 -1.53
C TYR C 346 -50.82 28.43 -0.90
N LEU C 347 -51.47 29.47 -1.42
CA LEU C 347 -51.13 30.82 -0.99
C LEU C 347 -52.35 31.72 -1.16
N SER C 348 -52.72 32.42 -0.09
CA SER C 348 -53.91 33.27 -0.11
C SER C 348 -53.60 34.56 -0.84
N ALA C 349 -54.59 35.46 -0.94
CA ALA C 349 -54.30 36.77 -1.49
C ALA C 349 -53.42 37.59 -0.55
N LYS C 350 -53.47 37.32 0.74
CA LYS C 350 -52.59 37.97 1.70
C LYS C 350 -51.18 37.43 1.61
N GLY C 351 -51.01 36.21 1.13
CA GLY C 351 -49.74 35.53 1.20
C GLY C 351 -48.72 36.05 0.20
N ARG C 352 -47.46 35.74 0.49
CA ARG C 352 -46.37 35.99 -0.44
C ARG C 352 -45.41 34.82 -0.37
N ALA C 353 -44.70 34.61 -1.47
CA ALA C 353 -43.85 33.44 -1.67
C ALA C 353 -42.43 33.91 -1.91
N ALA C 354 -41.48 33.33 -1.20
CA ALA C 354 -40.07 33.69 -1.36
C ALA C 354 -39.31 32.43 -1.72
N ILE C 355 -39.16 32.19 -3.02
CA ILE C 355 -38.51 30.98 -3.49
C ILE C 355 -37.18 31.35 -4.11
N VAL C 356 -36.36 30.35 -4.39
CA VAL C 356 -35.08 30.57 -5.04
C VAL C 356 -35.01 29.73 -6.31
N CYS C 357 -34.23 30.20 -7.27
CA CYS C 357 -34.06 29.49 -8.54
C CYS C 357 -32.66 29.72 -9.09
N PHE C 358 -32.32 28.85 -10.05
CA PHE C 358 -31.15 29.00 -10.89
C PHE C 358 -31.24 30.32 -11.66
N PRO C 359 -30.10 30.96 -11.92
CA PRO C 359 -30.15 32.22 -12.66
C PRO C 359 -30.44 32.04 -14.14
N GLY C 360 -30.08 30.90 -14.71
CA GLY C 360 -30.00 30.78 -16.17
C GLY C 360 -31.30 30.71 -16.94
N ILE C 361 -32.22 31.61 -16.64
CA ILE C 361 -33.47 31.75 -17.39
C ILE C 361 -33.32 32.92 -18.35
N PHE C 362 -33.26 32.62 -19.64
CA PHE C 362 -33.45 33.64 -20.67
C PHE C 362 -34.90 33.65 -21.15
N TYR C 363 -35.33 32.56 -21.78
CA TYR C 363 -36.73 32.17 -21.77
C TYR C 363 -36.90 30.66 -21.67
N ARG C 364 -35.78 29.90 -21.67
CA ARG C 364 -35.73 28.45 -21.43
C ARG C 364 -36.54 27.66 -22.45
N GLY C 365 -36.51 28.10 -23.70
CA GLY C 365 -37.29 27.45 -24.73
C GLY C 365 -38.77 27.78 -24.61
N GLY C 366 -39.54 27.22 -25.54
CA GLY C 366 -40.98 27.35 -25.48
C GLY C 366 -41.61 26.58 -24.34
N ALA C 367 -40.87 25.63 -23.76
CA ALA C 367 -41.38 24.85 -22.64
C ALA C 367 -41.56 25.72 -21.39
N GLU C 368 -40.77 26.77 -21.25
CA GLU C 368 -40.88 27.65 -20.09
C GLU C 368 -41.07 29.10 -20.46
N GLN C 369 -41.09 29.44 -21.76
CA GLN C 369 -41.37 30.80 -22.15
C GLN C 369 -42.79 31.19 -21.81
N LYS C 370 -43.75 30.32 -22.11
CA LYS C 370 -45.12 30.59 -21.72
C LYS C 370 -45.34 30.43 -20.23
N ILE C 371 -44.46 29.70 -19.54
CA ILE C 371 -44.52 29.64 -18.08
C ILE C 371 -44.11 30.98 -17.49
N ARG C 372 -43.00 31.53 -17.99
CA ARG C 372 -42.58 32.89 -17.64
C ARG C 372 -43.65 33.90 -18.01
N GLN C 373 -44.34 33.65 -19.13
CA GLN C 373 -45.45 34.51 -19.56
C GLN C 373 -46.60 34.48 -18.57
N TYR C 374 -47.01 33.28 -18.15
CA TYR C 374 -48.08 33.18 -17.17
C TYR C 374 -47.68 33.76 -15.83
N LEU C 375 -46.39 33.71 -15.49
CA LEU C 375 -45.93 34.41 -14.30
C LEU C 375 -46.06 35.91 -14.46
N VAL C 376 -45.66 36.45 -15.61
CA VAL C 376 -45.81 37.88 -15.85
C VAL C 376 -47.14 38.23 -16.46
N ASP C 377 -48.05 37.26 -16.61
CA ASP C 377 -49.41 37.55 -17.05
C ASP C 377 -50.13 38.40 -16.01
N ASN C 378 -49.81 38.20 -14.75
CA ASN C 378 -50.52 38.88 -13.69
C ASN C 378 -49.54 39.61 -12.81
N ASN C 379 -49.98 40.08 -11.66
CA ASN C 379 -49.09 40.59 -10.64
C ASN C 379 -48.61 39.51 -9.70
N TYR C 380 -48.57 38.26 -10.19
CA TYR C 380 -48.02 37.15 -9.43
C TYR C 380 -46.58 37.42 -9.01
N VAL C 381 -45.71 37.63 -9.99
CA VAL C 381 -44.33 37.97 -9.66
C VAL C 381 -44.25 39.41 -9.17
N GLU C 382 -43.69 39.58 -7.97
CA GLU C 382 -43.46 40.92 -7.45
C GLU C 382 -42.04 41.40 -7.74
N THR C 383 -41.04 40.73 -7.18
CA THR C 383 -39.66 41.17 -7.35
C THR C 383 -38.77 39.97 -7.57
N VAL C 384 -37.55 40.25 -8.01
CA VAL C 384 -36.49 39.26 -8.07
C VAL C 384 -35.23 39.88 -7.47
N ILE C 385 -34.38 39.02 -6.92
CA ILE C 385 -33.19 39.48 -6.22
C ILE C 385 -32.03 38.58 -6.63
N SER C 386 -30.97 39.17 -7.16
CA SER C 386 -29.77 38.39 -7.41
C SER C 386 -28.89 38.36 -6.17
N LEU C 387 -27.96 37.42 -6.15
CA LEU C 387 -27.10 37.28 -4.99
C LEU C 387 -25.63 37.37 -5.34
N ALA C 388 -24.77 37.14 -4.36
CA ALA C 388 -23.33 37.26 -4.55
C ALA C 388 -22.69 35.89 -4.62
N PRO C 389 -22.00 35.56 -5.69
CA PRO C 389 -21.24 34.31 -5.71
C PRO C 389 -19.99 34.44 -4.83
N ASN C 390 -19.68 33.38 -4.08
CA ASN C 390 -20.44 32.13 -4.03
C ASN C 390 -21.50 32.20 -2.95
N LEU C 391 -21.00 32.37 -1.71
CA LEU C 391 -21.80 32.40 -0.49
C LEU C 391 -22.62 31.12 -0.34
N PHE C 392 -22.02 30.01 -0.77
CA PHE C 392 -22.57 28.67 -0.62
C PHE C 392 -21.38 27.75 -0.35
N PHE C 393 -21.58 26.46 -0.52
CA PHE C 393 -20.50 25.50 -0.46
C PHE C 393 -20.26 24.95 -1.86
N GLY C 394 -19.46 25.66 -2.64
CA GLY C 394 -19.01 25.14 -3.91
C GLY C 394 -20.05 25.04 -5.01
N THR C 395 -20.48 26.16 -5.57
CA THR C 395 -21.41 26.12 -6.70
C THR C 395 -20.88 26.59 -8.05
N THR C 396 -20.04 27.63 -8.24
CA THR C 396 -19.51 28.64 -7.33
C THR C 396 -20.36 29.89 -7.57
N ILE C 397 -21.46 29.66 -8.28
CA ILE C 397 -22.34 30.72 -8.77
C ILE C 397 -23.20 31.25 -7.65
N ALA C 398 -23.91 32.34 -7.91
CA ALA C 398 -25.00 32.81 -7.06
C ALA C 398 -26.31 32.31 -7.63
N VAL C 399 -27.43 32.68 -6.99
CA VAL C 399 -28.77 32.26 -7.38
C VAL C 399 -29.72 33.43 -7.26
N ASN C 400 -30.90 33.26 -7.83
CA ASN C 400 -31.92 34.30 -7.80
C ASN C 400 -33.01 33.95 -6.79
N ILE C 401 -33.63 34.99 -6.27
CA ILE C 401 -34.71 34.88 -5.30
C ILE C 401 -35.94 35.52 -5.91
N LEU C 402 -36.95 34.72 -6.18
CA LEU C 402 -38.20 35.20 -6.72
C LEU C 402 -39.17 35.46 -5.58
N VAL C 403 -39.69 36.67 -5.51
CA VAL C 403 -40.68 37.03 -4.51
C VAL C 403 -41.97 37.27 -5.25
N LEU C 404 -42.99 36.50 -4.87
CA LEU C 404 -44.27 36.44 -5.53
C LEU C 404 -45.36 36.88 -4.57
N SER C 405 -46.44 37.45 -5.10
CA SER C 405 -47.56 37.83 -4.27
C SER C 405 -48.83 37.86 -5.09
N LYS C 406 -49.96 37.72 -4.43
CA LYS C 406 -51.26 38.03 -5.02
C LYS C 406 -51.68 39.42 -4.58
N HIS C 407 -50.95 40.40 -5.12
CA HIS C 407 -50.97 41.74 -4.57
C HIS C 407 -50.63 42.72 -5.69
N LYS C 408 -51.26 43.89 -5.64
CA LYS C 408 -51.29 44.81 -6.78
C LYS C 408 -50.80 46.19 -6.38
N THR C 409 -49.83 46.71 -7.12
CA THR C 409 -49.43 48.11 -6.99
C THR C 409 -49.59 48.94 -8.26
N ASP C 410 -49.06 48.58 -9.45
CA ASP C 410 -48.23 47.43 -9.86
C ASP C 410 -47.15 47.71 -10.93
N THR C 411 -45.90 47.57 -10.51
CA THR C 411 -44.79 47.44 -11.43
C THR C 411 -43.75 46.54 -10.76
N ASN C 412 -42.84 46.01 -11.56
CA ASN C 412 -41.85 45.09 -11.03
C ASN C 412 -40.59 45.83 -10.61
N VAL C 413 -40.01 45.41 -9.51
CA VAL C 413 -38.73 45.92 -9.06
C VAL C 413 -37.76 44.76 -9.25
N GLN C 414 -37.08 44.74 -10.40
CA GLN C 414 -36.04 43.75 -10.62
C GLN C 414 -34.85 44.17 -9.77
N PHE C 415 -34.89 43.73 -8.51
CA PHE C 415 -34.06 44.27 -7.46
C PHE C 415 -32.85 43.36 -7.26
N ILE C 416 -31.98 43.37 -8.27
CA ILE C 416 -30.79 42.54 -8.24
C ILE C 416 -29.78 43.12 -7.28
N ASP C 417 -28.77 42.32 -6.93
CA ASP C 417 -27.60 42.78 -6.20
C ASP C 417 -26.49 41.78 -6.41
N ALA C 418 -25.27 42.28 -6.54
CA ALA C 418 -24.07 41.48 -6.39
C ALA C 418 -23.20 41.94 -5.25
N SER C 419 -23.25 43.23 -4.91
CA SER C 419 -22.48 43.82 -3.83
C SER C 419 -23.12 45.16 -3.51
N GLU C 420 -23.44 45.42 -2.25
CA GLU C 420 -23.06 44.57 -1.12
C GLU C 420 -24.30 44.15 -0.30
N LEU C 421 -24.53 42.88 0.06
CA LEU C 421 -23.82 41.61 -0.29
C LEU C 421 -22.34 41.50 0.02
N PHE C 422 -22.04 41.34 1.30
CA PHE C 422 -20.68 41.27 1.79
C PHE C 422 -20.04 40.01 1.23
N LYS C 423 -19.41 40.17 0.07
CA LYS C 423 -18.99 39.04 -0.74
C LYS C 423 -17.73 38.40 -0.17
N LYS C 424 -17.04 39.11 0.72
CA LYS C 424 -15.71 38.72 1.16
C LYS C 424 -15.74 37.43 1.95
N GLU C 425 -16.67 37.31 2.88
CA GLU C 425 -16.94 36.06 3.60
C GLU C 425 -18.35 36.14 4.16
N THR C 426 -18.65 35.25 5.09
CA THR C 426 -19.77 35.44 5.99
C THR C 426 -19.40 35.04 7.41
N ASN C 427 -18.11 34.80 7.67
CA ASN C 427 -17.61 34.47 9.01
C ASN C 427 -17.78 35.61 9.98
N ASN C 428 -17.55 36.85 9.54
CA ASN C 428 -17.83 38.01 10.36
C ASN C 428 -19.33 38.16 10.52
N ASN C 429 -19.74 38.72 11.67
CA ASN C 429 -21.14 39.00 12.03
C ASN C 429 -21.98 37.72 12.01
N ILE C 430 -21.63 36.82 12.93
CA ILE C 430 -22.33 35.54 13.04
C ILE C 430 -23.79 35.75 13.48
N LEU C 431 -24.02 36.71 14.38
CA LEU C 431 -25.35 36.97 14.92
C LEU C 431 -26.27 37.54 13.85
N THR C 432 -25.96 38.74 13.36
CA THR C 432 -26.64 39.37 12.23
C THR C 432 -25.61 40.15 11.43
N ASP C 433 -25.69 40.07 10.10
CA ASP C 433 -24.81 40.89 9.27
C ASP C 433 -25.18 42.36 9.35
N ALA C 434 -26.44 42.66 9.71
CA ALA C 434 -27.03 44.01 9.69
C ALA C 434 -26.88 44.67 8.32
N HIS C 435 -26.85 43.84 7.30
CA HIS C 435 -26.46 44.17 5.95
C HIS C 435 -27.53 43.78 4.97
N ILE C 436 -28.11 42.59 5.18
CA ILE C 436 -29.41 42.27 4.64
C ILE C 436 -30.48 43.15 5.27
N GLU C 437 -30.22 43.67 6.46
CA GLU C 437 -31.04 44.72 7.04
C GLU C 437 -31.16 45.90 6.09
N GLN C 438 -30.03 46.34 5.54
CA GLN C 438 -30.01 47.42 4.57
C GLN C 438 -30.73 47.02 3.28
N ILE C 439 -30.58 45.76 2.87
CA ILE C 439 -31.20 45.27 1.65
C ILE C 439 -32.71 45.26 1.77
N MET C 440 -33.19 44.70 2.87
CA MET C 440 -34.61 44.69 3.17
C MET C 440 -35.14 46.10 3.35
N GLN C 441 -34.32 46.98 3.92
CA GLN C 441 -34.73 48.35 4.16
C GLN C 441 -34.96 49.09 2.85
N VAL C 442 -34.06 48.91 1.89
CA VAL C 442 -34.26 49.58 0.61
C VAL C 442 -35.25 48.82 -0.26
N PHE C 443 -35.50 47.55 0.04
CA PHE C 443 -36.62 46.86 -0.61
C PHE C 443 -37.95 47.38 -0.13
N ALA C 444 -37.99 47.84 1.12
CA ALA C 444 -39.25 47.99 1.85
C ALA C 444 -40.16 49.03 1.21
N SER C 445 -39.60 50.16 0.76
CA SER C 445 -40.42 51.20 0.16
C SER C 445 -39.82 51.60 -1.19
N LYS C 446 -40.08 50.79 -2.21
CA LYS C 446 -40.18 51.12 -3.62
C LYS C 446 -39.18 52.14 -4.15
N GLU C 447 -37.91 52.02 -3.75
CA GLU C 447 -36.91 53.01 -4.08
C GLU C 447 -36.52 52.91 -5.55
N ASP C 448 -35.70 53.86 -5.98
CA ASP C 448 -35.07 53.83 -7.29
C ASP C 448 -33.61 54.27 -7.12
N VAL C 449 -32.72 53.30 -7.02
CA VAL C 449 -31.36 53.52 -6.55
C VAL C 449 -30.42 53.34 -7.73
N ALA C 450 -29.33 54.12 -7.73
CA ALA C 450 -28.20 53.90 -8.62
C ALA C 450 -27.09 53.21 -7.85
N HIS C 451 -26.18 52.56 -8.60
CA HIS C 451 -25.11 51.71 -8.07
C HIS C 451 -25.66 50.57 -7.22
N LEU C 452 -26.89 50.17 -7.55
CA LEU C 452 -27.76 49.18 -6.93
C LEU C 452 -29.02 49.20 -7.80
N ALA C 453 -29.81 48.14 -7.71
CA ALA C 453 -30.95 48.04 -8.61
C ALA C 453 -32.10 48.94 -8.17
N LYS C 454 -33.21 48.83 -8.87
CA LYS C 454 -34.33 49.74 -8.72
C LYS C 454 -35.55 49.11 -9.38
N SER C 455 -36.63 49.88 -9.44
CA SER C 455 -37.80 49.44 -10.16
C SER C 455 -37.61 49.65 -11.66
N VAL C 456 -38.45 48.97 -12.43
CA VAL C 456 -38.51 49.14 -13.86
C VAL C 456 -39.97 49.33 -14.26
N ALA C 457 -40.20 49.48 -15.55
CA ALA C 457 -41.54 49.61 -16.07
C ALA C 457 -42.29 48.29 -15.97
N PHE C 458 -43.61 48.39 -15.95
CA PHE C 458 -44.45 47.20 -15.90
C PHE C 458 -44.50 46.47 -17.23
N GLU C 459 -44.11 47.13 -18.31
CA GLU C 459 -44.12 46.54 -19.64
C GLU C 459 -42.73 46.55 -20.26
N THR C 460 -41.70 46.78 -19.45
CA THR C 460 -40.34 46.65 -19.97
C THR C 460 -40.02 45.22 -20.32
N VAL C 461 -40.54 44.28 -19.54
CA VAL C 461 -40.23 42.87 -19.76
C VAL C 461 -41.08 42.27 -20.87
N VAL C 462 -42.22 42.87 -21.19
CA VAL C 462 -42.92 42.42 -22.40
C VAL C 462 -42.27 43.05 -23.62
N ALA C 463 -41.53 44.14 -23.44
CA ALA C 463 -40.63 44.60 -24.50
C ALA C 463 -39.39 43.72 -24.58
N ASN C 464 -38.95 43.18 -23.44
CA ASN C 464 -37.93 42.14 -23.45
C ASN C 464 -38.54 40.83 -23.94
N ASP C 465 -37.69 39.83 -24.09
CA ASP C 465 -38.15 38.47 -24.33
C ASP C 465 -38.29 37.72 -23.00
N TYR C 466 -38.92 38.41 -22.05
CA TYR C 466 -39.33 37.88 -20.75
C TYR C 466 -38.12 37.32 -19.98
N ASN C 467 -37.20 38.22 -19.70
CA ASN C 467 -35.84 37.86 -19.34
C ASN C 467 -35.59 38.15 -17.86
N LEU C 468 -34.55 37.52 -17.32
CA LEU C 468 -34.38 37.53 -15.88
C LEU C 468 -32.88 37.39 -15.57
N SER C 469 -32.22 38.52 -15.34
CA SER C 469 -32.74 39.86 -15.60
C SER C 469 -31.85 40.48 -16.67
N VAL C 470 -32.27 41.62 -17.20
CA VAL C 470 -31.42 42.41 -18.08
C VAL C 470 -31.35 43.81 -17.50
N SER C 471 -32.51 44.45 -17.41
CA SER C 471 -32.64 45.64 -16.59
C SER C 471 -32.42 45.27 -15.12
N SER C 472 -31.78 46.15 -14.35
CA SER C 472 -31.15 47.37 -14.83
C SER C 472 -29.70 47.10 -15.10
N TYR C 473 -29.06 46.46 -14.12
CA TYR C 473 -27.64 46.08 -14.15
C TYR C 473 -26.75 47.31 -14.37
N VAL C 474 -26.71 48.15 -13.34
CA VAL C 474 -26.24 49.52 -13.52
C VAL C 474 -24.72 49.56 -13.63
N GLU C 475 -24.25 49.37 -14.86
CA GLU C 475 -23.21 50.16 -15.55
C GLU C 475 -22.10 50.69 -14.63
N ALA C 476 -21.39 49.75 -13.99
CA ALA C 476 -20.25 50.15 -13.19
C ALA C 476 -19.04 50.38 -14.09
N LYS C 477 -17.89 50.66 -13.44
CA LYS C 477 -16.55 50.90 -14.03
C LYS C 477 -16.59 51.86 -15.23
N ASP C 478 -16.97 53.11 -14.93
CA ASP C 478 -17.17 54.14 -15.94
C ASP C 478 -15.94 55.04 -15.99
N ASN C 479 -15.13 54.90 -17.03
CA ASN C 479 -13.85 55.63 -17.11
C ASN C 479 -13.53 56.03 -18.54
N ARG C 480 -12.91 57.20 -18.70
CA ARG C 480 -12.30 57.64 -19.95
C ARG C 480 -11.20 58.64 -19.62
N GLU C 481 -10.53 59.14 -20.66
CA GLU C 481 -9.30 59.91 -20.51
C GLU C 481 -9.46 61.33 -21.04
N ILE C 482 -8.42 62.14 -20.83
CA ILE C 482 -8.31 63.50 -21.35
C ILE C 482 -7.68 63.36 -22.74
N ILE C 483 -7.69 64.44 -23.52
CA ILE C 483 -7.33 64.36 -24.95
C ILE C 483 -5.85 64.08 -25.12
N ASP C 484 -4.99 64.99 -24.66
CA ASP C 484 -3.58 64.98 -25.02
C ASP C 484 -2.61 64.94 -23.85
N ILE C 485 -3.08 64.64 -22.64
CA ILE C 485 -2.17 64.49 -21.52
C ILE C 485 -1.38 63.18 -21.65
N ALA C 486 -1.99 62.17 -22.26
CA ALA C 486 -1.35 60.86 -22.39
C ALA C 486 -0.57 60.69 -23.68
N GLU C 487 -0.09 61.76 -24.31
CA GLU C 487 0.72 61.60 -25.51
C GLU C 487 2.01 62.42 -25.47
N LEU C 488 1.99 63.57 -24.80
CA LEU C 488 3.20 64.40 -24.77
C LEU C 488 4.27 63.81 -23.87
N ASN C 489 3.87 63.06 -22.84
CA ASN C 489 4.85 62.37 -21.99
C ASN C 489 5.55 61.27 -22.77
N ALA C 490 4.80 60.51 -23.58
CA ALA C 490 5.41 59.51 -24.45
C ALA C 490 6.25 60.16 -25.53
N GLU C 491 5.87 61.35 -25.98
CA GLU C 491 6.68 62.09 -26.94
C GLU C 491 8.02 62.51 -26.33
N LEU C 492 8.00 62.97 -25.07
CA LEU C 492 9.22 63.33 -24.37
C LEU C 492 10.11 62.11 -24.12
N LYS C 493 9.49 60.98 -23.78
CA LYS C 493 10.26 59.75 -23.60
C LYS C 493 10.85 59.27 -24.92
N THR C 494 10.17 59.50 -26.05
CA THR C 494 10.80 59.18 -27.33
C THR C 494 11.94 60.15 -27.67
N THR C 495 11.84 61.41 -27.25
CA THR C 495 12.97 62.33 -27.43
C THR C 495 14.17 61.90 -26.59
N VAL C 496 13.91 61.30 -25.43
CA VAL C 496 14.99 60.62 -24.70
C VAL C 496 15.47 59.40 -25.47
N SER C 497 14.55 58.71 -26.15
CA SER C 497 14.88 57.46 -26.81
C SER C 497 15.75 57.66 -28.05
N LYS C 498 15.65 58.81 -28.71
CA LYS C 498 16.51 59.08 -29.87
C LYS C 498 17.97 59.22 -29.46
N ILE C 499 18.25 60.00 -28.42
CA ILE C 499 19.63 60.13 -27.99
C ILE C 499 20.10 58.84 -27.32
N ASP C 500 19.19 58.04 -26.78
CA ASP C 500 19.59 56.72 -26.31
C ASP C 500 19.92 55.77 -27.46
N GLN C 501 19.21 55.89 -28.59
CA GLN C 501 19.59 55.18 -29.82
C GLN C 501 20.96 55.61 -30.32
N LEU C 502 21.26 56.91 -30.20
CA LEU C 502 22.56 57.39 -30.65
C LEU C 502 23.69 56.92 -29.74
N ARG C 503 23.45 56.93 -28.43
CA ARG C 503 24.40 56.36 -27.47
C ARG C 503 24.57 54.86 -27.70
N LYS C 504 23.50 54.19 -28.14
CA LYS C 504 23.55 52.77 -28.48
C LYS C 504 24.40 52.53 -29.72
N ASP C 505 24.28 53.42 -30.71
CA ASP C 505 25.07 53.29 -31.94
C ASP C 505 26.54 53.60 -31.68
N ILE C 506 26.84 54.50 -30.74
CA ILE C 506 28.23 54.80 -30.41
C ILE C 506 28.83 53.69 -29.56
N ASP C 507 28.13 53.28 -28.50
CA ASP C 507 28.69 52.38 -27.49
C ASP C 507 28.80 50.93 -27.94
N ALA C 508 28.39 50.61 -29.18
CA ALA C 508 28.52 49.24 -29.68
C ALA C 508 29.96 48.86 -29.97
N ILE C 509 30.87 49.83 -30.07
CA ILE C 509 32.27 49.55 -30.33
C ILE C 509 33.00 49.57 -28.99
N VAL C 510 33.40 48.39 -28.51
CA VAL C 510 34.12 48.28 -27.25
C VAL C 510 35.53 47.76 -27.50
N ALA D 10 -4.65 -4.36 -37.25
CA ALA D 10 -3.74 -4.45 -38.39
C ALA D 10 -4.04 -5.69 -39.21
N GLU D 11 -3.76 -6.86 -38.63
CA GLU D 11 -4.09 -8.13 -39.28
C GLU D 11 -5.56 -8.48 -39.03
N LEU D 12 -5.90 -8.74 -37.76
CA LEU D 12 -7.29 -8.82 -37.30
C LEU D 12 -7.50 -8.06 -36.01
N HIS D 13 -6.52 -7.26 -35.58
CA HIS D 13 -6.49 -6.74 -34.22
C HIS D 13 -7.55 -5.67 -33.98
N ARG D 14 -7.98 -4.97 -35.04
CA ARG D 14 -9.05 -4.00 -34.90
C ARG D 14 -10.39 -4.69 -34.64
N GLN D 15 -10.67 -5.76 -35.37
CA GLN D 15 -11.92 -6.48 -35.19
C GLN D 15 -11.98 -7.17 -33.84
N ILE D 16 -10.88 -7.84 -33.46
CA ILE D 16 -10.82 -8.52 -32.18
C ILE D 16 -10.86 -7.52 -31.05
N TRP D 17 -10.15 -6.41 -31.21
CA TRP D 17 -10.21 -5.24 -30.33
C TRP D 17 -11.65 -4.80 -30.08
N GLN D 18 -12.40 -4.55 -31.16
CA GLN D 18 -13.75 -4.02 -31.03
C GLN D 18 -14.72 -5.04 -30.44
N ILE D 19 -14.64 -6.30 -30.87
CA ILE D 19 -15.57 -7.29 -30.35
C ILE D 19 -15.25 -7.61 -28.90
N ALA D 20 -13.97 -7.50 -28.50
CA ALA D 20 -13.64 -7.63 -27.09
C ALA D 20 -14.18 -6.46 -26.27
N ASN D 21 -14.16 -5.25 -26.82
CA ASN D 21 -14.70 -4.12 -26.06
C ASN D 21 -16.23 -4.15 -26.03
N ASP D 22 -16.85 -4.83 -27.00
CA ASP D 22 -18.31 -4.91 -27.02
C ASP D 22 -18.87 -5.78 -25.91
N VAL D 23 -18.06 -6.68 -25.35
CA VAL D 23 -18.54 -7.58 -24.31
C VAL D 23 -18.84 -6.85 -23.01
N ARG D 24 -18.22 -5.70 -22.79
CA ARG D 24 -18.07 -5.06 -21.49
C ARG D 24 -19.37 -4.53 -20.88
N GLY D 25 -20.57 -4.83 -21.40
CA GLY D 25 -21.79 -4.48 -20.71
C GLY D 25 -22.13 -5.44 -19.57
N SER D 26 -23.02 -5.01 -18.68
CA SER D 26 -23.73 -3.73 -18.77
C SER D 26 -23.60 -2.87 -17.51
N VAL D 27 -22.77 -3.30 -16.55
CA VAL D 27 -22.51 -2.49 -15.38
C VAL D 27 -20.98 -2.42 -15.26
N ASP D 28 -20.46 -1.84 -14.17
CA ASP D 28 -19.04 -1.49 -13.96
C ASP D 28 -18.08 -2.62 -14.34
N GLY D 29 -16.96 -2.23 -14.96
CA GLY D 29 -16.10 -3.17 -15.65
C GLY D 29 -15.10 -3.91 -14.79
N TRP D 30 -14.76 -3.38 -13.63
CA TRP D 30 -13.79 -4.06 -12.76
C TRP D 30 -14.34 -5.35 -12.20
N ASP D 31 -15.61 -5.35 -11.81
CA ASP D 31 -16.19 -6.57 -11.27
C ASP D 31 -16.45 -7.58 -12.39
N PHE D 32 -16.94 -7.11 -13.54
CA PHE D 32 -17.15 -8.00 -14.68
C PHE D 32 -15.85 -8.50 -15.29
N LYS D 33 -14.73 -7.85 -15.00
CA LYS D 33 -13.45 -8.28 -15.55
C LYS D 33 -13.10 -9.69 -15.10
N GLN D 34 -13.38 -10.00 -13.84
CA GLN D 34 -13.15 -11.33 -13.29
C GLN D 34 -13.94 -12.38 -14.06
N TYR D 35 -15.21 -12.09 -14.32
CA TYR D 35 -16.09 -13.07 -14.95
C TYR D 35 -15.75 -13.24 -16.42
N VAL D 36 -15.42 -12.14 -17.10
CA VAL D 36 -15.08 -12.23 -18.52
C VAL D 36 -13.81 -13.04 -18.71
N LEU D 37 -12.80 -12.78 -17.88
CA LEU D 37 -11.57 -13.53 -18.02
C LEU D 37 -11.73 -14.97 -17.58
N GLY D 38 -12.59 -15.23 -16.61
CA GLY D 38 -12.85 -16.61 -16.21
C GLY D 38 -13.52 -17.41 -17.30
N ALA D 39 -14.50 -16.80 -17.97
CA ALA D 39 -15.19 -17.50 -19.05
C ALA D 39 -14.28 -17.70 -20.26
N LEU D 40 -13.45 -16.70 -20.55
CA LEU D 40 -12.47 -16.84 -21.63
C LEU D 40 -11.46 -17.95 -21.31
N PHE D 41 -11.04 -18.04 -20.06
CA PHE D 41 -10.08 -19.06 -19.69
C PHE D 41 -10.69 -20.45 -19.71
N TYR D 42 -11.97 -20.54 -19.34
CA TYR D 42 -12.67 -21.81 -19.45
C TYR D 42 -12.79 -22.23 -20.89
N ARG D 43 -13.01 -21.26 -21.79
CA ARG D 43 -13.01 -21.57 -23.22
C ARG D 43 -11.65 -22.06 -23.68
N PHE D 44 -10.58 -21.48 -23.13
CA PHE D 44 -9.25 -21.90 -23.57
C PHE D 44 -8.91 -23.30 -23.11
N ILE D 45 -9.26 -23.64 -21.87
CA ILE D 45 -9.02 -25.01 -21.43
C ILE D 45 -9.87 -25.98 -22.22
N SER D 46 -11.10 -25.57 -22.54
CA SER D 46 -11.99 -26.42 -23.33
C SER D 46 -11.44 -26.65 -24.73
N GLU D 47 -10.73 -25.68 -25.28
CA GLU D 47 -10.11 -25.93 -26.57
C GLU D 47 -8.83 -26.74 -26.42
N ASN D 48 -8.05 -26.46 -25.39
CA ASN D 48 -6.71 -27.04 -25.27
C ASN D 48 -6.78 -28.52 -24.92
N PHE D 49 -7.61 -28.88 -23.95
CA PHE D 49 -7.71 -30.26 -23.51
C PHE D 49 -8.31 -31.14 -24.59
N SER D 50 -9.28 -30.59 -25.32
CA SER D 50 -9.88 -31.31 -26.45
C SER D 50 -8.88 -31.49 -27.57
N SER D 51 -8.15 -30.43 -27.92
CA SER D 51 -7.15 -30.53 -28.98
C SER D 51 -5.98 -31.43 -28.58
N TYR D 52 -5.73 -31.57 -27.28
CA TYR D 52 -4.78 -32.56 -26.83
C TYR D 52 -5.31 -33.97 -27.04
N ILE D 53 -6.49 -34.27 -26.50
CA ILE D 53 -6.95 -35.65 -26.52
C ILE D 53 -7.37 -36.11 -27.90
N GLU D 54 -7.72 -35.19 -28.81
CA GLU D 54 -7.98 -35.63 -30.17
C GLU D 54 -6.68 -35.98 -30.87
N ALA D 55 -5.59 -35.32 -30.51
CA ALA D 55 -4.28 -35.73 -30.97
C ALA D 55 -3.89 -37.02 -30.24
N THR D 71 -9.16 -37.62 -32.76
CA THR D 71 -8.87 -37.20 -34.12
C THR D 71 -10.06 -37.47 -35.04
N ASP D 72 -11.12 -38.02 -34.46
CA ASP D 72 -12.28 -38.42 -35.24
C ASP D 72 -13.56 -37.74 -34.80
N ASP D 73 -13.84 -37.70 -33.50
CA ASP D 73 -15.12 -37.26 -32.98
C ASP D 73 -14.95 -35.95 -32.23
N ILE D 74 -15.60 -34.89 -32.72
CA ILE D 74 -15.66 -33.65 -31.96
C ILE D 74 -16.42 -33.87 -30.67
N LYS D 75 -17.64 -34.39 -30.77
CA LYS D 75 -18.51 -34.59 -29.62
C LYS D 75 -18.12 -35.88 -28.91
N ASP D 76 -17.63 -35.73 -27.69
CA ASP D 76 -17.12 -36.85 -26.92
C ASP D 76 -18.24 -37.41 -26.04
N ASP D 77 -17.89 -38.26 -25.09
CA ASP D 77 -18.86 -38.91 -24.20
C ASP D 77 -18.12 -39.47 -22.99
N ALA D 78 -18.89 -39.94 -22.01
CA ALA D 78 -18.34 -40.42 -20.73
C ALA D 78 -17.77 -41.82 -20.93
N ILE D 79 -16.59 -41.87 -21.53
CA ILE D 79 -15.93 -43.09 -21.93
C ILE D 79 -14.52 -43.08 -21.31
N LYS D 80 -14.43 -42.49 -20.10
CA LYS D 80 -13.19 -41.88 -19.61
C LYS D 80 -12.05 -42.88 -19.44
N THR D 81 -12.35 -44.08 -18.94
CA THR D 81 -11.38 -45.16 -18.68
C THR D 81 -10.22 -44.67 -17.81
N LYS D 82 -10.57 -44.38 -16.55
CA LYS D 82 -9.79 -43.51 -15.67
C LYS D 82 -8.42 -44.03 -15.27
N GLY D 83 -8.00 -45.22 -15.70
CA GLY D 83 -6.58 -45.55 -15.63
C GLY D 83 -5.77 -44.68 -16.57
N TYR D 84 -6.36 -44.32 -17.72
CA TYR D 84 -5.75 -43.39 -18.66
C TYR D 84 -5.76 -41.96 -18.14
N PHE D 85 -6.66 -41.65 -17.20
CA PHE D 85 -6.93 -40.28 -16.79
C PHE D 85 -5.77 -39.65 -16.02
N ILE D 86 -4.91 -40.46 -15.41
CA ILE D 86 -3.79 -39.89 -14.67
C ILE D 86 -2.66 -39.43 -15.59
N TYR D 87 -2.63 -39.90 -16.83
CA TYR D 87 -1.56 -39.51 -17.74
C TYR D 87 -1.65 -38.03 -18.15
N PRO D 88 -2.82 -37.45 -18.51
CA PRO D 88 -2.82 -36.00 -18.71
C PRO D 88 -2.86 -35.23 -17.41
N SER D 89 -3.29 -35.84 -16.31
CA SER D 89 -3.21 -35.18 -15.02
C SER D 89 -1.77 -34.98 -14.60
N GLN D 90 -0.88 -35.86 -15.05
CA GLN D 90 0.54 -35.60 -14.93
C GLN D 90 1.02 -34.68 -16.03
N LEU D 91 0.45 -34.80 -17.23
CA LEU D 91 0.95 -34.07 -18.38
C LEU D 91 0.49 -32.62 -18.37
N PHE D 92 -0.77 -32.39 -18.03
CA PHE D 92 -1.35 -31.05 -18.06
C PHE D 92 -1.86 -30.56 -16.72
N CYS D 93 -2.53 -31.44 -15.97
CA CYS D 93 -3.16 -31.12 -14.69
C CYS D 93 -4.23 -30.03 -14.85
N ASN D 94 -4.95 -30.08 -15.96
CA ASN D 94 -6.32 -29.54 -16.04
C ASN D 94 -7.13 -30.61 -16.76
N VAL D 95 -7.60 -31.58 -15.99
CA VAL D 95 -8.25 -32.75 -16.55
C VAL D 95 -9.73 -32.76 -16.19
N ALA D 96 -10.56 -32.15 -17.05
CA ALA D 96 -11.93 -31.90 -16.63
C ALA D 96 -12.83 -33.10 -16.87
N ALA D 97 -13.14 -33.38 -18.13
CA ALA D 97 -14.15 -34.36 -18.48
C ALA D 97 -14.06 -34.59 -19.98
N LYS D 98 -15.06 -35.24 -20.54
CA LYS D 98 -15.27 -35.24 -21.97
C LYS D 98 -16.63 -34.70 -22.34
N ALA D 99 -17.43 -34.29 -21.37
CA ALA D 99 -18.77 -33.80 -21.65
C ALA D 99 -19.10 -32.58 -20.82
N ASN D 100 -18.10 -31.91 -20.27
CA ASN D 100 -18.33 -30.78 -19.39
C ASN D 100 -17.42 -29.63 -19.76
N THR D 101 -17.17 -29.47 -21.05
CA THR D 101 -16.33 -28.41 -21.57
C THR D 101 -17.22 -27.27 -22.06
N ASN D 102 -16.59 -26.19 -22.55
CA ASN D 102 -17.35 -25.02 -22.93
C ASN D 102 -18.17 -25.25 -24.20
N ASP D 103 -17.64 -26.04 -25.14
CA ASP D 103 -18.43 -26.51 -26.28
C ASP D 103 -19.62 -27.34 -25.82
N ARG D 104 -19.51 -28.01 -24.68
CA ARG D 104 -20.55 -28.86 -24.15
C ARG D 104 -21.44 -28.14 -23.15
N LEU D 105 -20.85 -27.32 -22.28
CA LEU D 105 -21.65 -26.63 -21.28
C LEU D 105 -22.40 -25.45 -21.88
N ASN D 106 -21.85 -24.82 -22.91
CA ASN D 106 -22.59 -23.72 -23.50
C ASN D 106 -23.58 -24.20 -24.55
N ALA D 107 -23.79 -25.50 -24.67
CA ALA D 107 -24.98 -25.99 -25.36
C ALA D 107 -26.22 -25.88 -24.50
N ASP D 108 -26.05 -25.75 -23.17
CA ASP D 108 -27.16 -25.60 -22.26
C ASP D 108 -27.44 -24.10 -22.06
N LEU D 109 -28.02 -23.52 -23.11
CA LEU D 109 -28.33 -22.10 -23.11
C LEU D 109 -29.52 -21.83 -22.21
N ASN D 110 -29.33 -20.93 -21.24
CA ASN D 110 -30.35 -20.51 -20.28
C ASN D 110 -30.91 -21.71 -19.51
N SER D 111 -30.03 -22.61 -19.09
CA SER D 111 -30.41 -23.79 -18.33
C SER D 111 -30.24 -23.49 -16.86
N ILE D 112 -31.35 -23.49 -16.13
CA ILE D 112 -31.32 -23.59 -14.68
C ILE D 112 -30.54 -24.84 -14.31
N PHE D 113 -29.44 -24.67 -13.57
CA PHE D 113 -29.10 -23.46 -12.83
C PHE D 113 -27.64 -23.05 -12.97
N VAL D 114 -27.24 -22.10 -12.12
CA VAL D 114 -25.87 -21.59 -12.15
C VAL D 114 -24.88 -22.64 -11.66
N ALA D 115 -25.11 -23.20 -10.48
CA ALA D 115 -24.11 -23.88 -9.66
C ALA D 115 -23.48 -25.11 -10.33
N ILE D 116 -24.04 -25.60 -11.44
CA ILE D 116 -23.39 -26.63 -12.25
C ILE D 116 -21.99 -26.20 -12.63
N GLU D 117 -21.83 -24.96 -13.11
CA GLU D 117 -20.49 -24.49 -13.41
C GLU D 117 -19.68 -24.30 -12.13
N SER D 118 -20.34 -23.97 -11.02
CA SER D 118 -19.62 -23.95 -9.76
C SER D 118 -19.24 -25.35 -9.32
N SER D 119 -19.96 -26.37 -9.79
CA SER D 119 -19.45 -27.72 -9.68
C SER D 119 -18.41 -27.97 -10.76
N ALA D 120 -18.62 -27.42 -11.96
CA ALA D 120 -17.67 -27.62 -13.05
C ALA D 120 -16.41 -26.80 -12.89
N TYR D 121 -16.31 -25.99 -11.84
CA TYR D 121 -15.04 -25.45 -11.38
C TYR D 121 -14.59 -26.10 -10.09
N GLY D 122 -15.40 -26.96 -9.50
CA GLY D 122 -15.03 -27.63 -8.28
C GLY D 122 -13.98 -28.69 -8.53
N TYR D 123 -14.36 -29.70 -9.29
CA TYR D 123 -13.43 -30.80 -9.56
C TYR D 123 -12.21 -30.51 -10.45
N PRO D 124 -12.23 -29.66 -11.52
CA PRO D 124 -11.01 -29.55 -12.32
C PRO D 124 -9.93 -28.76 -11.60
N SER D 125 -10.26 -28.06 -10.54
CA SER D 125 -9.27 -27.49 -9.66
C SER D 125 -8.94 -28.39 -8.49
N GLU D 126 -9.37 -29.65 -8.50
CA GLU D 126 -8.93 -30.53 -7.41
C GLU D 126 -7.57 -31.13 -7.71
N ALA D 127 -7.53 -32.08 -8.66
CA ALA D 127 -6.37 -32.57 -9.42
C ALA D 127 -5.04 -32.61 -8.64
N ASP D 128 -5.09 -33.18 -7.44
CA ASP D 128 -4.03 -33.02 -6.44
C ASP D 128 -2.77 -33.84 -6.71
N ILE D 129 -2.59 -34.40 -7.90
CA ILE D 129 -1.48 -35.30 -8.19
C ILE D 129 -0.86 -34.86 -9.50
N LYS D 130 0.37 -34.33 -9.47
CA LYS D 130 1.10 -33.84 -8.28
C LYS D 130 1.62 -32.45 -8.60
N GLY D 131 1.93 -31.66 -7.57
CA GLY D 131 2.56 -30.37 -7.80
C GLY D 131 1.62 -29.37 -8.43
N LEU D 132 0.62 -28.91 -7.67
CA LEU D 132 -0.68 -28.52 -8.19
C LEU D 132 -0.63 -27.35 -9.17
N PHE D 133 -0.22 -26.16 -8.70
CA PHE D 133 -0.45 -24.83 -9.31
C PHE D 133 -1.94 -24.54 -9.56
N ALA D 134 -2.82 -25.28 -8.89
CA ALA D 134 -4.26 -25.07 -8.82
C ALA D 134 -4.56 -24.24 -7.59
N ASP D 135 -5.76 -24.44 -7.02
CA ASP D 135 -6.35 -23.62 -5.94
C ASP D 135 -6.58 -22.23 -6.49
N PHE D 136 -7.24 -22.20 -7.64
CA PHE D 136 -7.05 -21.16 -8.62
C PHE D 136 -8.31 -20.40 -8.99
N ASP D 137 -9.36 -21.10 -9.40
CA ASP D 137 -10.41 -20.55 -10.25
C ASP D 137 -11.54 -19.92 -9.42
N THR D 138 -11.20 -19.38 -8.26
CA THR D 138 -12.16 -18.99 -7.25
C THR D 138 -12.48 -17.51 -7.28
N THR D 139 -12.53 -16.92 -8.46
CA THR D 139 -12.93 -15.53 -8.59
C THR D 139 -14.33 -15.37 -9.16
N SER D 140 -14.81 -16.33 -9.94
CA SER D 140 -16.19 -16.32 -10.37
C SER D 140 -17.10 -16.57 -9.17
N ASN D 141 -18.10 -15.72 -9.00
CA ASN D 141 -18.83 -15.58 -7.74
C ASN D 141 -20.31 -15.38 -8.05
N ARG D 142 -21.05 -14.84 -7.09
CA ARG D 142 -22.50 -14.65 -7.24
C ARG D 142 -23.00 -13.26 -6.76
N LEU D 143 -22.92 -12.25 -7.65
CA LEU D 143 -23.73 -11.03 -7.59
C LEU D 143 -23.69 -10.25 -8.90
N GLY D 144 -24.85 -9.82 -9.40
CA GLY D 144 -26.14 -10.36 -8.99
C GLY D 144 -26.97 -9.70 -7.91
N ASN D 145 -28.29 -9.75 -8.10
CA ASN D 145 -29.25 -9.45 -7.05
C ASN D 145 -30.22 -10.60 -6.81
N THR D 146 -30.82 -11.14 -7.86
CA THR D 146 -31.68 -12.30 -7.77
C THR D 146 -31.06 -13.44 -8.57
N VAL D 147 -31.45 -14.66 -8.23
CA VAL D 147 -30.78 -15.83 -8.80
C VAL D 147 -31.15 -16.03 -10.26
N LYS D 148 -32.35 -15.62 -10.67
CA LYS D 148 -32.70 -15.67 -12.09
C LYS D 148 -31.92 -14.64 -12.88
N ASP D 149 -31.69 -13.47 -12.31
CA ASP D 149 -30.85 -12.47 -12.95
C ASP D 149 -29.41 -12.93 -13.02
N LYS D 150 -28.93 -13.65 -11.99
CA LYS D 150 -27.60 -14.23 -12.04
C LYS D 150 -27.47 -15.26 -13.14
N ASN D 151 -28.49 -16.11 -13.30
CA ASN D 151 -28.50 -17.11 -14.36
C ASN D 151 -28.49 -16.45 -15.74
N ALA D 152 -29.32 -15.42 -15.90
CA ALA D 152 -29.39 -14.73 -17.19
C ALA D 152 -28.09 -14.00 -17.50
N ARG D 153 -27.46 -13.41 -16.49
CA ARG D 153 -26.24 -12.66 -16.72
C ARG D 153 -25.07 -13.59 -17.06
N LEU D 154 -24.96 -14.72 -16.35
CA LEU D 154 -23.88 -15.64 -16.67
C LEU D 154 -24.12 -16.33 -18.01
N ALA D 155 -25.37 -16.55 -18.38
CA ALA D 155 -25.66 -17.03 -19.72
C ALA D 155 -25.29 -16.00 -20.77
N ALA D 156 -25.47 -14.72 -20.46
CA ALA D 156 -25.04 -13.66 -21.37
C ALA D 156 -23.52 -13.62 -21.49
N VAL D 157 -22.83 -13.88 -20.39
CA VAL D 157 -21.35 -13.87 -20.42
C VAL D 157 -20.83 -15.03 -21.26
N LEU D 158 -21.38 -16.23 -21.04
CA LEU D 158 -20.97 -17.37 -21.86
C LEU D 158 -21.40 -17.21 -23.31
N LYS D 159 -22.51 -16.51 -23.54
CA LYS D 159 -22.94 -16.18 -24.88
C LYS D 159 -21.94 -15.26 -25.58
N GLY D 160 -21.50 -14.22 -24.88
CA GLY D 160 -20.55 -13.29 -25.47
C GLY D 160 -19.19 -13.91 -25.69
N VAL D 161 -18.78 -14.82 -24.81
CA VAL D 161 -17.51 -15.52 -25.03
C VAL D 161 -17.64 -16.51 -26.18
N GLU D 162 -18.83 -17.11 -26.34
CA GLU D 162 -19.10 -17.90 -27.53
C GLU D 162 -19.05 -17.05 -28.80
N GLY D 163 -19.50 -15.80 -28.70
CA GLY D 163 -19.49 -14.89 -29.83
C GLY D 163 -18.10 -14.49 -30.30
N LEU D 164 -17.11 -14.57 -29.42
CA LEU D 164 -15.73 -14.43 -29.86
C LEU D 164 -15.36 -15.60 -30.74
N LYS D 165 -14.59 -15.33 -31.79
CA LYS D 165 -14.31 -16.32 -32.82
C LYS D 165 -12.82 -16.34 -33.12
N LEU D 166 -12.22 -17.52 -33.02
CA LEU D 166 -10.90 -17.73 -33.60
C LEU D 166 -11.00 -17.83 -35.12
N GLY D 167 -12.12 -18.34 -35.62
CA GLY D 167 -12.33 -18.47 -37.05
C GLY D 167 -13.05 -19.74 -37.44
N ILE D 174 -2.35 -20.04 -34.91
CA ILE D 174 -3.72 -20.47 -34.71
C ILE D 174 -3.98 -20.49 -33.20
N ASP D 175 -2.91 -20.37 -32.43
CA ASP D 175 -2.99 -20.47 -30.97
C ASP D 175 -2.75 -19.14 -30.27
N LEU D 176 -2.82 -18.03 -30.99
CA LEU D 176 -2.75 -16.70 -30.38
C LEU D 176 -4.12 -16.14 -30.05
N PHE D 177 -5.08 -17.01 -29.75
CA PHE D 177 -6.38 -16.55 -29.31
C PHE D 177 -6.32 -15.92 -27.93
N GLY D 178 -5.32 -16.30 -27.12
CA GLY D 178 -5.15 -15.67 -25.82
C GLY D 178 -4.50 -14.31 -25.85
N ASP D 179 -3.99 -13.90 -27.02
CA ASP D 179 -3.36 -12.60 -27.16
C ASP D 179 -4.36 -11.47 -26.93
N ALA D 180 -5.63 -11.70 -27.26
CA ALA D 180 -6.68 -10.74 -26.95
C ALA D 180 -6.83 -10.54 -25.45
N TYR D 181 -6.52 -11.58 -24.67
CA TYR D 181 -6.38 -11.45 -23.22
C TYR D 181 -5.39 -10.37 -22.84
N GLU D 182 -4.24 -10.34 -23.53
CA GLU D 182 -3.27 -9.27 -23.31
C GLU D 182 -3.86 -7.92 -23.63
N PHE D 183 -4.76 -7.86 -24.60
CA PHE D 183 -5.49 -6.62 -24.80
C PHE D 183 -6.44 -6.34 -23.65
N LEU D 184 -7.10 -7.37 -23.14
CA LEU D 184 -8.23 -7.12 -22.26
C LEU D 184 -7.77 -6.73 -20.87
N ILE D 185 -6.63 -7.25 -20.43
CA ILE D 185 -6.02 -6.76 -19.20
C ILE D 185 -5.53 -5.34 -19.38
N SER D 186 -5.31 -4.91 -20.63
CA SER D 186 -5.08 -3.52 -20.94
C SER D 186 -6.38 -2.71 -21.06
N ASN D 187 -7.46 -3.14 -20.40
CA ASN D 187 -8.70 -2.37 -20.45
C ASN D 187 -8.57 -1.03 -19.75
N TYR D 188 -7.90 -0.99 -18.60
CA TYR D 188 -7.79 0.24 -17.83
C TYR D 188 -6.59 1.06 -18.27
N ALA D 189 -5.48 0.42 -18.59
CA ALA D 189 -4.27 1.13 -18.95
C ALA D 189 -4.29 1.66 -20.38
N ALA D 190 -5.27 1.22 -21.20
CA ALA D 190 -5.47 1.64 -22.59
C ALA D 190 -4.23 1.48 -23.47
N GLU D 198 -4.76 -0.71 -11.52
CA GLU D 198 -4.16 0.42 -12.21
C GLU D 198 -2.83 0.08 -12.85
N PHE D 199 -2.21 -0.99 -12.36
CA PHE D 199 -0.77 -1.18 -12.46
C PHE D 199 -0.46 -2.43 -13.29
N PHE D 200 -0.39 -2.27 -14.63
CA PHE D 200 -0.20 -3.43 -15.48
C PHE D 200 0.71 -3.16 -16.67
N THR D 201 1.71 -2.27 -16.50
CA THR D 201 3.02 -2.28 -17.17
C THR D 201 3.00 -2.34 -18.70
N PRO D 202 2.92 -1.19 -19.38
CA PRO D 202 2.77 -1.16 -20.84
C PRO D 202 3.88 -1.90 -21.59
N GLN D 203 3.53 -2.38 -22.78
CA GLN D 203 4.16 -3.57 -23.33
C GLN D 203 5.55 -3.30 -23.91
N HIS D 204 5.76 -2.15 -24.54
CA HIS D 204 7.04 -1.94 -25.20
C HIS D 204 8.11 -1.56 -24.19
N VAL D 205 7.72 -0.91 -23.10
CA VAL D 205 8.64 -0.69 -21.98
C VAL D 205 9.06 -2.02 -21.38
N SER D 206 8.12 -2.97 -21.32
CA SER D 206 8.44 -4.32 -20.87
C SER D 206 9.42 -4.98 -21.82
N LYS D 207 9.24 -4.75 -23.12
CA LYS D 207 10.19 -5.28 -24.10
C LYS D 207 11.57 -4.69 -23.92
N LEU D 208 11.62 -3.42 -23.51
CA LEU D 208 12.90 -2.79 -23.20
C LEU D 208 13.55 -3.44 -21.99
N ILE D 209 12.76 -3.71 -20.96
CA ILE D 209 13.34 -4.31 -19.75
C ILE D 209 13.79 -5.73 -20.04
N ALA D 210 13.07 -6.42 -20.92
CA ALA D 210 13.50 -7.75 -21.34
C ALA D 210 14.80 -7.69 -22.12
N GLN D 211 14.95 -6.68 -22.98
CA GLN D 211 16.22 -6.54 -23.67
C GLN D 211 17.32 -6.02 -22.78
N LEU D 212 16.98 -5.52 -21.60
CA LEU D 212 18.00 -5.06 -20.68
C LEU D 212 18.46 -6.14 -19.71
N ALA D 213 17.60 -7.09 -19.36
CA ALA D 213 18.08 -8.25 -18.60
C ALA D 213 19.02 -9.09 -19.45
N MET D 214 18.66 -9.27 -20.71
CA MET D 214 19.58 -9.75 -21.72
C MET D 214 20.64 -8.68 -21.97
N HIS D 215 21.86 -9.07 -22.38
CA HIS D 215 22.23 -10.31 -23.05
C HIS D 215 23.65 -10.78 -22.86
N GLY D 216 24.06 -11.67 -23.75
CA GLY D 216 25.33 -12.35 -23.62
C GLY D 216 25.32 -13.44 -22.58
N GLN D 217 24.15 -13.96 -22.25
CA GLN D 217 23.97 -14.88 -21.13
C GLN D 217 23.00 -15.97 -21.59
N THR D 218 23.53 -17.06 -22.13
CA THR D 218 22.70 -18.17 -22.58
C THR D 218 22.68 -19.26 -21.50
N HIS D 219 22.03 -18.92 -20.38
CA HIS D 219 22.30 -19.62 -19.13
C HIS D 219 21.07 -19.81 -18.25
N VAL D 220 20.92 -21.03 -17.76
CA VAL D 220 19.88 -21.43 -16.82
C VAL D 220 20.28 -21.04 -15.40
N ASN D 221 19.38 -20.36 -14.67
CA ASN D 221 18.06 -19.99 -15.18
C ASN D 221 17.77 -18.53 -15.26
N LYS D 222 16.94 -18.24 -16.23
CA LYS D 222 16.02 -17.11 -16.17
C LYS D 222 14.75 -17.67 -15.55
N ILE D 223 13.99 -16.86 -14.81
CA ILE D 223 14.10 -15.42 -14.59
C ILE D 223 13.50 -15.29 -13.19
N TYR D 224 13.57 -14.12 -12.56
CA TYR D 224 12.89 -13.92 -11.30
C TYR D 224 12.19 -12.56 -11.33
N ASP D 225 11.16 -12.43 -10.53
CA ASP D 225 10.46 -11.16 -10.39
C ASP D 225 9.87 -11.04 -8.99
N PRO D 226 10.25 -10.01 -8.25
CA PRO D 226 9.47 -9.65 -7.06
C PRO D 226 8.40 -8.66 -7.43
N ALA D 227 7.20 -8.89 -6.89
CA ALA D 227 6.00 -8.09 -7.13
C ALA D 227 5.69 -7.98 -8.62
N ALA D 228 5.38 -9.13 -9.21
CA ALA D 228 5.13 -9.18 -10.65
C ALA D 228 3.88 -8.42 -11.04
N GLY D 229 2.87 -8.45 -10.18
CA GLY D 229 1.58 -7.89 -10.53
C GLY D 229 0.94 -8.73 -11.62
N SER D 230 0.90 -8.19 -12.83
CA SER D 230 0.57 -9.04 -13.95
C SER D 230 1.70 -10.00 -14.26
N GLY D 231 1.45 -10.91 -15.18
CA GLY D 231 2.49 -11.80 -15.61
C GLY D 231 3.18 -11.29 -16.83
N SER D 232 2.94 -10.02 -17.17
CA SER D 232 3.30 -9.49 -18.48
C SER D 232 4.81 -9.39 -18.67
N LEU D 233 5.48 -8.58 -17.85
CA LEU D 233 6.89 -8.28 -18.03
C LEU D 233 7.77 -9.51 -17.87
N LEU D 234 7.27 -10.56 -17.24
CA LEU D 234 7.91 -11.86 -17.37
C LEU D 234 7.60 -12.48 -18.72
N LEU D 235 6.37 -12.32 -19.20
CA LEU D 235 5.93 -13.11 -20.34
C LEU D 235 6.57 -12.61 -21.62
N GLN D 236 6.70 -11.30 -21.77
CA GLN D 236 7.38 -10.82 -22.96
C GLN D 236 8.89 -10.97 -22.91
N ALA D 237 9.46 -11.67 -21.94
CA ALA D 237 10.87 -11.98 -21.99
C ALA D 237 11.13 -13.21 -22.85
N LYS D 238 10.64 -14.37 -22.41
CA LYS D 238 11.04 -15.64 -23.00
C LYS D 238 10.02 -16.16 -23.98
N LYS D 239 8.87 -15.51 -24.12
CA LYS D 239 8.00 -15.87 -25.24
C LYS D 239 8.65 -15.50 -26.55
N GLN D 240 9.39 -14.39 -26.58
CA GLN D 240 10.23 -14.11 -27.73
C GLN D 240 11.48 -14.99 -27.72
N PHE D 241 11.89 -15.45 -26.55
CA PHE D 241 13.14 -16.18 -26.41
C PHE D 241 12.93 -17.67 -26.14
N ASP D 242 11.75 -18.19 -26.47
CA ASP D 242 11.50 -19.62 -26.36
C ASP D 242 12.33 -20.41 -27.36
N ASN D 243 12.39 -19.93 -28.60
CA ASN D 243 13.24 -20.53 -29.61
C ASN D 243 14.72 -20.37 -29.28
N HIS D 244 15.07 -19.28 -28.58
CA HIS D 244 16.43 -19.15 -28.07
C HIS D 244 16.76 -20.25 -27.08
N ILE D 245 16.06 -20.28 -25.94
CA ILE D 245 16.41 -21.22 -24.89
C ILE D 245 15.15 -21.53 -24.11
N ILE D 246 15.13 -22.70 -23.49
CA ILE D 246 14.16 -23.05 -22.45
C ILE D 246 14.93 -23.60 -21.25
N GLU D 247 14.84 -22.89 -20.11
CA GLU D 247 15.73 -23.19 -18.99
C GLU D 247 14.96 -23.72 -17.78
N GLU D 248 14.12 -22.89 -17.17
CA GLU D 248 13.43 -23.15 -15.90
C GLU D 248 12.34 -22.10 -15.75
N GLY D 249 11.82 -22.00 -14.53
CA GLY D 249 10.61 -21.26 -14.29
C GLY D 249 10.79 -19.77 -14.25
N PHE D 250 9.64 -19.10 -14.35
CA PHE D 250 9.58 -17.65 -14.29
C PHE D 250 9.13 -17.33 -12.88
N PHE D 251 10.09 -17.35 -11.97
CA PHE D 251 9.76 -17.37 -10.55
C PHE D 251 9.28 -15.99 -10.10
N GLY D 252 8.04 -15.92 -9.63
CA GLY D 252 7.49 -14.66 -9.19
C GLY D 252 6.81 -14.80 -7.84
N GLN D 253 6.71 -13.66 -7.15
CA GLN D 253 5.96 -13.59 -5.91
C GLN D 253 5.13 -12.32 -5.94
N GLU D 254 3.86 -12.42 -5.59
CA GLU D 254 2.95 -11.28 -5.76
C GLU D 254 2.01 -11.20 -4.57
N ILE D 255 1.58 -9.98 -4.25
CA ILE D 255 0.87 -9.69 -3.00
C ILE D 255 -0.63 -9.86 -3.14
N ASN D 256 -1.25 -9.21 -4.12
CA ASN D 256 -2.71 -9.15 -4.21
C ASN D 256 -3.30 -10.53 -4.52
N HIS D 257 -4.49 -10.78 -3.97
CA HIS D 257 -5.07 -12.10 -4.13
C HIS D 257 -5.69 -12.28 -5.51
N THR D 258 -6.46 -11.31 -5.97
CA THR D 258 -7.11 -11.44 -7.26
C THR D 258 -6.11 -11.26 -8.40
N THR D 259 -5.04 -10.50 -8.18
CA THR D 259 -4.04 -10.32 -9.22
C THR D 259 -3.25 -11.60 -9.41
N TYR D 260 -3.11 -12.36 -8.33
CA TYR D 260 -2.39 -13.63 -8.33
C TYR D 260 -3.02 -14.63 -9.29
N ASN D 261 -4.36 -14.70 -9.29
CA ASN D 261 -5.04 -15.66 -10.16
C ASN D 261 -4.94 -15.26 -11.62
N LEU D 262 -5.13 -13.98 -11.92
CA LEU D 262 -5.06 -13.58 -13.32
C LEU D 262 -3.64 -13.64 -13.84
N ALA D 263 -2.64 -13.51 -12.97
CA ALA D 263 -1.27 -13.72 -13.42
C ALA D 263 -1.01 -15.20 -13.70
N ARG D 264 -1.53 -16.06 -12.83
CA ARG D 264 -1.30 -17.49 -13.03
C ARG D 264 -2.01 -18.03 -14.25
N MET D 265 -3.10 -17.40 -14.67
CA MET D 265 -3.64 -17.78 -15.97
C MET D 265 -3.01 -17.00 -17.11
N ASN D 266 -2.43 -15.83 -16.83
CA ASN D 266 -1.76 -15.06 -17.86
C ASN D 266 -0.58 -15.82 -18.42
N MET D 267 0.22 -16.40 -17.54
CA MET D 267 1.27 -17.26 -18.08
C MET D 267 0.77 -18.65 -18.42
N PHE D 268 -0.49 -18.94 -18.16
CA PHE D 268 -1.00 -20.25 -18.54
C PHE D 268 -1.53 -20.23 -19.97
N LEU D 269 -2.01 -19.07 -20.41
CA LEU D 269 -2.61 -18.98 -21.73
C LEU D 269 -1.58 -19.06 -22.84
N HIS D 270 -0.35 -18.66 -22.56
CA HIS D 270 0.65 -18.52 -23.60
C HIS D 270 1.46 -19.77 -23.80
N ASN D 271 0.84 -20.93 -23.59
CA ASN D 271 1.34 -22.25 -23.96
C ASN D 271 2.60 -22.62 -23.16
N ILE D 272 2.83 -21.93 -22.06
CA ILE D 272 3.87 -22.31 -21.14
C ILE D 272 3.44 -23.60 -20.45
N ASN D 273 4.38 -24.48 -20.18
CA ASN D 273 4.06 -25.81 -19.69
C ASN D 273 3.72 -25.77 -18.20
N TYR D 274 3.73 -26.94 -17.59
CA TYR D 274 3.07 -27.09 -16.31
C TYR D 274 3.98 -26.94 -15.12
N ASP D 275 5.21 -27.44 -15.21
CA ASP D 275 5.91 -27.84 -13.99
C ASP D 275 6.55 -26.68 -13.25
N LYS D 276 7.14 -25.73 -13.96
CA LYS D 276 8.07 -24.84 -13.31
C LYS D 276 7.55 -23.42 -13.11
N PHE D 277 6.43 -23.07 -13.71
CA PHE D 277 6.23 -21.70 -14.13
C PHE D 277 5.15 -21.09 -13.23
N ASP D 278 5.60 -20.55 -12.10
CA ASP D 278 4.76 -20.33 -10.94
C ASP D 278 4.88 -18.92 -10.37
N ILE D 279 3.90 -18.59 -9.55
CA ILE D 279 3.91 -17.39 -8.74
C ILE D 279 3.50 -17.82 -7.35
N LYS D 280 4.15 -17.28 -6.34
CA LYS D 280 3.78 -17.52 -4.96
C LYS D 280 3.04 -16.30 -4.41
N LEU D 281 1.97 -16.56 -3.69
CA LEU D 281 1.22 -15.48 -3.10
C LEU D 281 1.88 -15.03 -1.80
N GLY D 282 1.82 -13.74 -1.54
CA GLY D 282 2.37 -13.18 -0.32
C GLY D 282 3.26 -12.00 -0.61
N ASN D 283 3.68 -11.34 0.46
CA ASN D 283 4.58 -10.22 0.33
C ASN D 283 6.00 -10.72 0.04
N THR D 284 6.66 -10.04 -0.89
CA THR D 284 8.02 -10.44 -1.25
C THR D 284 8.99 -10.10 -0.12
N LEU D 285 8.75 -9.00 0.57
CA LEU D 285 9.67 -8.55 1.60
C LEU D 285 9.59 -9.44 2.82
N THR D 286 8.39 -9.62 3.35
CA THR D 286 8.24 -10.31 4.63
C THR D 286 8.45 -11.81 4.46
N GLU D 287 7.89 -12.41 3.41
CA GLU D 287 8.01 -13.85 3.19
C GLU D 287 8.56 -14.16 1.81
N PRO D 288 9.86 -14.00 1.60
CA PRO D 288 10.44 -14.38 0.32
C PRO D 288 10.64 -15.89 0.23
N HIS D 289 10.41 -16.42 -0.97
CA HIS D 289 10.76 -17.78 -1.34
C HIS D 289 10.68 -17.86 -2.85
N PHE D 290 11.74 -18.35 -3.49
CA PHE D 290 12.83 -19.10 -2.87
C PHE D 290 14.05 -18.31 -2.41
N ARG D 291 14.52 -18.57 -1.19
CA ARG D 291 15.85 -18.13 -0.80
C ARG D 291 16.90 -19.01 -1.44
N ASP D 292 16.70 -20.33 -1.37
CA ASP D 292 17.73 -21.28 -1.78
C ASP D 292 17.96 -21.27 -3.29
N GLU D 293 16.90 -21.24 -4.08
CA GLU D 293 17.02 -21.43 -5.51
C GLU D 293 16.62 -20.13 -6.21
N LYS D 294 17.59 -19.34 -6.69
CA LYS D 294 19.04 -19.49 -6.55
C LYS D 294 19.51 -18.03 -6.64
N PRO D 295 20.81 -17.73 -6.58
CA PRO D 295 21.23 -16.45 -7.16
C PRO D 295 21.04 -16.47 -8.67
N PHE D 296 20.05 -15.73 -9.15
CA PHE D 296 19.55 -15.90 -10.50
C PHE D 296 20.48 -15.29 -11.54
N ASP D 297 20.11 -15.47 -12.80
CA ASP D 297 20.84 -14.90 -13.91
C ASP D 297 20.21 -13.62 -14.44
N ALA D 298 18.94 -13.39 -14.14
CA ALA D 298 18.24 -12.22 -14.64
C ALA D 298 17.03 -12.01 -13.77
N ILE D 299 16.91 -10.84 -13.18
CA ILE D 299 15.67 -10.45 -12.53
C ILE D 299 15.18 -9.18 -13.21
N VAL D 300 13.87 -9.08 -13.35
CA VAL D 300 13.22 -7.87 -13.81
C VAL D 300 12.15 -7.56 -12.79
N SER D 301 11.70 -6.31 -12.78
CA SER D 301 10.68 -5.94 -11.81
C SER D 301 9.96 -4.69 -12.29
N ASN D 302 8.84 -4.44 -11.64
CA ASN D 302 8.20 -3.13 -11.67
C ASN D 302 7.49 -2.99 -10.35
N PRO D 303 8.19 -2.55 -9.31
CA PRO D 303 7.55 -2.36 -8.01
C PRO D 303 6.58 -1.21 -8.08
N PRO D 304 5.40 -1.35 -7.50
CA PRO D 304 4.43 -0.26 -7.54
C PRO D 304 4.86 0.85 -6.60
N TYR D 305 4.46 2.06 -6.95
CA TYR D 305 4.74 3.19 -6.09
C TYR D 305 3.87 3.12 -4.83
N SER D 306 4.46 3.54 -3.72
CA SER D 306 3.82 3.65 -2.40
C SER D 306 3.26 2.31 -1.93
N VAL D 307 4.20 1.40 -1.65
CA VAL D 307 3.89 0.05 -1.24
C VAL D 307 4.38 -0.19 0.18
N LYS D 308 4.22 0.83 1.03
CA LYS D 308 4.77 0.93 2.38
C LYS D 308 4.53 -0.27 3.28
N TRP D 309 5.41 -0.42 4.27
CA TRP D 309 5.37 -1.52 5.21
C TRP D 309 5.96 -1.02 6.51
N ILE D 310 5.38 -1.43 7.63
CA ILE D 310 5.73 -0.85 8.92
C ILE D 310 7.09 -1.37 9.37
N GLY D 311 7.96 -0.45 9.77
CA GLY D 311 9.29 -0.78 10.21
C GLY D 311 9.59 -0.23 11.59
N SER D 312 10.85 0.13 11.87
CA SER D 312 11.95 0.01 10.90
C SER D 312 13.19 -0.76 11.40
N ASP D 313 13.07 -2.02 11.86
CA ASP D 313 11.95 -2.90 11.55
C ASP D 313 11.02 -3.16 12.71
N ASP D 314 9.76 -3.36 12.37
CA ASP D 314 8.76 -3.88 13.30
C ASP D 314 9.16 -5.29 13.78
N PRO D 315 9.67 -6.24 12.92
CA PRO D 315 10.32 -7.42 13.50
C PRO D 315 11.77 -7.13 13.85
N THR D 316 12.50 -8.18 14.21
CA THR D 316 13.93 -8.08 14.45
C THR D 316 14.76 -8.28 13.18
N LEU D 317 14.18 -8.04 12.01
CA LEU D 317 14.88 -8.20 10.73
C LEU D 317 15.79 -7.04 10.39
N ILE D 318 16.12 -6.17 11.35
CA ILE D 318 17.27 -5.28 11.21
C ILE D 318 18.54 -6.11 11.13
N ASN D 319 18.54 -7.30 11.74
CA ASN D 319 19.63 -8.26 11.70
C ASN D 319 19.17 -9.48 10.91
N ASP D 320 18.56 -9.24 9.75
CA ASP D 320 18.04 -10.33 8.92
C ASP D 320 19.16 -10.99 8.12
N GLU D 321 18.77 -11.79 7.12
CA GLU D 321 19.70 -12.53 6.30
C GLU D 321 20.17 -11.76 5.07
N ARG D 322 19.49 -10.68 4.69
CA ARG D 322 19.76 -10.04 3.41
C ARG D 322 19.96 -8.53 3.46
N PHE D 323 19.42 -7.83 4.45
CA PHE D 323 19.53 -6.39 4.51
C PHE D 323 20.68 -5.92 5.38
N ALA D 324 21.45 -6.86 5.92
CA ALA D 324 22.64 -6.50 6.67
C ALA D 324 23.71 -5.73 5.88
N PRO D 325 24.00 -6.00 4.60
CA PRO D 325 24.98 -5.14 3.90
C PRO D 325 24.46 -3.75 3.57
N ALA D 326 23.19 -3.44 3.84
CA ALA D 326 22.71 -2.09 3.61
C ALA D 326 23.15 -1.14 4.72
N GLY D 327 23.34 -1.65 5.92
CA GLY D 327 23.63 -0.81 7.07
C GLY D 327 22.39 -0.33 7.78
N VAL D 328 21.70 0.65 7.20
CA VAL D 328 20.39 1.07 7.70
C VAL D 328 19.36 0.39 6.80
N LEU D 329 18.12 0.36 7.26
CA LEU D 329 17.04 -0.24 6.51
C LEU D 329 15.96 0.80 6.20
N ALA D 330 15.21 0.53 5.15
CA ALA D 330 14.34 1.53 4.55
C ALA D 330 13.09 1.72 5.40
N PRO D 331 12.69 2.97 5.63
CA PRO D 331 11.42 3.24 6.31
C PRO D 331 10.18 2.89 5.50
N LYS D 332 9.03 3.26 6.04
CA LYS D 332 7.71 2.93 5.51
C LYS D 332 7.50 3.49 4.10
N SER D 333 7.47 4.82 3.99
CA SER D 333 7.00 5.47 2.77
C SER D 333 8.01 5.41 1.63
N LYS D 334 9.23 4.97 1.88
CA LYS D 334 10.27 4.90 0.86
C LYS D 334 10.68 3.45 0.61
N ALA D 335 9.68 2.58 0.53
CA ALA D 335 9.88 1.14 0.43
C ALA D 335 10.44 0.69 -0.92
N ASP D 336 10.46 1.57 -1.92
CA ASP D 336 10.96 1.23 -3.26
C ASP D 336 12.41 0.75 -3.19
N PHE D 337 13.25 1.47 -2.46
CA PHE D 337 14.63 1.05 -2.32
C PHE D 337 14.81 -0.15 -1.39
N ALA D 338 13.73 -0.70 -0.83
CA ALA D 338 13.84 -2.02 -0.25
C ALA D 338 14.05 -3.06 -1.33
N PHE D 339 13.36 -2.90 -2.47
CA PHE D 339 13.38 -3.88 -3.55
C PHE D 339 14.78 -4.05 -4.11
N VAL D 340 15.49 -2.96 -4.29
CA VAL D 340 16.84 -3.05 -4.82
C VAL D 340 17.76 -3.71 -3.82
N LEU D 341 17.49 -3.56 -2.52
CA LEU D 341 18.27 -4.30 -1.54
C LEU D 341 17.89 -5.77 -1.56
N HIS D 342 16.66 -6.06 -1.95
CA HIS D 342 16.29 -7.43 -2.22
C HIS D 342 16.88 -7.91 -3.54
N ALA D 343 17.16 -6.99 -4.46
CA ALA D 343 17.48 -7.37 -5.83
C ALA D 343 18.85 -8.01 -5.92
N LEU D 344 19.85 -7.42 -5.25
CA LEU D 344 21.20 -7.95 -5.32
C LEU D 344 21.38 -9.24 -4.53
N ASN D 345 20.37 -9.65 -3.76
CA ASN D 345 20.45 -10.93 -3.06
C ASN D 345 20.36 -12.08 -4.06
N TYR D 346 19.26 -12.15 -4.79
CA TYR D 346 18.95 -13.32 -5.63
C TYR D 346 19.59 -13.21 -7.01
N LEU D 347 20.89 -12.98 -7.06
CA LEU D 347 21.53 -12.70 -8.33
C LEU D 347 22.99 -13.12 -8.28
N SER D 348 23.40 -13.91 -9.27
CA SER D 348 24.75 -14.45 -9.31
C SER D 348 25.72 -13.37 -9.79
N ALA D 349 27.01 -13.70 -9.88
CA ALA D 349 27.95 -12.77 -10.48
C ALA D 349 27.69 -12.60 -11.97
N LYS D 350 27.14 -13.62 -12.61
CA LYS D 350 26.77 -13.51 -14.01
C LYS D 350 25.53 -12.66 -14.20
N GLY D 351 24.68 -12.57 -13.18
CA GLY D 351 23.38 -11.96 -13.32
C GLY D 351 23.42 -10.45 -13.43
N ARG D 352 22.33 -9.91 -13.94
CA ARG D 352 22.11 -8.47 -13.94
C ARG D 352 20.64 -8.20 -13.65
N ALA D 353 20.38 -7.02 -13.09
CA ALA D 353 19.07 -6.66 -12.58
C ALA D 353 18.60 -5.42 -13.31
N ALA D 354 17.37 -5.45 -13.80
CA ALA D 354 16.81 -4.30 -14.51
C ALA D 354 15.53 -3.90 -13.78
N ILE D 355 15.65 -2.96 -12.86
CA ILE D 355 14.52 -2.56 -12.04
C ILE D 355 14.15 -1.13 -12.43
N VAL D 356 12.99 -0.68 -11.95
CA VAL D 356 12.56 0.68 -12.20
C VAL D 356 12.29 1.37 -10.87
N CYS D 357 12.45 2.69 -10.86
CA CYS D 357 12.20 3.49 -9.66
C CYS D 357 11.66 4.85 -10.02
N PHE D 358 11.12 5.50 -8.99
CA PHE D 358 10.75 6.91 -9.03
C PHE D 358 11.98 7.75 -9.33
N PRO D 359 11.82 8.85 -10.04
CA PRO D 359 12.97 9.70 -10.33
C PRO D 359 13.48 10.49 -9.13
N GLY D 360 12.61 10.82 -8.18
CA GLY D 360 12.91 11.84 -7.20
C GLY D 360 13.92 11.51 -6.11
N ILE D 361 15.05 10.94 -6.48
CA ILE D 361 16.15 10.67 -5.58
C ILE D 361 17.20 11.75 -5.76
N PHE D 362 17.33 12.61 -4.74
CA PHE D 362 18.49 13.50 -4.64
C PHE D 362 19.55 12.87 -3.74
N TYR D 363 19.23 12.71 -2.46
CA TYR D 363 19.82 11.66 -1.64
C TYR D 363 18.80 11.07 -0.67
N ARG D 364 17.57 11.59 -0.64
CA ARG D 364 16.42 11.05 0.09
C ARG D 364 16.67 11.00 1.60
N GLY D 365 17.34 12.02 2.13
CA GLY D 365 17.67 12.04 3.53
C GLY D 365 18.80 11.07 3.86
N GLY D 366 19.16 11.05 5.14
CA GLY D 366 20.14 10.08 5.60
C GLY D 366 19.63 8.66 5.62
N ALA D 367 18.30 8.48 5.54
CA ALA D 367 17.73 7.14 5.51
C ALA D 367 18.08 6.40 4.23
N GLU D 368 18.30 7.12 3.14
CA GLU D 368 18.64 6.49 1.87
C GLU D 368 19.93 7.03 1.26
N GLN D 369 20.57 8.01 1.91
CA GLN D 369 21.86 8.49 1.41
C GLN D 369 22.91 7.41 1.54
N LYS D 370 22.97 6.74 2.69
CA LYS D 370 23.90 5.64 2.83
C LYS D 370 23.47 4.41 2.04
N ILE D 371 22.19 4.30 1.70
CA ILE D 371 21.74 3.24 0.81
C ILE D 371 22.28 3.47 -0.59
N ARG D 372 22.13 4.71 -1.08
CA ARG D 372 22.74 5.12 -2.35
C ARG D 372 24.25 4.96 -2.30
N GLN D 373 24.84 5.21 -1.13
CA GLN D 373 26.28 5.02 -0.93
C GLN D 373 26.67 3.57 -1.08
N TYR D 374 25.93 2.66 -0.43
CA TYR D 374 26.22 1.24 -0.55
C TYR D 374 26.00 0.75 -1.97
N LEU D 375 25.06 1.34 -2.69
CA LEU D 375 24.91 1.00 -4.11
C LEU D 375 26.12 1.46 -4.91
N VAL D 376 26.61 2.68 -4.65
CA VAL D 376 27.80 3.15 -5.35
C VAL D 376 29.07 2.78 -4.62
N ASP D 377 28.98 2.02 -3.52
CA ASP D 377 30.17 1.50 -2.86
C ASP D 377 30.92 0.54 -3.78
N ASN D 378 30.19 -0.18 -4.61
CA ASN D 378 30.82 -1.19 -5.43
C ASN D 378 30.45 -0.94 -6.88
N ASN D 379 30.72 -1.91 -7.74
CA ASN D 379 30.22 -1.89 -9.11
C ASN D 379 28.85 -2.53 -9.22
N TYR D 380 28.08 -2.51 -8.13
CA TYR D 380 26.70 -2.98 -8.15
C TYR D 380 25.88 -2.25 -9.19
N VAL D 381 25.77 -0.93 -9.05
CA VAL D 381 25.06 -0.15 -10.05
C VAL D 381 25.90 -0.05 -11.32
N GLU D 382 25.31 -0.45 -12.44
CA GLU D 382 25.97 -0.28 -13.72
C GLU D 382 25.52 1.00 -14.43
N THR D 383 24.24 1.08 -14.78
CA THR D 383 23.75 2.24 -15.53
C THR D 383 22.39 2.65 -14.99
N VAL D 384 21.96 3.84 -15.39
CA VAL D 384 20.60 4.30 -15.16
C VAL D 384 20.09 4.89 -16.46
N ILE D 385 18.77 4.82 -16.64
CA ILE D 385 18.14 5.26 -17.87
C ILE D 385 16.89 6.06 -17.52
N SER D 386 16.82 7.29 -17.98
CA SER D 386 15.59 8.04 -17.82
C SER D 386 14.64 7.75 -18.98
N LEU D 387 13.38 8.09 -18.78
CA LEU D 387 12.39 7.81 -19.81
C LEU D 387 11.64 9.05 -20.25
N ALA D 388 10.63 8.88 -21.10
CA ALA D 388 9.88 9.99 -21.65
C ALA D 388 8.52 10.08 -20.99
N PRO D 389 8.18 11.20 -20.37
CA PRO D 389 6.81 11.36 -19.88
C PRO D 389 5.85 11.60 -21.05
N ASN D 390 4.67 10.99 -21.00
CA ASN D 390 4.24 10.10 -19.92
C ASN D 390 4.61 8.67 -20.24
N LEU D 391 4.05 8.19 -21.35
CA LEU D 391 4.20 6.82 -21.85
C LEU D 391 3.74 5.82 -20.78
N PHE D 392 2.71 6.20 -20.05
CA PHE D 392 2.03 5.35 -19.06
C PHE D 392 0.55 5.69 -19.15
N PHE D 393 -0.20 5.31 -18.13
CA PHE D 393 -1.59 5.73 -18.02
C PHE D 393 -1.71 6.69 -16.84
N GLY D 394 -1.46 7.97 -17.13
CA GLY D 394 -1.73 9.01 -16.16
C GLY D 394 -0.82 9.05 -14.94
N THR D 395 0.42 9.47 -15.11
CA THR D 395 1.33 9.63 -13.97
C THR D 395 1.74 11.06 -13.60
N THR D 396 2.02 12.03 -14.50
CA THR D 396 2.14 12.03 -15.95
C THR D 396 3.64 11.99 -16.23
N ILE D 397 4.38 11.70 -15.17
CA ILE D 397 5.84 11.75 -15.16
C ILE D 397 6.43 10.54 -15.87
N ALA D 398 7.73 10.57 -16.10
CA ALA D 398 8.48 9.39 -16.49
C ALA D 398 9.12 8.77 -15.25
N VAL D 399 9.89 7.69 -15.45
CA VAL D 399 10.53 6.96 -14.37
C VAL D 399 11.95 6.57 -14.79
N ASN D 400 12.74 6.14 -13.82
CA ASN D 400 14.11 5.74 -14.08
C ASN D 400 14.23 4.22 -14.07
N ILE D 401 15.22 3.74 -14.81
CA ILE D 401 15.50 2.32 -14.92
C ILE D 401 16.92 2.10 -14.42
N LEU D 402 17.05 1.40 -13.32
CA LEU D 402 18.35 1.08 -12.75
C LEU D 402 18.78 -0.28 -13.25
N VAL D 403 19.97 -0.33 -13.85
CA VAL D 403 20.54 -1.58 -14.32
C VAL D 403 21.74 -1.87 -13.45
N LEU D 404 21.71 -3.01 -12.80
CA LEU D 404 22.68 -3.42 -11.80
C LEU D 404 23.37 -4.68 -12.24
N SER D 405 24.61 -4.86 -11.80
CA SER D 405 25.34 -6.08 -12.13
C SER D 405 26.41 -6.33 -11.09
N LYS D 406 26.81 -7.59 -10.96
CA LYS D 406 28.02 -7.95 -10.23
C LYS D 406 29.15 -8.14 -11.24
N HIS D 407 29.55 -7.01 -11.80
CA HIS D 407 30.37 -7.02 -13.00
C HIS D 407 31.20 -5.75 -13.04
N LYS D 408 32.43 -5.87 -13.56
CA LYS D 408 33.45 -4.85 -13.38
C LYS D 408 34.02 -4.41 -14.72
N THR D 409 34.01 -3.11 -14.97
CA THR D 409 34.73 -2.54 -16.12
C THR D 409 35.82 -1.52 -15.74
N ASP D 410 35.58 -0.45 -14.95
CA ASP D 410 34.36 0.06 -14.31
C ASP D 410 34.22 1.59 -14.24
N THR D 411 33.21 2.09 -14.93
CA THR D 411 32.70 3.44 -14.71
C THR D 411 31.21 3.41 -15.01
N ASN D 412 30.49 4.41 -14.54
CA ASN D 412 29.05 4.44 -14.71
C ASN D 412 28.68 5.20 -15.98
N VAL D 413 27.67 4.69 -16.66
CA VAL D 413 27.10 5.37 -17.81
C VAL D 413 25.72 5.82 -17.36
N GLN D 414 25.64 7.06 -16.88
CA GLN D 414 24.33 7.62 -16.53
C GLN D 414 23.63 7.94 -17.85
N PHE D 415 22.96 6.91 -18.37
CA PHE D 415 22.51 6.88 -19.75
C PHE D 415 21.05 7.29 -19.80
N ILE D 416 20.82 8.57 -19.51
CA ILE D 416 19.46 9.10 -19.49
C ILE D 416 18.96 9.27 -20.92
N ASP D 417 17.65 9.47 -21.06
CA ASP D 417 17.02 9.86 -22.30
C ASP D 417 15.67 10.47 -21.99
N ALA D 418 15.31 11.50 -22.74
CA ALA D 418 13.94 11.97 -22.82
C ALA D 418 13.38 11.88 -24.23
N SER D 419 14.25 11.97 -25.23
CA SER D 419 13.86 11.89 -26.64
C SER D 419 15.14 11.62 -27.42
N GLU D 420 15.13 10.61 -28.28
CA GLU D 420 13.94 9.84 -28.63
C GLU D 420 14.17 8.33 -28.39
N LEU D 421 13.27 7.57 -27.71
CA LEU D 421 12.03 7.92 -26.98
C LEU D 421 10.93 8.67 -27.73
N PHE D 422 10.24 7.91 -28.58
CA PHE D 422 9.19 8.46 -29.42
C PHE D 422 8.06 8.91 -28.52
N LYS D 423 8.13 10.19 -28.13
CA LYS D 423 7.30 10.72 -27.06
C LYS D 423 5.89 10.98 -27.54
N LYS D 424 5.69 11.01 -28.86
CA LYS D 424 4.45 11.47 -29.47
C LYS D 424 3.30 10.54 -29.14
N GLU D 425 3.50 9.25 -29.28
CA GLU D 425 2.56 8.22 -28.85
C GLU D 425 3.33 6.92 -28.68
N THR D 426 2.59 5.83 -28.60
CA THR D 426 3.16 4.51 -28.83
C THR D 426 2.20 3.66 -29.66
N ASN D 427 1.15 4.26 -30.21
CA ASN D 427 0.20 3.56 -31.06
C ASN D 427 0.82 3.10 -32.37
N ASN D 428 1.70 3.90 -32.96
CA ASN D 428 2.46 3.47 -34.12
C ASN D 428 3.46 2.41 -33.70
N ASN D 429 3.77 1.50 -34.63
CA ASN D 429 4.74 0.41 -34.47
C ASN D 429 4.35 -0.49 -33.29
N ILE D 430 3.20 -1.15 -33.45
CA ILE D 430 2.68 -2.06 -32.42
C ILE D 430 3.61 -3.26 -32.24
N LEU D 431 4.17 -3.77 -33.34
CA LEU D 431 5.02 -4.96 -33.31
C LEU D 431 6.34 -4.66 -32.59
N THR D 432 7.16 -3.78 -33.16
CA THR D 432 8.38 -3.27 -32.55
C THR D 432 8.54 -1.82 -32.95
N ASP D 433 8.92 -0.97 -32.00
CA ASP D 433 9.23 0.42 -32.34
C ASP D 433 10.49 0.53 -33.17
N ALA D 434 11.39 -0.47 -33.07
CA ALA D 434 12.73 -0.46 -33.68
C ALA D 434 13.53 0.76 -33.26
N HIS D 435 13.22 1.26 -32.08
CA HIS D 435 13.62 2.56 -31.58
C HIS D 435 14.31 2.43 -30.24
N ILE D 436 13.75 1.57 -29.38
CA ILE D 436 14.50 0.98 -28.29
C ILE D 436 15.60 0.09 -28.81
N GLU D 437 15.45 -0.42 -30.03
CA GLU D 437 16.55 -1.07 -30.74
C GLU D 437 17.77 -0.16 -30.81
N GLN D 438 17.53 1.09 -31.20
CA GLN D 438 18.60 2.08 -31.26
C GLN D 438 19.16 2.38 -29.88
N ILE D 439 18.29 2.42 -28.87
CA ILE D 439 18.68 2.73 -27.51
C ILE D 439 19.58 1.64 -26.95
N MET D 440 19.14 0.39 -27.11
CA MET D 440 19.92 -0.76 -26.71
C MET D 440 21.22 -0.83 -27.50
N GLN D 441 21.17 -0.44 -28.77
CA GLN D 441 22.34 -0.50 -29.62
C GLN D 441 23.42 0.48 -29.15
N VAL D 442 23.01 1.69 -28.79
CA VAL D 442 24.01 2.63 -28.30
C VAL D 442 24.34 2.37 -26.83
N PHE D 443 23.50 1.64 -26.12
CA PHE D 443 23.89 1.16 -24.80
C PHE D 443 24.95 0.08 -24.88
N ALA D 444 24.94 -0.69 -25.98
CA ALA D 444 25.62 -1.99 -26.02
C ALA D 444 27.12 -1.85 -25.89
N SER D 445 27.71 -0.85 -26.53
CA SER D 445 29.15 -0.68 -26.48
C SER D 445 29.48 0.77 -26.11
N LYS D 446 29.37 1.07 -24.81
CA LYS D 446 30.10 2.09 -24.05
C LYS D 446 30.37 3.40 -24.79
N GLU D 447 29.37 3.93 -25.48
CA GLU D 447 29.57 5.09 -26.32
C GLU D 447 29.68 6.36 -25.47
N ASP D 448 29.99 7.46 -26.12
CA ASP D 448 29.97 8.79 -25.51
C ASP D 448 29.33 9.74 -26.51
N VAL D 449 28.05 10.00 -26.33
CA VAL D 449 27.20 10.63 -27.33
C VAL D 449 26.85 12.02 -26.85
N ALA D 450 26.73 12.96 -27.79
CA ALA D 450 26.14 14.27 -27.54
C ALA D 450 24.72 14.28 -28.07
N HIS D 451 23.91 15.21 -27.53
CA HIS D 451 22.46 15.32 -27.79
C HIS D 451 21.73 14.03 -27.39
N LEU D 452 22.31 13.34 -26.41
CA LEU D 452 21.96 12.06 -25.82
C LEU D 452 23.01 11.84 -24.76
N ALA D 453 22.73 10.96 -23.81
CA ALA D 453 23.63 10.80 -22.69
C ALA D 453 24.87 9.98 -23.07
N LYS D 454 25.69 9.70 -22.07
CA LYS D 454 27.00 9.13 -22.28
C LYS D 454 27.51 8.59 -20.95
N SER D 455 28.76 8.13 -20.95
CA SER D 455 29.39 7.74 -19.72
C SER D 455 29.87 8.96 -18.95
N VAL D 456 30.14 8.75 -17.67
CA VAL D 456 30.74 9.76 -16.82
C VAL D 456 31.92 9.12 -16.08
N ALA D 457 32.55 9.92 -15.23
CA ALA D 457 33.65 9.42 -14.43
C ALA D 457 33.13 8.49 -13.34
N PHE D 458 34.02 7.63 -12.86
CA PHE D 458 33.67 6.69 -11.80
C PHE D 458 33.59 7.38 -10.45
N GLU D 459 34.14 8.58 -10.32
CA GLU D 459 34.13 9.33 -9.07
C GLU D 459 33.46 10.69 -9.26
N THR D 460 32.73 10.87 -10.36
CA THR D 460 31.96 12.09 -10.51
C THR D 460 30.83 12.14 -9.50
N VAL D 461 30.23 11.00 -9.19
CA VAL D 461 29.10 10.96 -8.28
C VAL D 461 29.53 10.99 -6.82
N VAL D 462 30.78 10.63 -6.52
CA VAL D 462 31.26 10.88 -5.17
C VAL D 462 31.67 12.34 -5.03
N ALA D 463 31.94 13.02 -6.15
CA ALA D 463 32.03 14.47 -6.13
C ALA D 463 30.65 15.10 -6.04
N ASN D 464 29.64 14.45 -6.62
CA ASN D 464 28.26 14.84 -6.37
C ASN D 464 27.85 14.42 -4.97
N ASP D 465 26.63 14.80 -4.59
CA ASP D 465 26.02 14.27 -3.38
C ASP D 465 25.17 13.05 -3.72
N TYR D 466 25.76 12.16 -4.51
CA TYR D 466 25.24 10.84 -4.84
C TYR D 466 23.86 10.95 -5.49
N ASN D 467 23.83 11.63 -6.63
CA ASN D 467 22.62 12.16 -7.21
C ASN D 467 22.23 11.38 -8.45
N LEU D 468 20.96 11.52 -8.83
CA LEU D 468 20.41 10.63 -9.85
C LEU D 468 19.29 11.38 -10.58
N SER D 469 19.62 11.97 -11.74
CA SER D 469 20.99 12.17 -12.19
C SER D 469 21.21 13.68 -12.26
N VAL D 470 22.45 14.09 -12.46
CA VAL D 470 22.76 15.49 -12.73
C VAL D 470 23.54 15.52 -14.04
N SER D 471 24.70 14.88 -14.03
CA SER D 471 25.38 14.56 -15.26
C SER D 471 24.54 13.58 -16.07
N SER D 472 24.54 13.71 -17.38
CA SER D 472 25.17 14.79 -18.12
C SER D 472 24.15 15.87 -18.38
N TYR D 473 22.99 15.44 -18.88
CA TYR D 473 21.84 16.29 -19.20
C TYR D 473 22.24 17.37 -20.21
N VAL D 474 22.51 16.93 -21.44
CA VAL D 474 23.26 17.75 -22.38
C VAL D 474 22.37 18.85 -22.97
N GLU D 475 22.31 19.96 -22.24
CA GLU D 475 22.44 21.34 -22.72
C GLU D 475 21.84 21.58 -24.11
N ALA D 476 20.54 21.35 -24.24
CA ALA D 476 19.87 21.66 -25.48
C ALA D 476 19.55 23.15 -25.55
N LYS D 477 18.83 23.53 -26.62
CA LYS D 477 18.35 24.90 -26.95
C LYS D 477 19.43 25.98 -26.76
N ASP D 478 20.47 25.86 -27.59
CA ASP D 478 21.66 26.72 -27.50
C ASP D 478 21.55 27.82 -28.55
N ASN D 479 21.26 29.06 -28.12
CA ASN D 479 21.00 30.14 -29.06
C ASN D 479 21.53 31.48 -28.51
N ARG D 480 22.03 32.32 -29.42
CA ARG D 480 22.35 33.72 -29.13
C ARG D 480 22.28 34.49 -30.45
N GLU D 481 22.54 35.80 -30.36
CA GLU D 481 22.27 36.73 -31.46
C GLU D 481 23.56 37.39 -31.94
N ILE D 482 23.43 38.16 -33.03
CA ILE D 482 24.50 38.97 -33.60
C ILE D 482 24.42 40.31 -32.87
N ILE D 483 25.44 41.16 -33.04
CA ILE D 483 25.61 42.36 -32.21
C ILE D 483 24.53 43.39 -32.53
N ASP D 484 24.50 43.89 -33.77
CA ASP D 484 23.73 45.07 -34.11
C ASP D 484 22.74 44.88 -35.26
N ILE D 485 22.44 43.65 -35.66
CA ILE D 485 21.43 43.44 -36.68
C ILE D 485 20.04 43.68 -36.09
N ALA D 486 19.86 43.42 -34.79
CA ALA D 486 18.57 43.56 -34.14
C ALA D 486 18.35 44.93 -33.51
N GLU D 487 19.02 45.98 -33.99
CA GLU D 487 18.76 47.32 -33.44
C GLU D 487 18.53 48.36 -34.52
N LEU D 488 19.17 48.21 -35.69
CA LEU D 488 19.01 49.21 -36.73
C LEU D 488 17.63 49.14 -37.38
N ASN D 489 17.02 47.95 -37.41
CA ASN D 489 15.67 47.81 -37.93
C ASN D 489 14.67 48.51 -37.01
N ALA D 490 14.84 48.36 -35.70
CA ALA D 490 14.01 49.09 -34.75
C ALA D 490 14.27 50.58 -34.80
N GLU D 491 15.51 50.97 -35.11
CA GLU D 491 15.82 52.39 -35.30
C GLU D 491 15.11 52.96 -36.51
N LEU D 492 15.07 52.20 -37.61
CA LEU D 492 14.35 52.63 -38.81
C LEU D 492 12.84 52.70 -38.56
N LYS D 493 12.31 51.74 -37.81
CA LYS D 493 10.90 51.78 -37.46
C LYS D 493 10.58 52.95 -36.53
N THR D 494 11.51 53.36 -35.67
CA THR D 494 11.27 54.58 -34.90
C THR D 494 11.36 55.83 -35.76
N THR D 495 12.21 55.83 -36.80
CA THR D 495 12.22 56.96 -37.73
C THR D 495 10.91 57.05 -38.51
N VAL D 496 10.28 55.90 -38.77
CA VAL D 496 8.90 55.91 -39.27
C VAL D 496 7.96 56.42 -38.18
N SER D 497 8.24 56.10 -36.92
CA SER D 497 7.33 56.42 -35.83
C SER D 497 7.31 57.91 -35.52
N LYS D 498 8.41 58.62 -35.78
CA LYS D 498 8.40 60.08 -35.55
C LYS D 498 7.48 60.81 -36.50
N ILE D 499 7.55 60.48 -37.80
CA ILE D 499 6.64 61.13 -38.74
C ILE D 499 5.22 60.62 -38.55
N ASP D 500 5.05 59.41 -38.02
CA ASP D 500 3.70 58.99 -37.66
C ASP D 500 3.17 59.75 -36.44
N GLN D 501 4.05 60.09 -35.48
CA GLN D 501 3.67 60.99 -34.39
C GLN D 501 3.27 62.36 -34.90
N LEU D 502 3.98 62.85 -35.93
CA LEU D 502 3.66 64.16 -36.48
C LEU D 502 2.33 64.14 -37.24
N ARG D 503 2.09 63.06 -38.01
CA ARG D 503 0.80 62.88 -38.66
C ARG D 503 -0.32 62.72 -37.63
N LYS D 504 0.01 62.13 -36.48
CA LYS D 504 -0.94 62.01 -35.38
C LYS D 504 -1.27 63.37 -34.77
N ASP D 505 -0.26 64.22 -34.63
CA ASP D 505 -0.47 65.56 -34.09
C ASP D 505 -1.25 66.44 -35.05
N ILE D 506 -1.06 66.24 -36.36
CA ILE D 506 -1.82 67.01 -37.34
C ILE D 506 -3.26 66.51 -37.44
N ASP D 507 -3.43 65.19 -37.58
CA ASP D 507 -4.73 64.61 -37.90
C ASP D 507 -5.71 64.59 -36.73
N ALA D 508 -5.32 65.08 -35.56
CA ALA D 508 -6.23 65.14 -34.42
C ALA D 508 -7.31 66.19 -34.57
N ILE D 509 -7.14 67.13 -35.49
CA ILE D 509 -8.14 68.16 -35.75
C ILE D 509 -9.00 67.71 -36.93
N VAL D 510 -10.24 67.32 -36.64
CA VAL D 510 -11.14 66.89 -37.70
C VAL D 510 -12.33 67.84 -37.81
N MET E 6 -8.71 7.50 0.43
CA MET E 6 -7.70 8.40 -0.12
C MET E 6 -7.98 9.83 0.29
N THR E 7 -8.06 10.07 1.60
CA THR E 7 -8.41 11.37 2.12
C THR E 7 -7.25 12.33 1.98
N TYR E 8 -7.51 13.60 2.29
CA TYR E 8 -6.44 14.54 2.57
C TYR E 8 -5.65 14.11 3.80
N ASN E 9 -6.34 13.53 4.78
CA ASN E 9 -5.69 13.18 6.02
C ASN E 9 -4.75 12.00 5.88
N ASN E 10 -4.94 11.15 4.87
CA ASN E 10 -3.97 10.11 4.58
C ASN E 10 -2.63 10.72 4.20
N VAL E 11 -2.67 11.70 3.29
CA VAL E 11 -1.47 12.39 2.85
C VAL E 11 -0.86 13.17 4.00
N PHE E 12 -1.71 13.75 4.86
CA PHE E 12 -1.19 14.47 6.01
C PHE E 12 -0.56 13.52 7.03
N ASP E 13 -1.08 12.30 7.14
CA ASP E 13 -0.46 11.31 8.02
C ASP E 13 0.89 10.86 7.49
N HIS E 14 1.00 10.69 6.17
CA HIS E 14 2.30 10.40 5.56
C HIS E 14 3.29 11.51 5.81
N ALA E 15 2.85 12.77 5.67
CA ALA E 15 3.74 13.90 5.89
C ALA E 15 4.13 14.03 7.35
N TYR E 16 3.19 13.75 8.25
CA TYR E 16 3.46 13.78 9.68
C TYR E 16 4.47 12.72 10.07
N GLU E 17 4.30 11.49 9.54
CA GLU E 17 5.24 10.41 9.83
C GLU E 17 6.62 10.71 9.27
N MET E 18 6.68 11.22 8.04
CA MET E 18 7.96 11.52 7.42
C MET E 18 8.67 12.66 8.13
N LEU E 19 7.92 13.64 8.60
CA LEU E 19 8.52 14.74 9.35
C LEU E 19 9.04 14.27 10.70
N LYS E 20 8.30 13.33 11.33
CA LYS E 20 8.82 12.71 12.53
C LYS E 20 10.11 11.93 12.27
N GLU E 21 10.17 11.25 11.12
CA GLU E 21 11.40 10.54 10.74
C GLU E 21 12.57 11.49 10.59
N ASN E 22 12.34 12.62 9.92
CA ASN E 22 13.41 13.60 9.67
C ASN E 22 13.90 14.22 10.97
N ILE E 23 12.97 14.65 11.83
CA ILE E 23 13.37 15.31 13.07
C ILE E 23 13.96 14.30 14.04
N ARG E 24 13.46 13.07 14.03
CA ARG E 24 13.96 12.04 14.94
C ARG E 24 15.35 11.57 14.55
N TYR E 25 15.64 11.50 13.25
CA TYR E 25 16.91 10.95 12.81
C TYR E 25 17.94 12.01 12.46
N ASP E 26 17.54 13.28 12.43
CA ASP E 26 18.50 14.33 12.13
C ASP E 26 18.81 15.19 13.34
N ASP E 27 17.93 15.22 14.34
CA ASP E 27 18.04 16.04 15.56
C ASP E 27 18.19 17.52 15.18
N ILE E 28 17.16 18.05 14.56
CA ILE E 28 17.15 19.44 14.12
C ILE E 28 16.45 20.28 15.18
N ARG E 29 17.15 21.29 15.69
CA ARG E 29 16.66 22.10 16.79
C ARG E 29 16.64 23.59 16.45
N ASP E 30 16.93 23.94 15.20
CA ASP E 30 16.82 25.30 14.70
C ASP E 30 15.62 25.35 13.77
N THR E 31 14.74 26.32 14.00
CA THR E 31 13.41 26.30 13.37
C THR E 31 13.47 26.55 11.87
N ASP E 32 14.50 27.26 11.40
CA ASP E 32 14.64 27.50 9.97
C ASP E 32 15.04 26.22 9.26
N ASP E 33 15.96 25.46 9.85
CA ASP E 33 16.32 24.16 9.32
C ASP E 33 15.18 23.15 9.49
N LEU E 34 14.38 23.32 10.55
CA LEU E 34 13.15 22.54 10.70
C LEU E 34 12.18 22.82 9.55
N HIS E 35 12.07 24.07 9.13
CA HIS E 35 11.18 24.34 8.01
C HIS E 35 11.78 23.94 6.67
N ASP E 36 13.12 23.89 6.58
CA ASP E 36 13.72 23.27 5.41
C ASP E 36 13.42 21.78 5.35
N ALA E 37 13.39 21.13 6.52
CA ALA E 37 12.96 19.73 6.57
C ALA E 37 11.47 19.59 6.28
N ILE E 38 10.69 20.63 6.60
CA ILE E 38 9.30 20.67 6.17
C ILE E 38 9.19 20.68 4.65
N HIS E 39 10.00 21.51 4.00
CA HIS E 39 10.05 21.52 2.54
C HIS E 39 10.54 20.19 1.97
N MET E 40 11.43 19.51 2.71
CA MET E 40 11.85 18.17 2.33
C MET E 40 10.68 17.20 2.35
N ALA E 41 9.94 17.16 3.48
CA ALA E 41 8.87 16.18 3.62
C ALA E 41 7.66 16.49 2.75
N ALA E 42 7.47 17.76 2.39
CA ALA E 42 6.20 18.21 1.82
C ALA E 42 5.97 17.61 0.44
N ASP E 43 6.86 17.90 -0.52
CA ASP E 43 6.71 17.30 -1.84
C ASP E 43 6.98 15.81 -1.82
N ASN E 44 7.75 15.33 -0.84
CA ASN E 44 7.96 13.90 -0.74
C ASN E 44 6.75 13.16 -0.19
N ALA E 45 5.72 13.86 0.28
CA ALA E 45 4.51 13.21 0.72
C ALA E 45 3.31 13.36 -0.22
N VAL E 46 3.38 14.21 -1.23
CA VAL E 46 2.22 14.45 -2.09
C VAL E 46 2.03 13.26 -3.02
N PRO E 47 0.82 12.94 -3.43
CA PRO E 47 0.60 11.82 -4.35
C PRO E 47 0.93 12.23 -5.78
N HIS E 48 0.78 11.29 -6.69
CA HIS E 48 1.23 11.49 -8.06
C HIS E 48 0.17 11.08 -9.08
N TYR E 49 -0.72 10.16 -8.70
CA TYR E 49 -1.71 9.66 -9.63
C TYR E 49 -2.83 10.67 -9.84
N TYR E 50 -3.55 10.50 -10.95
CA TYR E 50 -4.67 11.37 -11.26
C TYR E 50 -5.79 11.20 -10.25
N ALA E 51 -6.32 9.97 -10.17
CA ALA E 51 -7.51 9.69 -9.36
C ALA E 51 -7.25 9.90 -7.88
N ASP E 52 -6.01 9.67 -7.44
CA ASP E 52 -5.65 9.92 -6.06
C ASP E 52 -5.70 11.41 -5.73
N ILE E 53 -5.18 12.24 -6.63
CA ILE E 53 -5.19 13.67 -6.41
C ILE E 53 -6.61 14.23 -6.47
N PHE E 54 -7.45 13.70 -7.37
CA PHE E 54 -8.83 14.15 -7.39
C PHE E 54 -9.62 13.67 -6.17
N SER E 55 -9.32 12.48 -5.66
CA SER E 55 -10.01 12.03 -4.46
C SER E 55 -9.54 12.77 -3.22
N VAL E 56 -8.30 13.26 -3.23
CA VAL E 56 -7.87 14.13 -2.15
C VAL E 56 -8.56 15.49 -2.27
N MET E 57 -8.68 16.01 -3.50
CA MET E 57 -9.31 17.31 -3.68
C MET E 57 -10.81 17.30 -3.46
N ALA E 58 -11.46 16.14 -3.52
CA ALA E 58 -12.85 16.05 -3.15
C ALA E 58 -13.06 15.81 -1.67
N SER E 59 -11.99 15.81 -0.88
CA SER E 59 -12.09 15.50 0.53
C SER E 59 -12.08 16.78 1.36
N GLU E 60 -12.07 16.61 2.67
CA GLU E 60 -12.21 17.70 3.62
C GLU E 60 -10.88 18.42 3.81
N GLY E 61 -10.90 19.42 4.69
CA GLY E 61 -9.69 20.08 5.12
C GLY E 61 -9.10 21.02 4.08
N ILE E 62 -8.68 20.47 2.96
CA ILE E 62 -8.12 21.24 1.87
C ILE E 62 -9.27 21.89 1.11
N ASP E 63 -9.05 23.12 0.65
CA ASP E 63 -10.04 23.85 -0.11
C ASP E 63 -9.42 24.30 -1.42
N LEU E 64 -10.28 24.55 -2.41
CA LEU E 64 -9.82 24.99 -3.71
C LEU E 64 -9.21 26.39 -3.65
N GLU E 65 -9.66 27.20 -2.69
CA GLU E 65 -9.19 28.57 -2.54
C GLU E 65 -7.74 28.58 -2.05
N PHE E 66 -7.16 29.78 -2.07
CA PHE E 66 -5.71 29.91 -2.04
C PHE E 66 -5.23 30.56 -0.75
N GLU E 67 -3.93 30.45 -0.54
CA GLU E 67 -3.21 31.27 0.43
C GLU E 67 -2.23 32.20 -0.27
N ASP E 68 -1.74 31.82 -1.45
CA ASP E 68 -0.85 32.64 -2.24
C ASP E 68 -1.01 32.22 -3.69
N SER E 69 -1.50 33.13 -4.53
CA SER E 69 -1.70 32.83 -5.95
C SER E 69 -0.39 32.72 -6.72
N GLY E 70 0.72 33.20 -6.15
CA GLY E 70 2.00 33.10 -6.82
C GLY E 70 2.55 31.68 -6.92
N LEU E 71 2.06 30.78 -6.06
CA LEU E 71 2.45 29.38 -6.16
C LEU E 71 1.86 28.73 -7.41
N MET E 72 0.80 29.28 -7.97
CA MET E 72 0.29 28.80 -9.24
C MET E 72 1.29 29.10 -10.35
N PRO E 73 1.72 28.09 -11.11
CA PRO E 73 2.50 28.39 -12.32
C PRO E 73 1.58 28.92 -13.40
N ASP E 74 1.99 30.02 -14.03
CA ASP E 74 1.18 30.67 -15.06
C ASP E 74 1.28 29.84 -16.34
N THR E 75 0.56 28.72 -16.34
CA THR E 75 0.67 27.75 -17.42
C THR E 75 -0.60 26.92 -17.47
N LYS E 76 -0.70 26.08 -18.51
CA LYS E 76 -1.89 25.27 -18.76
C LYS E 76 -1.74 23.85 -18.24
N ASP E 77 -1.04 23.66 -17.13
CA ASP E 77 -0.79 22.35 -16.57
C ASP E 77 -1.62 22.24 -15.29
N VAL E 78 -2.78 21.61 -15.40
CA VAL E 78 -3.83 21.76 -14.40
C VAL E 78 -3.47 21.00 -13.13
N ILE E 79 -2.99 19.77 -13.26
CA ILE E 79 -2.69 19.01 -12.06
C ILE E 79 -1.40 19.48 -11.42
N ARG E 80 -0.56 20.22 -12.15
CA ARG E 80 0.53 20.95 -11.49
C ARG E 80 -0.03 22.02 -10.56
N ILE E 81 -1.10 22.68 -10.98
CA ILE E 81 -1.72 23.70 -10.15
C ILE E 81 -2.41 23.07 -8.95
N LEU E 82 -3.08 21.93 -9.17
CA LEU E 82 -3.73 21.22 -8.07
C LEU E 82 -2.72 20.69 -7.07
N GLN E 83 -1.61 20.17 -7.57
CA GLN E 83 -0.57 19.65 -6.71
C GLN E 83 0.12 20.77 -5.97
N ALA E 84 0.20 21.96 -6.58
CA ALA E 84 0.70 23.13 -5.86
C ALA E 84 -0.27 23.54 -4.76
N ARG E 85 -1.56 23.41 -5.01
CA ARG E 85 -2.56 23.71 -3.98
C ARG E 85 -2.47 22.73 -2.82
N ILE E 86 -2.25 21.45 -3.14
CA ILE E 86 -2.03 20.43 -2.10
C ILE E 86 -0.76 20.75 -1.32
N TYR E 87 0.29 21.16 -2.04
CA TYR E 87 1.54 21.57 -1.41
C TYR E 87 1.33 22.74 -0.48
N GLU E 88 0.45 23.67 -0.86
CA GLU E 88 0.24 24.88 -0.09
C GLU E 88 -0.53 24.58 1.20
N GLN E 89 -1.60 23.80 1.07
CA GLN E 89 -2.37 23.38 2.25
C GLN E 89 -1.52 22.52 3.18
N LEU E 90 -0.64 21.70 2.61
CA LEU E 90 0.24 20.91 3.44
C LEU E 90 1.31 21.76 4.11
N THR E 91 1.76 22.84 3.47
CA THR E 91 2.72 23.71 4.14
C THR E 91 2.07 24.43 5.32
N ILE E 92 0.81 24.80 5.19
CA ILE E 92 0.07 25.39 6.32
C ILE E 92 -0.08 24.37 7.45
N ASP E 93 -0.49 23.16 7.08
CA ASP E 93 -0.68 22.12 8.08
C ASP E 93 0.63 21.65 8.68
N LEU E 94 1.75 21.86 7.98
CA LEU E 94 3.05 21.61 8.56
C LEU E 94 3.60 22.79 9.35
N TRP E 95 3.07 24.01 9.16
CA TRP E 95 3.27 25.04 10.18
C TRP E 95 2.66 24.58 11.49
N GLU E 96 1.43 24.05 11.42
CA GLU E 96 0.78 23.53 12.63
C GLU E 96 1.54 22.34 13.20
N ASP E 97 2.02 21.46 12.33
CA ASP E 97 2.82 20.31 12.76
C ASP E 97 4.16 20.75 13.34
N ALA E 98 4.72 21.85 12.84
CA ALA E 98 5.95 22.40 13.41
C ALA E 98 5.69 22.94 14.80
N GLU E 99 4.52 23.55 15.01
CA GLU E 99 4.14 23.98 16.35
C GLU E 99 3.95 22.80 17.29
N ASP E 100 3.51 21.65 16.75
CA ASP E 100 3.42 20.44 17.56
C ASP E 100 4.80 19.90 17.91
N LEU E 101 5.67 19.77 16.91
CA LEU E 101 6.96 19.11 17.08
C LEU E 101 8.05 20.04 17.60
N LEU E 102 7.74 21.31 17.87
CA LEU E 102 8.65 22.10 18.69
C LEU E 102 8.67 21.60 20.13
N ASN E 103 7.62 20.91 20.55
CA ASN E 103 7.54 20.40 21.91
C ASN E 103 7.21 18.92 21.98
N GLU E 104 7.06 18.23 20.85
CA GLU E 104 6.70 16.81 20.92
C GLU E 104 7.91 15.91 21.17
N TYR E 105 8.88 15.88 20.26
CA TYR E 105 9.88 14.82 20.35
C TYR E 105 11.21 15.27 20.95
N LEU E 106 11.66 16.48 20.63
CA LEU E 106 12.98 16.96 21.00
C LEU E 106 13.20 17.07 22.51
N GLU E 107 12.12 17.07 23.30
CA GLU E 107 12.23 17.22 24.74
C GLU E 107 12.63 15.92 25.42
N GLU E 108 12.16 14.78 24.88
CA GLU E 108 12.45 13.50 25.51
C GLU E 108 13.91 13.09 25.30
N VAL E 109 14.51 13.46 24.17
CA VAL E 109 15.85 13.00 23.86
C VAL E 109 16.88 13.77 24.65
N GLU E 110 17.20 13.26 25.85
CA GLU E 110 18.17 13.85 26.74
C GLU E 110 18.80 12.71 27.54
N GLU E 111 20.02 12.33 27.16
CA GLU E 111 20.68 11.21 27.81
C GLU E 111 22.18 11.46 27.87
N MET F 6 -20.90 9.03 -9.64
CA MET F 6 -20.77 10.35 -10.23
C MET F 6 -19.80 10.33 -11.40
N THR F 7 -20.09 9.48 -12.38
CA THR F 7 -19.20 9.29 -13.50
C THR F 7 -19.29 10.47 -14.45
N TYR F 8 -18.40 10.47 -15.45
CA TYR F 8 -18.59 11.30 -16.62
C TYR F 8 -19.85 10.89 -17.37
N ASN F 9 -20.13 9.58 -17.38
CA ASN F 9 -21.25 9.08 -18.15
C ASN F 9 -22.59 9.45 -17.54
N ASN F 10 -22.65 9.72 -16.23
CA ASN F 10 -23.87 10.27 -15.65
C ASN F 10 -24.21 11.62 -16.25
N VAL F 11 -23.20 12.50 -16.33
CA VAL F 11 -23.39 13.82 -16.92
C VAL F 11 -23.71 13.70 -18.40
N PHE F 12 -23.09 12.74 -19.08
CA PHE F 12 -23.38 12.54 -20.49
C PHE F 12 -24.79 11.98 -20.69
N ASP F 13 -25.30 11.19 -19.75
CA ASP F 13 -26.67 10.71 -19.83
C ASP F 13 -27.66 11.85 -19.62
N HIS F 14 -27.35 12.74 -18.67
CA HIS F 14 -28.18 13.95 -18.50
C HIS F 14 -28.20 14.79 -19.76
N ALA F 15 -27.04 14.97 -20.39
CA ALA F 15 -26.98 15.78 -21.61
C ALA F 15 -27.69 15.10 -22.77
N TYR F 16 -27.58 13.78 -22.85
CA TYR F 16 -28.26 13.01 -23.87
C TYR F 16 -29.78 13.11 -23.72
N GLU F 17 -30.26 12.98 -22.48
CA GLU F 17 -31.69 13.08 -22.22
C GLU F 17 -32.21 14.48 -22.50
N MET F 18 -31.47 15.50 -22.08
CA MET F 18 -31.89 16.87 -22.30
C MET F 18 -31.87 17.24 -23.77
N LEU F 19 -30.91 16.71 -24.53
CA LEU F 19 -30.87 16.96 -25.96
C LEU F 19 -32.01 16.26 -26.66
N LYS F 20 -32.37 15.06 -26.19
CA LYS F 20 -33.57 14.41 -26.70
C LYS F 20 -34.83 15.21 -26.41
N GLU F 21 -34.90 15.82 -25.22
CA GLU F 21 -36.02 16.69 -24.87
C GLU F 21 -36.13 17.87 -25.83
N ASN F 22 -34.99 18.52 -26.09
CA ASN F 22 -34.96 19.70 -26.95
C ASN F 22 -35.36 19.35 -28.38
N ILE F 23 -34.78 18.29 -28.92
CA ILE F 23 -35.06 17.92 -30.31
C ILE F 23 -36.48 17.36 -30.44
N ARG F 24 -36.96 16.65 -29.42
CA ARG F 24 -38.28 16.07 -29.45
C ARG F 24 -39.37 17.13 -29.32
N TYR F 25 -39.13 18.17 -28.54
CA TYR F 25 -40.17 19.16 -28.27
C TYR F 25 -40.03 20.41 -29.11
N ASP F 26 -38.93 20.56 -29.85
CA ASP F 26 -38.77 21.72 -30.69
C ASP F 26 -38.85 21.41 -32.17
N ASP F 27 -38.63 20.14 -32.54
CA ASP F 27 -38.60 19.66 -33.94
C ASP F 27 -37.61 20.47 -34.76
N ILE F 28 -36.34 20.35 -34.40
CA ILE F 28 -35.27 21.06 -35.07
C ILE F 28 -34.66 20.13 -36.11
N ARG F 29 -34.64 20.58 -37.37
CA ARG F 29 -34.19 19.76 -38.49
C ARG F 29 -33.09 20.45 -39.29
N ASP F 30 -32.58 21.58 -38.81
CA ASP F 30 -31.44 22.26 -39.40
C ASP F 30 -30.28 22.08 -38.45
N THR F 31 -29.13 21.62 -38.98
CA THR F 31 -28.04 21.14 -38.14
C THR F 31 -27.36 22.26 -37.37
N ASP F 32 -27.40 23.49 -37.89
CA ASP F 32 -26.81 24.61 -37.17
C ASP F 32 -27.66 24.98 -35.95
N ASP F 33 -28.99 24.96 -36.11
CA ASP F 33 -29.87 25.16 -34.97
C ASP F 33 -29.83 23.96 -34.02
N LEU F 34 -29.59 22.76 -34.56
CA LEU F 34 -29.33 21.59 -33.72
C LEU F 34 -28.09 21.79 -32.87
N HIS F 35 -27.04 22.39 -33.42
CA HIS F 35 -25.85 22.60 -32.60
C HIS F 35 -26.02 23.79 -31.65
N ASP F 36 -26.91 24.73 -31.99
CA ASP F 36 -27.28 25.74 -31.00
C ASP F 36 -28.04 25.12 -29.83
N ALA F 37 -28.88 24.12 -30.12
CA ALA F 37 -29.52 23.35 -29.06
C ALA F 37 -28.51 22.50 -28.29
N ILE F 38 -27.45 22.08 -28.95
CA ILE F 38 -26.34 21.43 -28.27
C ILE F 38 -25.69 22.37 -27.26
N HIS F 39 -25.45 23.63 -27.67
CA HIS F 39 -24.94 24.64 -26.75
C HIS F 39 -25.92 24.94 -25.63
N MET F 40 -27.23 24.84 -25.92
CA MET F 40 -28.23 24.96 -24.88
C MET F 40 -28.10 23.84 -23.84
N ALA F 41 -28.04 22.60 -24.30
CA ALA F 41 -28.05 21.47 -23.37
C ALA F 41 -26.72 21.33 -22.64
N ALA F 42 -25.62 21.83 -23.22
CA ALA F 42 -24.29 21.49 -22.75
C ALA F 42 -24.01 22.07 -21.37
N ASP F 43 -24.05 23.40 -21.24
CA ASP F 43 -23.86 24.00 -19.93
C ASP F 43 -25.03 23.72 -19.00
N ASN F 44 -26.20 23.43 -19.54
CA ASN F 44 -27.32 23.06 -18.69
C ASN F 44 -27.20 21.64 -18.14
N ALA F 45 -26.23 20.86 -18.60
CA ALA F 45 -26.02 19.54 -18.04
C ALA F 45 -24.79 19.41 -17.15
N VAL F 46 -23.90 20.39 -17.10
CA VAL F 46 -22.65 20.24 -16.35
C VAL F 46 -22.97 20.38 -14.86
N PRO F 47 -22.21 19.73 -13.97
CA PRO F 47 -22.46 19.86 -12.54
C PRO F 47 -21.89 21.16 -12.02
N HIS F 48 -22.07 21.37 -10.72
CA HIS F 48 -21.73 22.65 -10.11
C HIS F 48 -20.92 22.49 -8.84
N TYR F 49 -21.07 21.36 -8.17
CA TYR F 49 -20.40 21.16 -6.89
C TYR F 49 -18.93 20.84 -7.10
N TYR F 50 -18.14 21.06 -6.04
CA TYR F 50 -16.71 20.77 -6.08
C TYR F 50 -16.46 19.28 -6.24
N ALA F 51 -16.94 18.49 -5.28
CA ALA F 51 -16.64 17.07 -5.22
C ALA F 51 -17.22 16.31 -6.39
N ASP F 52 -18.36 16.79 -6.93
CA ASP F 52 -18.94 16.18 -8.11
C ASP F 52 -18.06 16.38 -9.33
N ILE F 53 -17.53 17.60 -9.50
CA ILE F 53 -16.66 17.88 -10.63
C ILE F 53 -15.34 17.12 -10.51
N PHE F 54 -14.80 17.01 -9.30
CA PHE F 54 -13.58 16.22 -9.15
C PHE F 54 -13.82 14.73 -9.36
N SER F 55 -14.99 14.22 -8.96
CA SER F 55 -15.27 12.81 -9.19
C SER F 55 -15.55 12.53 -10.66
N VAL F 56 -16.05 13.52 -11.40
CA VAL F 56 -16.17 13.36 -12.84
C VAL F 56 -14.78 13.39 -13.47
N MET F 57 -13.91 14.29 -13.00
CA MET F 57 -12.58 14.39 -13.59
C MET F 57 -11.67 13.23 -13.23
N ALA F 58 -11.98 12.47 -12.19
CA ALA F 58 -11.24 11.25 -11.91
C ALA F 58 -11.82 10.05 -12.63
N SER F 59 -12.82 10.23 -13.48
CA SER F 59 -13.48 9.13 -14.15
C SER F 59 -12.95 8.99 -15.57
N GLU F 60 -13.56 8.06 -16.30
CA GLU F 60 -13.10 7.67 -17.62
C GLU F 60 -13.59 8.66 -18.68
N GLY F 61 -13.24 8.37 -19.93
CA GLY F 61 -13.77 9.11 -21.06
C GLY F 61 -13.17 10.48 -21.23
N ILE F 62 -13.39 11.35 -20.25
CA ILE F 62 -12.85 12.69 -20.27
C ILE F 62 -11.38 12.62 -19.86
N ASP F 63 -10.56 13.45 -20.49
CA ASP F 63 -9.15 13.52 -20.18
C ASP F 63 -8.79 14.95 -19.85
N LEU F 64 -7.69 15.11 -19.10
CA LEU F 64 -7.22 16.43 -18.71
C LEU F 64 -6.72 17.23 -19.92
N GLU F 65 -6.25 16.53 -20.95
CA GLU F 65 -5.73 17.17 -22.15
C GLU F 65 -6.86 17.82 -22.95
N PHE F 66 -6.47 18.61 -23.94
CA PHE F 66 -7.34 19.61 -24.53
C PHE F 66 -7.71 19.26 -25.96
N GLU F 67 -8.72 19.97 -26.45
CA GLU F 67 -9.02 20.07 -27.87
C GLU F 67 -8.81 21.49 -28.38
N ASP F 68 -8.95 22.48 -27.50
CA ASP F 68 -8.71 23.88 -27.85
C ASP F 68 -8.34 24.60 -26.57
N SER F 69 -7.11 25.12 -26.51
CA SER F 69 -6.65 25.83 -25.32
C SER F 69 -7.29 27.21 -25.17
N GLY F 70 -7.94 27.72 -26.22
CA GLY F 70 -8.61 29.01 -26.14
C GLY F 70 -9.84 29.00 -25.26
N LEU F 71 -10.44 27.83 -25.04
CA LEU F 71 -11.56 27.73 -24.13
C LEU F 71 -11.15 27.95 -22.68
N MET F 72 -9.87 27.79 -22.36
CA MET F 72 -9.37 28.15 -21.04
C MET F 72 -9.44 29.65 -20.86
N PRO F 73 -10.10 30.14 -19.81
CA PRO F 73 -9.97 31.57 -19.49
C PRO F 73 -8.61 31.84 -18.87
N ASP F 74 -7.93 32.87 -19.35
CA ASP F 74 -6.59 33.21 -18.87
C ASP F 74 -6.73 33.88 -17.50
N THR F 75 -6.98 33.05 -16.49
CA THR F 75 -7.29 33.54 -15.16
C THR F 75 -6.97 32.46 -14.15
N LYS F 76 -7.07 32.82 -12.86
CA LYS F 76 -6.72 31.95 -11.76
C LYS F 76 -7.94 31.26 -11.15
N ASP F 77 -8.93 30.93 -11.97
CA ASP F 77 -10.16 30.32 -11.50
C ASP F 77 -10.16 28.87 -11.99
N VAL F 78 -9.76 27.97 -11.09
CA VAL F 78 -9.34 26.63 -11.51
C VAL F 78 -10.54 25.79 -11.93
N ILE F 79 -11.61 25.84 -11.14
CA ILE F 79 -12.75 25.00 -11.47
C ILE F 79 -13.53 25.58 -12.65
N ARG F 80 -13.35 26.87 -12.96
CA ARG F 80 -13.82 27.38 -14.23
C ARG F 80 -13.11 26.72 -15.38
N ILE F 81 -11.80 26.48 -15.24
CA ILE F 81 -11.04 25.82 -16.28
C ILE F 81 -11.44 24.35 -16.39
N LEU F 82 -11.65 23.70 -15.25
CA LEU F 82 -12.09 22.31 -15.26
C LEU F 82 -13.47 22.16 -15.86
N GLN F 83 -14.37 23.08 -15.52
CA GLN F 83 -15.71 23.05 -16.07
C GLN F 83 -15.71 23.37 -17.55
N ALA F 84 -14.77 24.20 -18.00
CA ALA F 84 -14.59 24.42 -19.42
C ALA F 84 -14.09 23.15 -20.12
N ARG F 85 -13.23 22.39 -19.44
CA ARG F 85 -12.76 21.13 -19.99
C ARG F 85 -13.90 20.11 -20.09
N ILE F 86 -14.75 20.08 -19.08
CA ILE F 86 -15.94 19.24 -19.11
C ILE F 86 -16.86 19.66 -20.24
N TYR F 87 -17.03 20.97 -20.40
CA TYR F 87 -17.82 21.53 -21.50
C TYR F 87 -17.25 21.12 -22.84
N GLU F 88 -15.92 21.07 -22.95
CA GLU F 88 -15.28 20.79 -24.22
C GLU F 88 -15.44 19.32 -24.59
N GLN F 89 -15.20 18.42 -23.63
CA GLN F 89 -15.40 16.99 -23.85
C GLN F 89 -16.86 16.67 -24.13
N LEU F 90 -17.77 17.40 -23.47
CA LEU F 90 -19.18 17.20 -23.75
C LEU F 90 -19.59 17.74 -25.11
N THR F 91 -18.93 18.81 -25.59
CA THR F 91 -19.25 19.27 -26.95
C THR F 91 -18.79 18.28 -27.99
N ILE F 92 -17.65 17.62 -27.75
CA ILE F 92 -17.21 16.55 -28.66
C ILE F 92 -18.19 15.38 -28.63
N ASP F 93 -18.57 14.97 -27.43
CA ASP F 93 -19.50 13.85 -27.28
C ASP F 93 -20.89 14.20 -27.77
N LEU F 94 -21.23 15.47 -27.82
CA LEU F 94 -22.47 15.90 -28.45
C LEU F 94 -22.36 16.11 -29.95
N TRP F 95 -21.14 16.25 -30.50
CA TRP F 95 -20.99 16.02 -31.93
C TRP F 95 -21.36 14.58 -32.28
N GLU F 96 -20.87 13.64 -31.47
CA GLU F 96 -21.22 12.24 -31.68
C GLU F 96 -22.71 11.99 -31.46
N ASP F 97 -23.28 12.63 -30.44
CA ASP F 97 -24.71 12.53 -30.18
C ASP F 97 -25.53 13.19 -31.29
N ALA F 98 -25.00 14.25 -31.91
CA ALA F 98 -25.65 14.86 -33.06
C ALA F 98 -25.66 13.92 -34.25
N GLU F 99 -24.55 13.18 -34.42
CA GLU F 99 -24.52 12.15 -35.46
C GLU F 99 -25.52 11.04 -35.18
N ASP F 100 -25.78 10.75 -33.91
CA ASP F 100 -26.81 9.77 -33.56
C ASP F 100 -28.20 10.31 -33.86
N LEU F 101 -28.49 11.52 -33.40
CA LEU F 101 -29.83 12.09 -33.47
C LEU F 101 -30.14 12.76 -34.80
N LEU F 102 -29.21 12.76 -35.75
CA LEU F 102 -29.59 13.07 -37.12
C LEU F 102 -30.47 11.97 -37.71
N ASN F 103 -30.38 10.76 -37.16
CA ASN F 103 -31.17 9.64 -37.67
C ASN F 103 -31.95 8.92 -36.58
N GLU F 104 -31.87 9.36 -35.33
CA GLU F 104 -32.58 8.64 -34.28
C GLU F 104 -34.07 9.01 -34.21
N TYR F 105 -34.39 10.26 -33.90
CA TYR F 105 -35.78 10.55 -33.55
C TYR F 105 -36.58 11.18 -34.67
N LEU F 106 -35.97 12.08 -35.45
CA LEU F 106 -36.67 12.88 -36.46
C LEU F 106 -37.30 12.05 -37.57
N GLU F 107 -36.88 10.79 -37.74
CA GLU F 107 -37.39 9.95 -38.81
C GLU F 107 -38.76 9.37 -38.47
N GLU F 108 -38.98 9.06 -37.20
CA GLU F 108 -40.25 8.44 -36.79
C GLU F 108 -41.39 9.43 -36.84
N VAL F 109 -41.13 10.71 -36.57
CA VAL F 109 -42.21 11.69 -36.48
C VAL F 109 -42.69 12.10 -37.87
N GLU F 110 -43.67 11.35 -38.37
CA GLU F 110 -44.26 11.59 -39.68
C GLU F 110 -45.72 11.13 -39.60
N GLU F 111 -46.63 12.09 -39.49
CA GLU F 111 -48.04 11.76 -39.34
C GLU F 111 -48.89 12.81 -40.05
#